data_6OHX
#
_entry.id   6OHX
#
_entity_poly.entity_id   1
_entity_poly.type   'polypeptide(L)'
_entity_poly.pdbx_seq_one_letter_code
;GEEVRDAYIAQPHNCVYHCFRDSYCNDLCIKHGAESGECKWFTSSGNACWCVKLPKSEPIKVPGKCH
;
_entity_poly.pdbx_strand_id   A
#
# COMPACT_ATOMS: atom_id res chain seq x y z
N GLY A 1 -2.84 6.00 22.00
CA GLY A 1 -3.55 6.91 21.14
C GLY A 1 -3.23 6.69 19.67
N GLU A 2 -3.21 7.78 18.91
CA GLU A 2 -2.91 7.71 17.48
C GLU A 2 -1.59 6.99 17.24
N GLU A 3 -1.56 6.14 16.21
CA GLU A 3 -0.36 5.39 15.87
C GLU A 3 -0.36 4.99 14.39
N VAL A 4 0.70 5.39 13.68
CA VAL A 4 0.82 5.06 12.27
C VAL A 4 2.27 4.80 11.89
N ARG A 5 2.46 4.23 10.70
CA ARG A 5 3.80 3.91 10.22
C ARG A 5 3.81 3.71 8.71
N ASP A 6 4.87 4.16 8.07
CA ASP A 6 5.00 4.03 6.62
C ASP A 6 5.36 2.61 6.22
N ALA A 7 4.41 1.91 5.61
CA ALA A 7 4.62 0.53 5.19
C ALA A 7 3.95 0.27 3.84
N TYR A 8 4.40 -0.79 3.16
CA TYR A 8 3.84 -1.15 1.86
C TYR A 8 2.46 -1.77 2.01
N ILE A 9 1.43 -1.00 1.64
CA ILE A 9 0.06 -1.48 1.73
C ILE A 9 -0.18 -2.67 0.82
N ALA A 10 -1.08 -3.55 1.22
CA ALA A 10 -1.41 -4.73 0.43
C ALA A 10 -2.87 -5.12 0.60
N GLN A 11 -3.52 -5.47 -0.50
CA GLN A 11 -4.93 -5.86 -0.48
C GLN A 11 -5.17 -6.93 0.57
N PRO A 12 -6.43 -7.05 1.02
CA PRO A 12 -6.82 -8.03 2.03
C PRO A 12 -6.77 -9.46 1.50
N HIS A 13 -6.58 -9.59 0.18
CA HIS A 13 -6.51 -10.90 -0.45
C HIS A 13 -5.06 -11.37 -0.58
N ASN A 14 -4.24 -10.99 0.38
CA ASN A 14 -2.83 -11.37 0.37
C ASN A 14 -2.19 -11.06 -0.99
N CYS A 15 -1.95 -9.77 -1.24
CA CYS A 15 -1.35 -9.33 -2.49
C CYS A 15 -1.02 -7.85 -2.44
N VAL A 16 -0.17 -7.41 -3.36
CA VAL A 16 0.24 -6.01 -3.43
C VAL A 16 -0.74 -5.20 -4.28
N TYR A 17 -1.26 -4.11 -3.71
CA TYR A 17 -2.21 -3.26 -4.42
C TYR A 17 -1.64 -2.83 -5.78
N HIS A 18 -2.15 -3.45 -6.83
CA HIS A 18 -1.70 -3.13 -8.19
C HIS A 18 -2.25 -1.79 -8.64
N CYS A 19 -1.39 -0.78 -8.69
CA CYS A 19 -1.79 0.55 -9.11
C CYS A 19 -1.26 0.87 -10.50
N PHE A 20 -2.11 1.47 -11.34
CA PHE A 20 -1.74 1.82 -12.70
C PHE A 20 -0.72 2.96 -12.70
N ARG A 21 -0.92 3.92 -11.82
CA ARG A 21 -0.02 5.07 -11.72
C ARG A 21 -0.03 5.65 -10.31
N ASP A 22 0.93 6.52 -10.03
CA ASP A 22 1.04 7.15 -8.71
C ASP A 22 -0.29 7.79 -8.32
N SER A 23 -0.99 8.36 -9.30
CA SER A 23 -2.27 9.01 -9.05
C SER A 23 -3.26 8.04 -8.43
N TYR A 24 -3.12 6.76 -8.78
CA TYR A 24 -4.01 5.73 -8.26
C TYR A 24 -3.73 5.46 -6.78
N CYS A 25 -2.49 5.06 -6.49
CA CYS A 25 -2.09 4.77 -5.13
C CYS A 25 -2.23 6.00 -4.24
N ASN A 26 -1.98 7.17 -4.82
CA ASN A 26 -2.07 8.43 -4.08
C ASN A 26 -3.46 8.58 -3.46
N ASP A 27 -4.49 8.55 -4.29
CA ASP A 27 -5.87 8.69 -3.81
C ASP A 27 -6.32 7.42 -3.10
N LEU A 28 -5.87 6.28 -3.59
CA LEU A 28 -6.23 4.99 -2.99
C LEU A 28 -5.82 4.94 -1.52
N CYS A 29 -4.72 5.60 -1.19
CA CYS A 29 -4.23 5.63 0.17
C CYS A 29 -5.10 6.52 1.05
N ILE A 30 -5.58 7.62 0.47
CA ILE A 30 -6.43 8.56 1.20
C ILE A 30 -7.68 7.87 1.73
N LYS A 31 -8.30 7.05 0.89
CA LYS A 31 -9.50 6.33 1.26
C LYS A 31 -9.25 5.45 2.48
N HIS A 32 -8.07 4.83 2.53
CA HIS A 32 -7.71 3.98 3.65
C HIS A 32 -7.46 4.79 4.92
N GLY A 33 -7.00 6.03 4.73
CA GLY A 33 -6.74 6.90 5.86
C GLY A 33 -5.27 7.30 5.95
N ALA A 34 -4.63 7.44 4.80
CA ALA A 34 -3.22 7.82 4.76
C ALA A 34 -3.06 9.24 4.21
N GLU A 35 -1.89 9.82 4.44
CA GLU A 35 -1.59 11.17 3.97
C GLU A 35 -1.52 11.21 2.45
N SER A 36 -0.80 10.26 1.86
CA SER A 36 -0.65 10.19 0.41
C SER A 36 -0.18 8.81 -0.02
N GLY A 37 0.08 8.65 -1.31
CA GLY A 37 0.52 7.37 -1.83
C GLY A 37 1.27 7.51 -3.14
N GLU A 38 2.30 6.67 -3.33
CA GLU A 38 3.11 6.72 -4.53
C GLU A 38 3.55 5.31 -4.94
N CYS A 39 3.64 5.07 -6.24
CA CYS A 39 4.04 3.78 -6.76
C CYS A 39 5.57 3.65 -6.76
N LYS A 40 6.06 2.50 -6.30
CA LYS A 40 7.50 2.25 -6.26
C LYS A 40 7.85 0.93 -6.93
N TRP A 41 8.68 1.00 -7.97
CA TRP A 41 9.09 -0.19 -8.70
C TRP A 41 10.22 -0.91 -7.99
N PHE A 42 9.85 -1.89 -7.16
CA PHE A 42 10.85 -2.66 -6.41
C PHE A 42 11.44 -3.76 -7.27
N THR A 43 10.62 -4.34 -8.14
CA THR A 43 11.07 -5.41 -9.02
C THR A 43 10.18 -5.53 -10.24
N SER A 44 10.46 -6.51 -11.09
CA SER A 44 9.69 -6.72 -12.30
C SER A 44 8.50 -7.65 -12.03
N SER A 45 7.99 -7.59 -10.80
CA SER A 45 6.86 -8.43 -10.41
C SER A 45 5.58 -7.60 -10.30
N GLY A 46 5.62 -6.38 -10.84
CA GLY A 46 4.46 -5.51 -10.80
C GLY A 46 4.66 -4.35 -9.84
N ASN A 47 4.18 -3.17 -10.24
CA ASN A 47 4.30 -1.99 -9.40
C ASN A 47 3.45 -2.10 -8.15
N ALA A 48 4.01 -1.70 -7.01
CA ALA A 48 3.29 -1.77 -5.74
C ALA A 48 2.85 -0.38 -5.29
N CYS A 49 1.92 -0.33 -4.36
CA CYS A 49 1.41 0.94 -3.83
C CYS A 49 1.99 1.22 -2.45
N TRP A 50 2.68 2.34 -2.32
CA TRP A 50 3.29 2.73 -1.05
C TRP A 50 2.47 3.82 -0.37
N CYS A 51 2.04 3.56 0.86
CA CYS A 51 1.25 4.52 1.62
C CYS A 51 2.10 5.17 2.71
N VAL A 52 1.75 6.40 3.06
CA VAL A 52 2.47 7.13 4.10
C VAL A 52 1.69 7.14 5.42
N LYS A 53 2.41 7.08 6.52
CA LYS A 53 1.80 7.07 7.84
C LYS A 53 0.52 6.25 7.85
N LEU A 54 0.57 5.08 7.19
CA LEU A 54 -0.58 4.19 7.11
C LEU A 54 -0.91 3.62 8.49
N PRO A 55 -2.20 3.67 8.86
CA PRO A 55 -2.67 3.16 10.14
C PRO A 55 -2.62 1.63 10.22
N LYS A 56 -2.33 1.11 11.41
CA LYS A 56 -2.25 -0.32 11.62
C LYS A 56 -3.54 -1.02 11.22
N SER A 57 -4.66 -0.31 11.40
CA SER A 57 -5.97 -0.85 11.06
C SER A 57 -5.98 -1.39 9.63
N GLU A 58 -5.27 -0.70 8.74
CA GLU A 58 -5.21 -1.11 7.34
C GLU A 58 -4.26 -2.29 7.16
N PRO A 59 -4.49 -3.08 6.10
CA PRO A 59 -3.66 -4.25 5.80
C PRO A 59 -2.27 -3.88 5.34
N ILE A 60 -1.34 -4.83 5.41
CA ILE A 60 0.04 -4.60 5.00
C ILE A 60 0.67 -5.88 4.46
N LYS A 61 1.65 -5.71 3.57
CA LYS A 61 2.34 -6.85 2.97
C LYS A 61 2.84 -7.81 4.06
N VAL A 62 2.58 -9.10 3.87
CA VAL A 62 3.01 -10.10 4.82
C VAL A 62 3.74 -11.24 4.13
N PRO A 63 4.60 -11.95 4.89
CA PRO A 63 5.38 -13.07 4.36
C PRO A 63 4.50 -14.29 4.03
N GLY A 64 4.54 -14.71 2.77
CA GLY A 64 3.74 -15.84 2.35
C GLY A 64 3.84 -16.11 0.86
N LYS A 65 2.73 -15.98 0.16
CA LYS A 65 2.69 -16.21 -1.27
C LYS A 65 1.51 -15.50 -1.91
N CYS A 66 1.80 -14.56 -2.80
CA CYS A 66 0.76 -13.80 -3.50
C CYS A 66 0.11 -14.64 -4.60
N HIS A 67 -1.21 -14.63 -4.65
CA HIS A 67 -1.94 -15.38 -5.65
C HIS A 67 -1.64 -14.86 -7.05
N GLY A 1 -4.74 7.07 21.88
CA GLY A 1 -3.36 6.96 21.46
C GLY A 1 -3.23 6.46 20.02
N GLU A 2 -3.08 7.39 19.09
CA GLU A 2 -2.94 7.04 17.68
C GLU A 2 -1.54 6.50 17.38
N GLU A 3 -1.42 5.75 16.29
CA GLU A 3 -0.14 5.18 15.90
C GLU A 3 -0.18 4.73 14.44
N VAL A 4 0.77 5.23 13.65
CA VAL A 4 0.85 4.88 12.23
C VAL A 4 2.31 4.66 11.81
N ARG A 5 2.48 3.93 10.72
CA ARG A 5 3.82 3.66 10.20
C ARG A 5 3.79 3.49 8.68
N ASP A 6 4.79 4.04 8.01
CA ASP A 6 4.88 3.95 6.55
C ASP A 6 5.29 2.55 6.12
N ALA A 7 4.35 1.81 5.54
CA ALA A 7 4.61 0.46 5.07
C ALA A 7 3.95 0.20 3.73
N TYR A 8 4.40 -0.86 3.04
CA TYR A 8 3.85 -1.21 1.74
C TYR A 8 2.46 -1.81 1.88
N ILE A 9 1.44 -1.03 1.52
CA ILE A 9 0.06 -1.48 1.61
C ILE A 9 -0.19 -2.66 0.67
N ALA A 10 -1.10 -3.54 1.08
CA ALA A 10 -1.44 -4.72 0.28
C ALA A 10 -2.91 -5.08 0.42
N GLN A 11 -3.55 -5.40 -0.71
CA GLN A 11 -4.96 -5.76 -0.69
C GLN A 11 -5.24 -6.85 0.34
N PRO A 12 -6.50 -6.94 0.77
CA PRO A 12 -6.93 -7.93 1.77
C PRO A 12 -6.91 -9.35 1.22
N HIS A 13 -6.71 -9.47 -0.09
CA HIS A 13 -6.67 -10.77 -0.74
C HIS A 13 -5.23 -11.27 -0.87
N ASN A 14 -4.40 -10.92 0.11
CA ASN A 14 -3.00 -11.33 0.11
C ASN A 14 -2.34 -11.01 -1.23
N CYS A 15 -2.08 -9.73 -1.46
CA CYS A 15 -1.45 -9.29 -2.69
C CYS A 15 -1.11 -7.81 -2.64
N VAL A 16 -0.28 -7.36 -3.58
CA VAL A 16 0.12 -5.96 -3.64
C VAL A 16 -0.85 -5.13 -4.47
N TYR A 17 -1.29 -4.02 -3.91
CA TYR A 17 -2.24 -3.14 -4.60
C TYR A 17 -1.67 -2.69 -5.95
N HIS A 18 -2.15 -3.32 -7.02
CA HIS A 18 -1.69 -2.98 -8.35
C HIS A 18 -2.26 -1.63 -8.80
N CYS A 19 -1.40 -0.61 -8.82
CA CYS A 19 -1.81 0.73 -9.23
C CYS A 19 -1.27 1.08 -10.60
N PHE A 20 -2.10 1.71 -11.42
CA PHE A 20 -1.70 2.11 -12.76
C PHE A 20 -0.61 3.17 -12.72
N ARG A 21 -0.77 4.14 -11.83
CA ARG A 21 0.20 5.21 -11.68
C ARG A 21 0.20 5.78 -10.26
N ASP A 22 1.20 6.58 -9.95
CA ASP A 22 1.30 7.18 -8.62
C ASP A 22 0.01 7.89 -8.24
N SER A 23 -0.64 8.50 -9.23
CA SER A 23 -1.89 9.22 -9.00
C SER A 23 -2.94 8.30 -8.39
N TYR A 24 -2.94 7.04 -8.81
CA TYR A 24 -3.89 6.06 -8.31
C TYR A 24 -3.62 5.75 -6.84
N CYS A 25 -2.42 5.28 -6.54
CA CYS A 25 -2.05 4.95 -5.17
C CYS A 25 -2.16 6.17 -4.27
N ASN A 26 -1.87 7.34 -4.82
CA ASN A 26 -1.93 8.58 -4.06
C ASN A 26 -3.32 8.77 -3.44
N ASP A 27 -4.35 8.76 -4.29
CA ASP A 27 -5.72 8.93 -3.83
C ASP A 27 -6.21 7.66 -3.12
N LEU A 28 -5.80 6.51 -3.63
CA LEU A 28 -6.20 5.23 -3.07
C LEU A 28 -5.81 5.14 -1.59
N CYS A 29 -4.68 5.76 -1.25
CA CYS A 29 -4.20 5.76 0.13
C CYS A 29 -5.07 6.65 1.01
N ILE A 30 -5.53 7.77 0.44
CA ILE A 30 -6.38 8.69 1.18
C ILE A 30 -7.64 8.02 1.68
N LYS A 31 -8.22 7.16 0.85
CA LYS A 31 -9.44 6.44 1.21
C LYS A 31 -9.19 5.54 2.41
N HIS A 32 -8.04 4.88 2.43
CA HIS A 32 -7.69 3.99 3.53
C HIS A 32 -7.45 4.78 4.83
N GLY A 33 -7.00 6.02 4.67
CA GLY A 33 -6.74 6.86 5.83
C GLY A 33 -5.28 7.25 5.95
N ALA A 34 -4.62 7.41 4.80
CA ALA A 34 -3.21 7.78 4.78
C ALA A 34 -3.03 9.20 4.25
N GLU A 35 -1.87 9.78 4.50
CA GLU A 35 -1.58 11.14 4.05
C GLU A 35 -1.50 11.20 2.53
N SER A 36 -0.74 10.27 1.94
CA SER A 36 -0.59 10.22 0.50
C SER A 36 -0.13 8.84 0.04
N GLY A 37 0.16 8.71 -1.25
CA GLY A 37 0.60 7.44 -1.78
C GLY A 37 1.40 7.59 -3.06
N GLU A 38 2.34 6.69 -3.28
CA GLU A 38 3.18 6.73 -4.48
C GLU A 38 3.57 5.32 -4.92
N CYS A 39 3.62 5.12 -6.24
CA CYS A 39 3.98 3.82 -6.80
C CYS A 39 5.48 3.61 -6.77
N LYS A 40 5.90 2.36 -6.61
CA LYS A 40 7.32 2.02 -6.58
C LYS A 40 7.56 0.60 -7.06
N TRP A 41 8.35 0.46 -8.12
CA TRP A 41 8.65 -0.84 -8.69
C TRP A 41 9.76 -1.53 -7.90
N PHE A 42 9.38 -2.21 -6.82
CA PHE A 42 10.34 -2.91 -5.98
C PHE A 42 10.59 -4.33 -6.50
N THR A 43 9.54 -4.96 -7.02
CA THR A 43 9.64 -6.31 -7.55
C THR A 43 9.25 -6.35 -9.03
N SER A 44 9.48 -7.49 -9.66
CA SER A 44 9.15 -7.67 -11.07
C SER A 44 7.72 -8.15 -11.24
N SER A 45 6.89 -7.90 -10.23
CA SER A 45 5.49 -8.31 -10.26
C SER A 45 4.57 -7.11 -10.48
N GLY A 46 5.16 -6.01 -10.92
CA GLY A 46 4.40 -4.80 -11.18
C GLY A 46 4.63 -3.72 -10.14
N ASN A 47 4.28 -2.49 -10.46
CA ASN A 47 4.46 -1.36 -9.56
C ASN A 47 3.54 -1.49 -8.34
N ALA A 48 4.13 -1.49 -7.15
CA ALA A 48 3.36 -1.61 -5.92
C ALA A 48 2.93 -0.22 -5.42
N CYS A 49 1.95 -0.22 -4.53
CA CYS A 49 1.45 1.04 -3.97
C CYS A 49 2.00 1.27 -2.56
N TRP A 50 2.70 2.39 -2.40
CA TRP A 50 3.30 2.74 -1.11
C TRP A 50 2.48 3.81 -0.41
N CYS A 51 2.07 3.52 0.82
CA CYS A 51 1.27 4.47 1.61
C CYS A 51 2.10 5.09 2.72
N VAL A 52 1.78 6.33 3.08
CA VAL A 52 2.50 7.03 4.13
C VAL A 52 1.70 7.03 5.43
N LYS A 53 2.41 6.96 6.56
CA LYS A 53 1.77 6.95 7.87
C LYS A 53 0.49 6.13 7.84
N LEU A 54 0.55 4.98 7.18
CA LEU A 54 -0.61 4.09 7.09
C LEU A 54 -0.97 3.50 8.45
N PRO A 55 -2.26 3.55 8.80
CA PRO A 55 -2.75 3.03 10.08
C PRO A 55 -2.70 1.50 10.14
N LYS A 56 -2.42 0.97 11.32
CA LYS A 56 -2.34 -0.47 11.52
C LYS A 56 -3.64 -1.16 11.10
N SER A 57 -4.75 -0.45 11.28
CA SER A 57 -6.06 -0.99 10.93
C SER A 57 -6.07 -1.50 9.49
N GLU A 58 -5.34 -0.80 8.61
CA GLU A 58 -5.26 -1.19 7.21
C GLU A 58 -4.32 -2.36 7.02
N PRO A 59 -4.54 -3.13 5.94
CA PRO A 59 -3.72 -4.30 5.62
C PRO A 59 -2.31 -3.91 5.18
N ILE A 60 -1.38 -4.87 5.25
CA ILE A 60 0.00 -4.63 4.86
C ILE A 60 0.65 -5.90 4.31
N LYS A 61 1.52 -5.73 3.32
CA LYS A 61 2.21 -6.87 2.72
C LYS A 61 2.88 -7.73 3.78
N VAL A 62 2.65 -9.04 3.69
CA VAL A 62 3.24 -9.98 4.65
C VAL A 62 4.25 -10.89 3.97
N PRO A 63 5.19 -11.42 4.76
CA PRO A 63 6.24 -12.32 4.26
C PRO A 63 5.68 -13.68 3.84
N GLY A 64 5.92 -14.05 2.58
CA GLY A 64 5.44 -15.31 2.07
C GLY A 64 5.38 -15.36 0.56
N LYS A 65 4.17 -15.30 0.01
CA LYS A 65 3.97 -15.32 -1.43
C LYS A 65 2.51 -15.16 -1.79
N CYS A 66 2.23 -14.29 -2.74
CA CYS A 66 0.85 -14.05 -3.19
C CYS A 66 0.24 -15.31 -3.78
N HIS A 67 -1.06 -15.50 -3.54
CA HIS A 67 -1.77 -16.67 -4.05
C HIS A 67 -2.08 -16.51 -5.52
N GLY A 1 -4.74 7.03 21.75
CA GLY A 1 -3.52 7.60 21.20
C GLY A 1 -3.25 7.13 19.79
N GLU A 2 -3.49 8.01 18.82
CA GLU A 2 -3.26 7.68 17.42
C GLU A 2 -1.84 7.16 17.20
N GLU A 3 -1.70 6.25 16.24
CA GLU A 3 -0.41 5.67 15.94
C GLU A 3 -0.38 5.10 14.52
N VAL A 4 0.57 5.57 13.72
CA VAL A 4 0.70 5.11 12.34
C VAL A 4 2.17 4.90 11.97
N ARG A 5 2.41 4.01 11.01
CA ARG A 5 3.76 3.71 10.56
C ARG A 5 3.82 3.57 9.05
N ASP A 6 4.98 3.84 8.47
CA ASP A 6 5.17 3.73 7.03
C ASP A 6 5.46 2.30 6.62
N ALA A 7 4.61 1.75 5.75
CA ALA A 7 4.78 0.38 5.29
C ALA A 7 4.10 0.18 3.94
N TYR A 8 4.48 -0.89 3.24
CA TYR A 8 3.92 -1.20 1.93
C TYR A 8 2.53 -1.81 2.08
N ILE A 9 1.50 -1.05 1.70
CA ILE A 9 0.13 -1.50 1.78
C ILE A 9 -0.11 -2.71 0.86
N ALA A 10 -1.03 -3.58 1.27
CA ALA A 10 -1.35 -4.76 0.48
C ALA A 10 -2.81 -5.15 0.65
N GLN A 11 -3.46 -5.51 -0.46
CA GLN A 11 -4.86 -5.90 -0.44
C GLN A 11 -5.10 -6.97 0.62
N PRO A 12 -6.37 -7.08 1.07
CA PRO A 12 -6.76 -8.06 2.08
C PRO A 12 -6.72 -9.48 1.56
N HIS A 13 -6.53 -9.63 0.25
CA HIS A 13 -6.46 -10.95 -0.38
C HIS A 13 -5.02 -11.42 -0.51
N ASN A 14 -4.18 -11.03 0.46
CA ASN A 14 -2.78 -11.41 0.44
C ASN A 14 -2.14 -11.09 -0.91
N CYS A 15 -1.90 -9.81 -1.16
CA CYS A 15 -1.30 -9.38 -2.41
C CYS A 15 -1.01 -7.87 -2.39
N VAL A 16 -0.23 -7.41 -3.35
CA VAL A 16 0.12 -6.00 -3.44
C VAL A 16 -0.86 -5.24 -4.34
N TYR A 17 -1.34 -4.10 -3.85
CA TYR A 17 -2.29 -3.29 -4.60
C TYR A 17 -1.70 -2.86 -5.94
N HIS A 18 -2.18 -3.46 -7.02
CA HIS A 18 -1.69 -3.14 -8.35
C HIS A 18 -2.20 -1.76 -8.80
N CYS A 19 -1.30 -0.79 -8.85
CA CYS A 19 -1.65 0.56 -9.25
C CYS A 19 -1.13 0.87 -10.65
N PHE A 20 -1.94 1.55 -11.45
CA PHE A 20 -1.56 1.91 -12.81
C PHE A 20 -0.57 3.07 -12.80
N ARG A 21 -0.77 4.02 -11.90
CA ARG A 21 0.10 5.18 -11.79
C ARG A 21 0.09 5.73 -10.38
N ASP A 22 1.09 6.55 -10.06
CA ASP A 22 1.21 7.15 -8.73
C ASP A 22 -0.10 7.84 -8.34
N SER A 23 -0.67 8.59 -9.28
CA SER A 23 -1.91 9.30 -9.02
C SER A 23 -2.97 8.37 -8.44
N TYR A 24 -2.90 7.10 -8.82
CA TYR A 24 -3.85 6.11 -8.34
C TYR A 24 -3.59 5.76 -6.88
N CYS A 25 -2.37 5.32 -6.60
CA CYS A 25 -1.98 4.95 -5.24
C CYS A 25 -2.13 6.14 -4.29
N ASN A 26 -1.84 7.33 -4.80
CA ASN A 26 -1.93 8.55 -4.00
C ASN A 26 -3.33 8.68 -3.38
N ASP A 27 -4.35 8.69 -4.25
CA ASP A 27 -5.72 8.82 -3.79
C ASP A 27 -6.20 7.54 -3.12
N LEU A 28 -5.74 6.41 -3.65
CA LEU A 28 -6.12 5.10 -3.11
C LEU A 28 -5.73 4.99 -1.64
N CYS A 29 -4.61 5.60 -1.29
CA CYS A 29 -4.12 5.57 0.09
C CYS A 29 -5.01 6.41 0.99
N ILE A 30 -5.50 7.52 0.45
CA ILE A 30 -6.37 8.41 1.23
C ILE A 30 -7.62 7.69 1.71
N LYS A 31 -8.28 6.98 0.79
CA LYS A 31 -9.49 6.23 1.11
C LYS A 31 -9.25 5.30 2.31
N HIS A 32 -8.05 4.74 2.38
CA HIS A 32 -7.69 3.84 3.47
C HIS A 32 -7.47 4.61 4.76
N GLY A 33 -7.01 5.84 4.63
CA GLY A 33 -6.74 6.67 5.79
C GLY A 33 -5.29 7.11 5.89
N ALA A 34 -4.66 7.31 4.74
CA ALA A 34 -3.27 7.73 4.69
C ALA A 34 -3.14 9.16 4.18
N GLU A 35 -1.99 9.78 4.43
CA GLU A 35 -1.75 11.15 4.00
C GLU A 35 -1.56 11.21 2.49
N SER A 36 -0.79 10.28 1.95
CA SER A 36 -0.53 10.22 0.52
C SER A 36 -0.08 8.83 0.09
N GLY A 37 0.19 8.67 -1.21
CA GLY A 37 0.62 7.38 -1.72
C GLY A 37 1.33 7.51 -3.05
N GLU A 38 2.36 6.67 -3.24
CA GLU A 38 3.13 6.68 -4.48
C GLU A 38 3.47 5.27 -4.93
N CYS A 39 3.74 5.11 -6.22
CA CYS A 39 4.09 3.81 -6.78
C CYS A 39 5.59 3.58 -6.74
N LYS A 40 6.00 2.44 -6.18
CA LYS A 40 7.42 2.11 -6.08
C LYS A 40 7.72 0.81 -6.83
N TRP A 41 8.59 0.89 -7.82
CA TRP A 41 8.97 -0.29 -8.61
C TRP A 41 10.02 -1.12 -7.88
N PHE A 42 9.56 -2.17 -7.19
CA PHE A 42 10.47 -3.04 -6.46
C PHE A 42 11.01 -4.14 -7.36
N THR A 43 10.18 -4.62 -8.28
CA THR A 43 10.58 -5.67 -9.20
C THR A 43 9.70 -5.68 -10.45
N SER A 44 9.91 -6.66 -11.32
CA SER A 44 9.14 -6.77 -12.55
C SER A 44 7.87 -7.57 -12.32
N SER A 45 7.34 -7.49 -11.11
CA SER A 45 6.12 -8.21 -10.76
C SER A 45 4.93 -7.26 -10.66
N GLY A 46 5.10 -6.05 -11.18
CA GLY A 46 4.04 -5.05 -11.13
C GLY A 46 4.32 -3.96 -10.13
N ASN A 47 3.95 -2.72 -10.49
CA ASN A 47 4.17 -1.58 -9.61
C ASN A 47 3.28 -1.66 -8.38
N ALA A 48 3.90 -1.64 -7.20
CA ALA A 48 3.15 -1.71 -5.94
C ALA A 48 2.76 -0.31 -5.47
N CYS A 49 1.80 -0.27 -4.55
CA CYS A 49 1.34 1.00 -4.00
C CYS A 49 1.90 1.23 -2.61
N TRP A 50 2.59 2.36 -2.43
CA TRP A 50 3.19 2.69 -1.14
C TRP A 50 2.30 3.70 -0.40
N CYS A 51 2.16 3.48 0.92
CA CYS A 51 1.35 4.36 1.75
C CYS A 51 2.17 4.94 2.89
N VAL A 52 2.00 6.22 3.15
CA VAL A 52 2.73 6.91 4.21
C VAL A 52 1.88 6.99 5.49
N LYS A 53 2.55 6.95 6.64
CA LYS A 53 1.87 7.02 7.92
C LYS A 53 0.56 6.23 7.89
N LEU A 54 0.63 5.03 7.32
CA LEU A 54 -0.55 4.16 7.22
C LEU A 54 -0.90 3.59 8.59
N PRO A 55 -2.21 3.63 8.93
CA PRO A 55 -2.69 3.11 10.20
C PRO A 55 -2.63 1.58 10.27
N LYS A 56 -2.37 1.07 11.46
CA LYS A 56 -2.28 -0.38 11.66
C LYS A 56 -3.59 -1.06 11.26
N SER A 57 -4.70 -0.36 11.44
CA SER A 57 -6.01 -0.90 11.10
C SER A 57 -6.02 -1.43 9.68
N GLU A 58 -5.30 -0.76 8.80
CA GLU A 58 -5.23 -1.16 7.39
C GLU A 58 -4.28 -2.34 7.22
N PRO A 59 -4.49 -3.12 6.15
CA PRO A 59 -3.66 -4.29 5.84
C PRO A 59 -2.25 -3.90 5.40
N ILE A 60 -1.33 -4.86 5.46
CA ILE A 60 0.05 -4.61 5.07
C ILE A 60 0.69 -5.88 4.51
N LYS A 61 1.68 -5.71 3.64
CA LYS A 61 2.39 -6.84 3.04
C LYS A 61 2.96 -7.76 4.11
N VAL A 62 2.74 -9.05 3.96
CA VAL A 62 3.25 -10.04 4.91
C VAL A 62 3.96 -11.19 4.19
N PRO A 63 4.86 -11.86 4.92
CA PRO A 63 5.62 -12.99 4.38
C PRO A 63 4.76 -14.21 4.13
N GLY A 64 4.72 -14.67 2.88
CA GLY A 64 3.92 -15.83 2.53
C GLY A 64 4.02 -16.19 1.06
N LYS A 65 3.01 -15.78 0.29
CA LYS A 65 2.99 -16.06 -1.14
C LYS A 65 1.79 -15.39 -1.80
N CYS A 66 2.06 -14.46 -2.72
CA CYS A 66 1.00 -13.75 -3.43
C CYS A 66 0.41 -14.62 -4.54
N HIS A 67 -0.91 -14.71 -4.56
CA HIS A 67 -1.61 -15.51 -5.57
C HIS A 67 -1.36 -14.94 -6.96
N GLY A 1 -3.77 5.95 22.04
CA GLY A 1 -4.24 6.98 21.13
C GLY A 1 -3.98 6.64 19.68
N GLU A 2 -3.61 7.65 18.89
CA GLU A 2 -3.34 7.44 17.47
C GLU A 2 -1.94 6.88 17.27
N GLU A 3 -1.78 6.09 16.21
CA GLU A 3 -0.49 5.48 15.90
C GLU A 3 -0.47 4.97 14.47
N VAL A 4 0.57 5.37 13.72
CA VAL A 4 0.72 4.95 12.33
C VAL A 4 2.18 4.72 11.97
N ARG A 5 2.41 4.02 10.87
CA ARG A 5 3.77 3.73 10.43
C ARG A 5 3.83 3.65 8.90
N ASP A 6 5.03 3.80 8.36
CA ASP A 6 5.23 3.75 6.91
C ASP A 6 5.55 2.33 6.47
N ALA A 7 4.66 1.75 5.66
CA ALA A 7 4.84 0.40 5.16
C ALA A 7 4.15 0.20 3.81
N TYR A 8 4.51 -0.86 3.11
CA TYR A 8 3.93 -1.16 1.80
C TYR A 8 2.54 -1.76 1.96
N ILE A 9 1.53 -1.01 1.51
CA ILE A 9 0.14 -1.47 1.60
C ILE A 9 -0.09 -2.67 0.67
N ALA A 10 -1.01 -3.54 1.07
CA ALA A 10 -1.33 -4.72 0.28
C ALA A 10 -2.80 -5.10 0.43
N GLN A 11 -3.44 -5.44 -0.67
CA GLN A 11 -4.85 -5.83 -0.65
C GLN A 11 -5.12 -6.90 0.40
N PRO A 12 -6.37 -7.00 0.84
CA PRO A 12 -6.78 -7.99 1.85
C PRO A 12 -6.74 -9.42 1.32
N HIS A 13 -6.54 -9.55 0.02
CA HIS A 13 -6.48 -10.87 -0.62
C HIS A 13 -5.03 -11.34 -0.75
N ASN A 14 -4.21 -10.97 0.22
CA ASN A 14 -2.79 -11.35 0.21
C ASN A 14 -2.15 -11.04 -1.13
N CYS A 15 -1.90 -9.76 -1.38
CA CYS A 15 -1.29 -9.32 -2.64
C CYS A 15 -0.97 -7.83 -2.60
N VAL A 16 -0.11 -7.39 -3.50
CA VAL A 16 0.28 -5.99 -3.58
C VAL A 16 -0.67 -5.20 -4.48
N TYR A 17 -1.21 -4.12 -3.95
CA TYR A 17 -2.13 -3.28 -4.70
C TYR A 17 -1.52 -2.84 -6.02
N HIS A 18 -2.16 -3.24 -7.13
CA HIS A 18 -1.67 -2.89 -8.45
C HIS A 18 -2.12 -1.50 -8.85
N CYS A 19 -1.17 -0.56 -8.89
CA CYS A 19 -1.47 0.82 -9.24
C CYS A 19 -0.96 1.14 -10.65
N PHE A 20 -1.77 1.86 -11.42
CA PHE A 20 -1.40 2.23 -12.78
C PHE A 20 -0.44 3.42 -12.78
N ARG A 21 -0.66 4.35 -11.85
CA ARG A 21 0.18 5.53 -11.75
C ARG A 21 0.17 6.07 -10.31
N ASP A 22 1.16 6.90 -10.00
CA ASP A 22 1.28 7.48 -8.67
C ASP A 22 -0.03 8.16 -8.26
N SER A 23 -0.71 8.77 -9.22
CA SER A 23 -1.96 9.45 -8.95
C SER A 23 -2.98 8.49 -8.35
N TYR A 24 -2.95 7.24 -8.81
CA TYR A 24 -3.88 6.23 -8.32
C TYR A 24 -3.58 5.88 -6.86
N CYS A 25 -2.36 5.43 -6.60
CA CYS A 25 -1.95 5.07 -5.25
C CYS A 25 -2.08 6.26 -4.31
N ASN A 26 -1.82 7.45 -4.82
CA ASN A 26 -1.92 8.67 -4.01
C ASN A 26 -3.29 8.79 -3.38
N ASP A 27 -4.33 8.80 -4.21
CA ASP A 27 -5.70 8.91 -3.73
C ASP A 27 -6.14 7.62 -3.05
N LEU A 28 -5.71 6.49 -3.61
CA LEU A 28 -6.06 5.18 -3.05
C LEU A 28 -5.70 5.10 -1.58
N CYS A 29 -4.59 5.73 -1.20
CA CYS A 29 -4.14 5.73 0.19
C CYS A 29 -5.04 6.60 1.05
N ILE A 30 -5.53 7.69 0.48
CA ILE A 30 -6.41 8.60 1.20
C ILE A 30 -7.62 7.87 1.76
N LYS A 31 -8.34 7.17 0.89
CA LYS A 31 -9.52 6.42 1.29
C LYS A 31 -9.21 5.51 2.48
N HIS A 32 -8.05 4.85 2.43
CA HIS A 32 -7.64 3.95 3.50
C HIS A 32 -7.41 4.72 4.79
N GLY A 33 -7.01 5.98 4.66
CA GLY A 33 -6.76 6.80 5.84
C GLY A 33 -5.30 7.21 5.96
N ALA A 34 -4.64 7.40 4.82
CA ALA A 34 -3.23 7.78 4.81
C ALA A 34 -3.06 9.22 4.33
N GLU A 35 -1.85 9.75 4.48
CA GLU A 35 -1.57 11.12 4.06
C GLU A 35 -1.42 11.20 2.55
N SER A 36 -0.73 10.22 1.97
CA SER A 36 -0.52 10.19 0.53
C SER A 36 -0.05 8.81 0.08
N GLY A 37 0.21 8.66 -1.21
CA GLY A 37 0.67 7.40 -1.75
C GLY A 37 1.39 7.54 -3.07
N GLU A 38 2.42 6.74 -3.29
CA GLU A 38 3.18 6.78 -4.52
C GLU A 38 3.52 5.38 -5.00
N CYS A 39 3.76 5.25 -6.31
CA CYS A 39 4.09 3.95 -6.89
C CYS A 39 5.58 3.65 -6.74
N LYS A 40 5.92 2.37 -6.62
CA LYS A 40 7.30 1.95 -6.47
C LYS A 40 7.51 0.54 -7.04
N TRP A 41 8.40 0.42 -8.01
CA TRP A 41 8.69 -0.87 -8.62
C TRP A 41 9.65 -1.68 -7.76
N PHE A 42 9.10 -2.54 -6.91
CA PHE A 42 9.92 -3.37 -6.03
C PHE A 42 10.30 -4.68 -6.72
N THR A 43 9.38 -5.21 -7.52
CA THR A 43 9.61 -6.45 -8.25
C THR A 43 9.09 -6.38 -9.67
N SER A 44 9.25 -7.47 -10.42
CA SER A 44 8.78 -7.52 -11.80
C SER A 44 7.34 -8.00 -11.86
N SER A 45 6.60 -7.78 -10.78
CA SER A 45 5.20 -8.19 -10.72
C SER A 45 4.28 -6.99 -10.83
N GLY A 46 4.83 -5.85 -11.26
CA GLY A 46 4.04 -4.65 -11.40
C GLY A 46 4.37 -3.62 -10.34
N ASN A 47 4.08 -2.34 -10.64
CA ASN A 47 4.34 -1.27 -9.70
C ASN A 47 3.42 -1.37 -8.48
N ALA A 48 4.02 -1.44 -7.30
CA ALA A 48 3.26 -1.54 -6.06
C ALA A 48 2.86 -0.16 -5.56
N CYS A 49 1.89 -0.12 -4.65
CA CYS A 49 1.40 1.14 -4.09
C CYS A 49 1.96 1.36 -2.69
N TRP A 50 2.69 2.45 -2.52
CA TRP A 50 3.28 2.78 -1.22
C TRP A 50 2.38 3.74 -0.44
N CYS A 51 2.26 3.50 0.85
CA CYS A 51 1.43 4.34 1.71
C CYS A 51 2.26 4.91 2.86
N VAL A 52 2.02 6.18 3.18
CA VAL A 52 2.74 6.85 4.25
C VAL A 52 1.88 6.92 5.52
N LYS A 53 2.53 6.86 6.67
CA LYS A 53 1.84 6.92 7.95
C LYS A 53 0.53 6.13 7.90
N LEU A 54 0.59 4.96 7.29
CA LEU A 54 -0.59 4.10 7.17
C LEU A 54 -0.97 3.50 8.52
N PRO A 55 -2.27 3.56 8.85
CA PRO A 55 -2.78 3.02 10.12
C PRO A 55 -2.74 1.50 10.16
N LYS A 56 -2.53 0.96 11.36
CA LYS A 56 -2.47 -0.49 11.54
C LYS A 56 -3.77 -1.15 11.10
N SER A 57 -4.88 -0.44 11.25
CA SER A 57 -6.19 -0.95 10.87
C SER A 57 -6.16 -1.47 9.44
N GLU A 58 -5.41 -0.79 8.58
CA GLU A 58 -5.31 -1.18 7.18
C GLU A 58 -4.34 -2.35 7.01
N PRO A 59 -4.54 -3.13 5.93
CA PRO A 59 -3.69 -4.28 5.63
C PRO A 59 -2.28 -3.88 5.19
N ILE A 60 -1.35 -4.82 5.27
CA ILE A 60 0.03 -4.56 4.89
C ILE A 60 0.70 -5.82 4.34
N LYS A 61 1.59 -5.63 3.37
CA LYS A 61 2.30 -6.76 2.76
C LYS A 61 2.99 -7.61 3.83
N VAL A 62 2.79 -8.92 3.74
CA VAL A 62 3.39 -9.84 4.69
C VAL A 62 4.32 -10.83 3.99
N PRO A 63 5.28 -11.38 4.74
CA PRO A 63 6.24 -12.36 4.22
C PRO A 63 5.59 -13.69 3.88
N GLY A 64 5.74 -14.12 2.64
CA GLY A 64 5.17 -15.38 2.21
C GLY A 64 5.10 -15.51 0.71
N LYS A 65 3.89 -15.71 0.17
CA LYS A 65 3.69 -15.84 -1.26
C LYS A 65 2.26 -15.46 -1.65
N CYS A 66 2.14 -14.63 -2.67
CA CYS A 66 0.83 -14.18 -3.15
C CYS A 66 0.09 -15.32 -3.84
N HIS A 67 -1.22 -15.41 -3.58
CA HIS A 67 -2.03 -16.46 -4.17
C HIS A 67 -1.43 -17.83 -3.94
N GLY A 1 -4.65 5.91 21.91
CA GLY A 1 -3.56 6.65 21.30
C GLY A 1 -3.36 6.28 19.85
N GLU A 2 -3.26 7.28 18.99
CA GLU A 2 -3.06 7.06 17.56
C GLU A 2 -1.64 6.57 17.28
N GLU A 3 -1.48 5.83 16.19
CA GLU A 3 -0.18 5.30 15.81
C GLU A 3 -0.18 4.86 14.34
N VAL A 4 0.78 5.36 13.58
CA VAL A 4 0.90 5.03 12.16
C VAL A 4 2.36 4.80 11.77
N ARG A 5 2.56 4.10 10.66
CA ARG A 5 3.91 3.82 10.18
C ARG A 5 3.91 3.60 8.66
N ASP A 6 4.91 4.17 7.99
CA ASP A 6 5.03 4.05 6.54
C ASP A 6 5.37 2.62 6.15
N ALA A 7 4.42 1.94 5.51
CA ALA A 7 4.64 0.56 5.08
C ALA A 7 3.96 0.30 3.74
N TYR A 8 4.43 -0.72 3.03
CA TYR A 8 3.86 -1.07 1.73
C TYR A 8 2.48 -1.71 1.89
N ILE A 9 1.45 -0.96 1.53
CA ILE A 9 0.08 -1.44 1.63
C ILE A 9 -0.15 -2.64 0.71
N ALA A 10 -1.04 -3.53 1.13
CA ALA A 10 -1.36 -4.71 0.34
C ALA A 10 -2.81 -5.14 0.54
N GLN A 11 -3.48 -5.48 -0.57
CA GLN A 11 -4.88 -5.90 -0.50
C GLN A 11 -5.07 -6.99 0.55
N PRO A 12 -6.32 -7.14 1.01
CA PRO A 12 -6.67 -8.14 2.03
C PRO A 12 -6.60 -9.56 1.49
N HIS A 13 -6.40 -9.68 0.18
CA HIS A 13 -6.31 -10.99 -0.47
C HIS A 13 -4.85 -11.43 -0.59
N ASN A 14 -4.03 -11.04 0.39
CA ASN A 14 -2.62 -11.40 0.37
C ASN A 14 -1.99 -11.07 -0.97
N CYS A 15 -1.75 -9.79 -1.22
CA CYS A 15 -1.14 -9.34 -2.46
C CYS A 15 -0.89 -7.84 -2.44
N VAL A 16 0.01 -7.39 -3.30
CA VAL A 16 0.34 -5.97 -3.38
C VAL A 16 -0.68 -5.21 -4.22
N TYR A 17 -1.19 -4.11 -3.68
CA TYR A 17 -2.18 -3.30 -4.37
C TYR A 17 -1.67 -2.86 -5.74
N HIS A 18 -2.19 -3.50 -6.79
CA HIS A 18 -1.79 -3.18 -8.15
C HIS A 18 -2.36 -1.83 -8.58
N CYS A 19 -1.50 -0.82 -8.65
CA CYS A 19 -1.93 0.52 -9.05
C CYS A 19 -1.43 0.84 -10.46
N PHE A 20 -2.32 1.42 -11.26
CA PHE A 20 -1.98 1.79 -12.63
C PHE A 20 -0.91 2.87 -12.66
N ARG A 21 -1.06 3.86 -11.79
CA ARG A 21 -0.11 4.96 -11.72
C ARG A 21 -0.10 5.58 -10.32
N ASP A 22 0.89 6.41 -10.06
CA ASP A 22 1.02 7.07 -8.76
C ASP A 22 -0.28 7.76 -8.37
N SER A 23 -0.95 8.33 -9.37
CA SER A 23 -2.21 9.04 -9.13
C SER A 23 -3.23 8.12 -8.47
N TYR A 24 -3.14 6.83 -8.79
CA TYR A 24 -4.07 5.84 -8.24
C TYR A 24 -3.78 5.58 -6.76
N CYS A 25 -2.55 5.15 -6.47
CA CYS A 25 -2.14 4.87 -5.11
C CYS A 25 -2.25 6.13 -4.24
N ASN A 26 -1.99 7.28 -4.84
CA ASN A 26 -2.05 8.55 -4.13
C ASN A 26 -3.41 8.73 -3.46
N ASP A 27 -4.47 8.63 -4.26
CA ASP A 27 -5.83 8.78 -3.74
C ASP A 27 -6.27 7.52 -3.00
N LEU A 28 -5.91 6.36 -3.55
CA LEU A 28 -6.27 5.08 -2.94
C LEU A 28 -5.87 5.04 -1.46
N CYS A 29 -4.74 5.69 -1.15
CA CYS A 29 -4.25 5.73 0.22
C CYS A 29 -5.12 6.64 1.09
N ILE A 30 -5.61 7.72 0.49
CA ILE A 30 -6.46 8.67 1.20
C ILE A 30 -7.67 7.97 1.81
N LYS A 31 -8.42 7.26 0.99
CA LYS A 31 -9.60 6.54 1.45
C LYS A 31 -9.26 5.66 2.65
N HIS A 32 -8.13 4.96 2.56
CA HIS A 32 -7.69 4.07 3.63
C HIS A 32 -7.43 4.86 4.91
N GLY A 33 -7.02 6.11 4.76
CA GLY A 33 -6.75 6.96 5.91
C GLY A 33 -5.28 7.35 5.99
N ALA A 34 -4.64 7.50 4.83
CA ALA A 34 -3.23 7.89 4.77
C ALA A 34 -3.08 9.30 4.23
N GLU A 35 -1.90 9.88 4.43
CA GLU A 35 -1.61 11.23 3.95
C GLU A 35 -1.56 11.27 2.43
N SER A 36 -0.82 10.32 1.84
CA SER A 36 -0.68 10.25 0.40
C SER A 36 -0.23 8.86 -0.04
N GLY A 37 0.06 8.72 -1.33
CA GLY A 37 0.50 7.44 -1.85
C GLY A 37 1.23 7.57 -3.17
N GLU A 38 2.19 6.68 -3.42
CA GLU A 38 2.96 6.70 -4.64
C GLU A 38 3.41 5.29 -5.03
N CYS A 39 3.52 5.04 -6.33
CA CYS A 39 3.94 3.74 -6.84
C CYS A 39 5.47 3.64 -6.86
N LYS A 40 5.97 2.48 -6.47
CA LYS A 40 7.42 2.25 -6.46
C LYS A 40 7.76 0.92 -7.11
N TRP A 41 8.57 0.97 -8.17
CA TRP A 41 8.97 -0.24 -8.88
C TRP A 41 10.13 -0.92 -8.17
N PHE A 42 9.85 -1.52 -7.02
CA PHE A 42 10.87 -2.20 -6.24
C PHE A 42 11.60 -3.25 -7.09
N THR A 43 10.84 -3.89 -7.98
CA THR A 43 11.42 -4.91 -8.86
C THR A 43 10.51 -5.17 -10.06
N SER A 44 10.87 -6.16 -10.87
CA SER A 44 10.09 -6.51 -12.05
C SER A 44 9.02 -7.54 -11.70
N SER A 45 8.51 -7.47 -10.46
CA SER A 45 7.49 -8.39 -10.00
C SER A 45 6.13 -7.69 -9.91
N GLY A 46 6.04 -6.52 -10.52
CA GLY A 46 4.79 -5.77 -10.50
C GLY A 46 4.87 -4.55 -9.61
N ASN A 47 4.31 -3.44 -10.08
CA ASN A 47 4.32 -2.19 -9.32
C ASN A 47 3.45 -2.31 -8.07
N ALA A 48 3.92 -1.73 -6.97
CA ALA A 48 3.19 -1.77 -5.71
C ALA A 48 2.79 -0.36 -5.27
N CYS A 49 1.83 -0.29 -4.35
CA CYS A 49 1.36 0.99 -3.84
C CYS A 49 1.96 1.29 -2.47
N TRP A 50 2.68 2.41 -2.38
CA TRP A 50 3.30 2.80 -1.12
C TRP A 50 2.49 3.90 -0.43
N CYS A 51 2.05 3.62 0.78
CA CYS A 51 1.26 4.58 1.55
C CYS A 51 2.11 5.21 2.65
N VAL A 52 1.78 6.47 2.98
CA VAL A 52 2.51 7.19 4.02
C VAL A 52 1.74 7.19 5.34
N LYS A 53 2.46 7.13 6.44
CA LYS A 53 1.85 7.12 7.77
C LYS A 53 0.57 6.30 7.77
N LEU A 54 0.63 5.13 7.12
CA LEU A 54 -0.52 4.24 7.05
C LEU A 54 -0.86 3.67 8.43
N PRO A 55 -2.15 3.72 8.80
CA PRO A 55 -2.62 3.21 10.08
C PRO A 55 -2.55 1.69 10.17
N LYS A 56 -2.27 1.17 11.36
CA LYS A 56 -2.18 -0.27 11.57
C LYS A 56 -3.47 -0.96 11.18
N SER A 57 -4.59 -0.27 11.34
CA SER A 57 -5.90 -0.82 11.00
C SER A 57 -5.91 -1.35 9.57
N GLU A 58 -5.18 -0.67 8.69
CA GLU A 58 -5.11 -1.08 7.29
C GLU A 58 -4.14 -2.25 7.12
N PRO A 59 -4.37 -3.04 6.06
CA PRO A 59 -3.54 -4.21 5.75
C PRO A 59 -2.13 -3.82 5.30
N ILE A 60 -1.22 -4.78 5.33
CA ILE A 60 0.16 -4.54 4.93
C ILE A 60 0.79 -5.80 4.33
N LYS A 61 1.68 -5.61 3.38
CA LYS A 61 2.36 -6.73 2.72
C LYS A 61 2.99 -7.65 3.77
N VAL A 62 2.71 -8.95 3.66
CA VAL A 62 3.25 -9.93 4.59
C VAL A 62 3.84 -11.12 3.83
N PRO A 63 4.78 -11.83 4.49
CA PRO A 63 5.44 -12.99 3.92
C PRO A 63 4.50 -14.19 3.78
N GLY A 64 4.33 -14.66 2.54
CA GLY A 64 3.46 -15.79 2.29
C GLY A 64 3.47 -16.22 0.84
N LYS A 65 2.39 -15.90 0.13
CA LYS A 65 2.28 -16.26 -1.28
C LYS A 65 1.02 -15.66 -1.89
N CYS A 66 1.20 -14.80 -2.88
CA CYS A 66 0.08 -14.15 -3.56
C CYS A 66 -0.75 -15.17 -4.34
N HIS A 67 -2.06 -15.01 -4.31
CA HIS A 67 -2.96 -15.91 -5.01
C HIS A 67 -2.67 -15.91 -6.51
N GLY A 1 -2.57 8.81 21.55
CA GLY A 1 -3.59 7.84 21.20
C GLY A 1 -3.44 7.33 19.78
N GLU A 2 -3.08 8.22 18.87
CA GLU A 2 -2.91 7.86 17.47
C GLU A 2 -1.61 7.08 17.26
N GLU A 3 -1.58 6.28 16.20
CA GLU A 3 -0.40 5.47 15.89
C GLU A 3 -0.39 5.05 14.43
N VAL A 4 0.67 5.42 13.72
CA VAL A 4 0.80 5.08 12.31
C VAL A 4 2.25 4.83 11.93
N ARG A 5 2.46 4.02 10.91
CA ARG A 5 3.81 3.70 10.44
C ARG A 5 3.85 3.56 8.92
N ASP A 6 4.99 3.89 8.33
CA ASP A 6 5.16 3.80 6.88
C ASP A 6 5.49 2.38 6.46
N ALA A 7 4.60 1.75 5.70
CA ALA A 7 4.80 0.39 5.23
C ALA A 7 4.10 0.16 3.90
N TYR A 8 4.52 -0.88 3.19
CA TYR A 8 3.93 -1.21 1.90
C TYR A 8 2.55 -1.83 2.06
N ILE A 9 1.52 -1.09 1.64
CA ILE A 9 0.15 -1.56 1.74
C ILE A 9 -0.08 -2.76 0.83
N ALA A 10 -0.99 -3.64 1.24
CA ALA A 10 -1.32 -4.83 0.46
C ALA A 10 -2.79 -5.21 0.62
N GLN A 11 -3.42 -5.59 -0.48
CA GLN A 11 -4.83 -5.97 -0.46
C GLN A 11 -5.08 -7.02 0.61
N PRO A 12 -6.35 -7.13 1.04
CA PRO A 12 -6.75 -8.09 2.08
C PRO A 12 -6.70 -9.53 1.57
N HIS A 13 -6.51 -9.69 0.27
CA HIS A 13 -6.43 -11.02 -0.33
C HIS A 13 -4.99 -11.49 -0.45
N ASN A 14 -4.16 -11.08 0.52
CA ASN A 14 -2.75 -11.46 0.52
C ASN A 14 -2.11 -11.17 -0.83
N CYS A 15 -1.87 -9.90 -1.11
CA CYS A 15 -1.26 -9.49 -2.37
C CYS A 15 -0.96 -8.00 -2.38
N VAL A 16 -0.16 -7.56 -3.35
CA VAL A 16 0.21 -6.15 -3.47
C VAL A 16 -0.79 -5.40 -4.35
N TYR A 17 -1.24 -4.26 -3.88
CA TYR A 17 -2.19 -3.45 -4.63
C TYR A 17 -1.61 -3.03 -5.98
N HIS A 18 -2.23 -3.50 -7.05
CA HIS A 18 -1.76 -3.18 -8.40
C HIS A 18 -2.23 -1.78 -8.82
N CYS A 19 -1.29 -0.85 -8.87
CA CYS A 19 -1.60 0.53 -9.25
C CYS A 19 -1.10 0.83 -10.65
N PHE A 20 -1.89 1.58 -11.41
CA PHE A 20 -1.53 1.94 -12.77
C PHE A 20 -0.58 3.14 -12.79
N ARG A 21 -0.81 4.08 -11.87
CA ARG A 21 0.03 5.27 -11.77
C ARG A 21 0.03 5.82 -10.34
N ASP A 22 1.03 6.63 -10.04
CA ASP A 22 1.15 7.22 -8.71
C ASP A 22 -0.15 7.92 -8.31
N SER A 23 -0.73 8.66 -9.24
CA SER A 23 -1.97 9.39 -8.98
C SER A 23 -3.03 8.45 -8.40
N TYR A 24 -2.97 7.18 -8.79
CA TYR A 24 -3.92 6.18 -8.32
C TYR A 24 -3.64 5.82 -6.86
N CYS A 25 -2.42 5.39 -6.59
CA CYS A 25 -2.03 5.00 -5.24
C CYS A 25 -2.17 6.18 -4.27
N ASN A 26 -1.90 7.38 -4.77
CA ASN A 26 -1.99 8.58 -3.95
C ASN A 26 -3.38 8.71 -3.34
N ASP A 27 -4.40 8.74 -4.19
CA ASP A 27 -5.78 8.86 -3.72
C ASP A 27 -6.24 7.56 -3.07
N LEU A 28 -5.80 6.44 -3.62
CA LEU A 28 -6.17 5.12 -3.11
C LEU A 28 -5.83 5.01 -1.62
N CYS A 29 -4.71 5.62 -1.23
CA CYS A 29 -4.26 5.59 0.15
C CYS A 29 -5.17 6.44 1.03
N ILE A 30 -5.66 7.55 0.48
CA ILE A 30 -6.55 8.45 1.21
C ILE A 30 -7.78 7.71 1.72
N LYS A 31 -8.46 7.01 0.83
CA LYS A 31 -9.66 6.26 1.19
C LYS A 31 -9.37 5.32 2.36
N HIS A 32 -8.17 4.76 2.39
CA HIS A 32 -7.77 3.84 3.44
C HIS A 32 -7.53 4.59 4.74
N GLY A 33 -7.09 5.84 4.63
CA GLY A 33 -6.84 6.64 5.81
C GLY A 33 -5.39 7.08 5.92
N ALA A 34 -4.75 7.28 4.77
CA ALA A 34 -3.35 7.69 4.72
C ALA A 34 -3.22 9.13 4.22
N GLU A 35 -2.07 9.74 4.49
CA GLU A 35 -1.81 11.11 4.07
C GLU A 35 -1.64 11.19 2.56
N SER A 36 -0.90 10.23 2.00
CA SER A 36 -0.65 10.20 0.57
C SER A 36 -0.20 8.82 0.12
N GLY A 37 0.11 8.68 -1.16
CA GLY A 37 0.55 7.40 -1.69
C GLY A 37 1.27 7.53 -3.02
N GLU A 38 2.27 6.69 -3.23
CA GLU A 38 3.04 6.72 -4.47
C GLU A 38 3.41 5.31 -4.92
N CYS A 39 3.72 5.16 -6.20
CA CYS A 39 4.09 3.86 -6.76
C CYS A 39 5.60 3.66 -6.70
N LYS A 40 6.02 2.54 -6.12
CA LYS A 40 7.44 2.23 -6.01
C LYS A 40 7.76 0.93 -6.72
N TRP A 41 8.65 1.00 -7.71
CA TRP A 41 9.05 -0.19 -8.47
C TRP A 41 10.11 -0.98 -7.72
N PHE A 42 9.69 -2.06 -7.08
CA PHE A 42 10.61 -2.90 -6.32
C PHE A 42 11.22 -3.98 -7.21
N THR A 43 10.41 -4.49 -8.15
CA THR A 43 10.87 -5.52 -9.07
C THR A 43 10.03 -5.54 -10.33
N SER A 44 10.32 -6.49 -11.22
CA SER A 44 9.59 -6.61 -12.48
C SER A 44 8.36 -7.48 -12.31
N SER A 45 7.78 -7.46 -11.12
CA SER A 45 6.59 -8.25 -10.82
C SER A 45 5.36 -7.37 -10.73
N GLY A 46 5.48 -6.14 -11.21
CA GLY A 46 4.37 -5.21 -11.18
C GLY A 46 4.56 -4.11 -10.16
N ASN A 47 4.16 -2.89 -10.52
CA ASN A 47 4.30 -1.74 -9.63
C ASN A 47 3.37 -1.89 -8.42
N ALA A 48 3.90 -1.56 -7.24
CA ALA A 48 3.13 -1.65 -6.00
C ALA A 48 2.73 -0.26 -5.50
N CYS A 49 1.75 -0.21 -4.61
CA CYS A 49 1.28 1.05 -4.06
C CYS A 49 1.83 1.26 -2.65
N TRP A 50 2.54 2.36 -2.47
CA TRP A 50 3.13 2.69 -1.17
C TRP A 50 2.27 3.70 -0.41
N CYS A 51 2.10 3.46 0.89
CA CYS A 51 1.29 4.34 1.73
C CYS A 51 2.12 4.92 2.86
N VAL A 52 1.94 6.22 3.12
CA VAL A 52 2.67 6.90 4.18
C VAL A 52 1.85 6.96 5.46
N LYS A 53 2.53 6.91 6.60
CA LYS A 53 1.86 6.97 7.90
C LYS A 53 0.56 6.15 7.88
N LEU A 54 0.62 4.98 7.27
CA LEU A 54 -0.54 4.11 7.18
C LEU A 54 -0.90 3.52 8.55
N PRO A 55 -2.19 3.58 8.90
CA PRO A 55 -2.69 3.06 10.18
C PRO A 55 -2.63 1.55 10.25
N LYS A 56 -2.30 1.03 11.43
CA LYS A 56 -2.21 -0.41 11.64
C LYS A 56 -3.52 -1.10 11.26
N SER A 57 -4.63 -0.39 11.44
CA SER A 57 -5.94 -0.94 11.12
C SER A 57 -5.97 -1.48 9.70
N GLU A 58 -5.26 -0.80 8.80
CA GLU A 58 -5.19 -1.21 7.40
C GLU A 58 -4.24 -2.38 7.22
N PRO A 59 -4.44 -3.16 6.14
CA PRO A 59 -3.60 -4.32 5.83
C PRO A 59 -2.20 -3.92 5.38
N ILE A 60 -1.27 -4.87 5.44
CA ILE A 60 0.10 -4.61 5.04
C ILE A 60 0.76 -5.87 4.49
N LYS A 61 1.65 -5.68 3.52
CA LYS A 61 2.35 -6.80 2.90
C LYS A 61 2.99 -7.71 3.96
N VAL A 62 2.71 -9.00 3.87
CA VAL A 62 3.26 -9.97 4.81
C VAL A 62 3.89 -11.15 4.08
N PRO A 63 4.82 -11.83 4.77
CA PRO A 63 5.52 -12.98 4.21
C PRO A 63 4.61 -14.20 4.07
N GLY A 64 4.46 -14.68 2.83
CA GLY A 64 3.61 -15.83 2.58
C GLY A 64 3.63 -16.26 1.13
N LYS A 65 2.49 -16.13 0.46
CA LYS A 65 2.37 -16.50 -0.94
C LYS A 65 1.29 -15.67 -1.64
N CYS A 66 1.71 -14.86 -2.60
CA CYS A 66 0.78 -14.01 -3.33
C CYS A 66 0.22 -14.75 -4.55
N HIS A 67 -1.10 -14.69 -4.71
CA HIS A 67 -1.76 -15.35 -5.83
C HIS A 67 -1.58 -14.54 -7.12
N GLY A 1 -4.83 7.57 21.33
CA GLY A 1 -3.40 7.54 21.07
C GLY A 1 -3.07 7.27 19.61
N GLU A 2 -2.96 8.33 18.83
CA GLU A 2 -2.66 8.19 17.41
C GLU A 2 -1.37 7.40 17.20
N GLU A 3 -1.40 6.47 16.25
CA GLU A 3 -0.24 5.64 15.95
C GLU A 3 -0.29 5.13 14.51
N VAL A 4 0.74 5.46 13.74
CA VAL A 4 0.81 5.02 12.35
C VAL A 4 2.25 4.80 11.91
N ARG A 5 2.45 3.92 10.94
CA ARG A 5 3.78 3.62 10.44
C ARG A 5 3.78 3.53 8.91
N ASP A 6 4.94 3.78 8.31
CA ASP A 6 5.07 3.74 6.86
C ASP A 6 5.45 2.33 6.39
N ALA A 7 4.53 1.68 5.69
CA ALA A 7 4.75 0.34 5.19
C ALA A 7 4.10 0.14 3.82
N TYR A 8 4.46 -0.95 3.15
CA TYR A 8 3.90 -1.25 1.84
C TYR A 8 2.50 -1.86 1.97
N ILE A 9 1.49 -1.08 1.60
CA ILE A 9 0.11 -1.55 1.67
C ILE A 9 -0.13 -2.72 0.73
N ALA A 10 -1.05 -3.60 1.12
CA ALA A 10 -1.37 -4.77 0.31
C ALA A 10 -2.85 -5.14 0.46
N GLN A 11 -3.49 -5.45 -0.66
CA GLN A 11 -4.89 -5.83 -0.65
C GLN A 11 -5.16 -6.92 0.37
N PRO A 12 -6.42 -7.04 0.81
CA PRO A 12 -6.83 -8.04 1.79
C PRO A 12 -6.81 -9.46 1.22
N HIS A 13 -6.60 -9.56 -0.10
CA HIS A 13 -6.55 -10.85 -0.76
C HIS A 13 -5.12 -11.34 -0.90
N ASN A 14 -4.28 -10.99 0.07
CA ASN A 14 -2.88 -11.39 0.05
C ASN A 14 -2.23 -11.05 -1.27
N CYS A 15 -1.98 -9.76 -1.50
CA CYS A 15 -1.36 -9.30 -2.74
C CYS A 15 -1.02 -7.82 -2.65
N VAL A 16 -0.17 -7.36 -3.57
CA VAL A 16 0.24 -5.96 -3.60
C VAL A 16 -0.72 -5.13 -4.45
N TYR A 17 -1.22 -4.05 -3.86
CA TYR A 17 -2.15 -3.16 -4.56
C TYR A 17 -1.57 -2.71 -5.89
N HIS A 18 -2.07 -3.28 -6.98
CA HIS A 18 -1.59 -2.94 -8.31
C HIS A 18 -2.13 -1.57 -8.74
N CYS A 19 -1.24 -0.58 -8.80
CA CYS A 19 -1.61 0.77 -9.19
C CYS A 19 -1.13 1.09 -10.59
N PHE A 20 -1.98 1.72 -11.39
CA PHE A 20 -1.64 2.09 -12.76
C PHE A 20 -0.65 3.24 -12.77
N ARG A 21 -0.83 4.19 -11.86
CA ARG A 21 0.05 5.34 -11.77
C ARG A 21 0.09 5.90 -10.35
N ASP A 22 1.05 6.76 -10.08
CA ASP A 22 1.19 7.37 -8.75
C ASP A 22 -0.12 7.98 -8.29
N SER A 23 -0.77 8.74 -9.18
CA SER A 23 -2.04 9.39 -8.86
C SER A 23 -3.03 8.38 -8.29
N TYR A 24 -2.95 7.15 -8.78
CA TYR A 24 -3.86 6.09 -8.32
C TYR A 24 -3.59 5.74 -6.86
N CYS A 25 -2.36 5.34 -6.57
CA CYS A 25 -1.98 4.98 -5.21
C CYS A 25 -2.14 6.16 -4.27
N ASN A 26 -1.86 7.36 -4.77
CA ASN A 26 -1.97 8.56 -3.97
C ASN A 26 -3.37 8.70 -3.38
N ASP A 27 -4.38 8.71 -4.24
CA ASP A 27 -5.77 8.83 -3.79
C ASP A 27 -6.23 7.54 -3.14
N LEU A 28 -5.76 6.41 -3.65
CA LEU A 28 -6.13 5.11 -3.12
C LEU A 28 -5.75 5.00 -1.64
N CYS A 29 -4.65 5.64 -1.26
CA CYS A 29 -4.18 5.61 0.12
C CYS A 29 -5.09 6.45 1.01
N ILE A 30 -5.58 7.55 0.46
CA ILE A 30 -6.46 8.45 1.21
C ILE A 30 -7.72 7.72 1.66
N LYS A 31 -8.29 6.91 0.77
CA LYS A 31 -9.49 6.15 1.09
C LYS A 31 -9.26 5.23 2.29
N HIS A 32 -8.06 4.68 2.38
CA HIS A 32 -7.71 3.79 3.48
C HIS A 32 -7.50 4.57 4.77
N GLY A 33 -7.06 5.82 4.64
CA GLY A 33 -6.83 6.65 5.81
C GLY A 33 -5.39 7.09 5.93
N ALA A 34 -4.73 7.28 4.79
CA ALA A 34 -3.34 7.71 4.79
C ALA A 34 -3.21 9.14 4.29
N GLU A 35 -2.04 9.74 4.51
CA GLU A 35 -1.78 11.11 4.08
C GLU A 35 -1.62 11.19 2.57
N SER A 36 -0.89 10.23 2.01
CA SER A 36 -0.64 10.19 0.57
C SER A 36 -0.18 8.80 0.14
N GLY A 37 0.12 8.67 -1.15
CA GLY A 37 0.57 7.39 -1.68
C GLY A 37 1.29 7.53 -3.01
N GLU A 38 2.31 6.70 -3.22
CA GLU A 38 3.07 6.73 -4.46
C GLU A 38 3.47 5.32 -4.90
N CYS A 39 3.70 5.15 -6.19
CA CYS A 39 4.08 3.86 -6.75
C CYS A 39 5.59 3.65 -6.63
N LYS A 40 5.99 2.40 -6.45
CA LYS A 40 7.41 2.05 -6.34
C LYS A 40 7.67 0.65 -6.89
N TRP A 41 8.54 0.58 -7.91
CA TRP A 41 8.88 -0.69 -8.52
C TRP A 41 9.94 -1.43 -7.71
N PHE A 42 9.49 -2.21 -6.73
CA PHE A 42 10.40 -2.97 -5.88
C PHE A 42 10.71 -4.33 -6.49
N THR A 43 9.72 -4.92 -7.14
CA THR A 43 9.88 -6.22 -7.77
C THR A 43 9.43 -6.20 -9.23
N SER A 44 9.69 -7.28 -9.94
CA SER A 44 9.31 -7.39 -11.35
C SER A 44 7.88 -7.92 -11.49
N SER A 45 7.08 -7.74 -10.45
CA SER A 45 5.70 -8.20 -10.45
C SER A 45 4.73 -7.03 -10.61
N GLY A 46 5.26 -5.89 -11.04
CA GLY A 46 4.43 -4.71 -11.22
C GLY A 46 4.67 -3.66 -10.17
N ASN A 47 4.35 -2.41 -10.49
CA ASN A 47 4.54 -1.31 -9.56
C ASN A 47 3.59 -1.43 -8.37
N ALA A 48 4.16 -1.46 -7.17
CA ALA A 48 3.35 -1.57 -5.96
C ALA A 48 2.93 -0.20 -5.45
N CYS A 49 1.93 -0.17 -4.58
CA CYS A 49 1.42 1.08 -4.02
C CYS A 49 1.96 1.29 -2.61
N TRP A 50 2.66 2.41 -2.42
CA TRP A 50 3.23 2.74 -1.11
C TRP A 50 2.33 3.71 -0.37
N CYS A 51 2.17 3.50 0.94
CA CYS A 51 1.35 4.36 1.77
C CYS A 51 2.15 4.94 2.92
N VAL A 52 1.97 6.23 3.17
CA VAL A 52 2.68 6.91 4.25
C VAL A 52 1.84 6.97 5.51
N LYS A 53 2.49 6.91 6.67
CA LYS A 53 1.81 6.96 7.95
C LYS A 53 0.52 6.15 7.90
N LEU A 54 0.58 4.97 7.29
CA LEU A 54 -0.58 4.09 7.18
C LEU A 54 -0.93 3.47 8.53
N PRO A 55 -2.22 3.51 8.88
CA PRO A 55 -2.71 2.95 10.14
C PRO A 55 -2.65 1.43 10.17
N LYS A 56 -2.40 0.88 11.36
CA LYS A 56 -2.30 -0.58 11.52
C LYS A 56 -3.61 -1.25 11.11
N SER A 57 -4.72 -0.54 11.30
CA SER A 57 -6.03 -1.08 10.95
C SER A 57 -6.04 -1.60 9.52
N GLU A 58 -5.32 -0.90 8.64
CA GLU A 58 -5.25 -1.30 7.23
C GLU A 58 -4.30 -2.47 7.04
N PRO A 59 -4.53 -3.24 5.97
CA PRO A 59 -3.69 -4.41 5.65
C PRO A 59 -2.29 -4.02 5.19
N ILE A 60 -1.37 -4.98 5.24
CA ILE A 60 0.01 -4.73 4.83
C ILE A 60 0.64 -5.98 4.25
N LYS A 61 1.58 -5.79 3.33
CA LYS A 61 2.27 -6.91 2.70
C LYS A 61 2.95 -7.80 3.74
N VAL A 62 2.77 -9.11 3.60
CA VAL A 62 3.36 -10.07 4.53
C VAL A 62 4.29 -11.03 3.81
N PRO A 63 5.25 -11.60 4.55
CA PRO A 63 6.22 -12.55 4.00
C PRO A 63 5.58 -13.88 3.62
N GLY A 64 5.77 -14.28 2.36
CA GLY A 64 5.21 -15.53 1.89
C GLY A 64 5.08 -15.57 0.38
N LYS A 65 3.84 -15.70 -0.10
CA LYS A 65 3.58 -15.76 -1.53
C LYS A 65 2.15 -15.37 -1.84
N CYS A 66 1.96 -14.62 -2.93
CA CYS A 66 0.63 -14.17 -3.34
C CYS A 66 -0.16 -15.32 -3.96
N HIS A 67 -1.44 -15.41 -3.62
CA HIS A 67 -2.30 -16.46 -4.15
C HIS A 67 -3.64 -15.88 -4.61
N GLY A 1 -1.39 8.46 21.81
CA GLY A 1 -2.71 8.02 21.35
C GLY A 1 -2.67 7.40 19.97
N GLU A 2 -2.74 8.23 18.94
CA GLU A 2 -2.72 7.75 17.56
C GLU A 2 -1.45 6.93 17.30
N GLU A 3 -1.52 6.05 16.31
CA GLU A 3 -0.38 5.22 15.96
C GLU A 3 -0.42 4.84 14.47
N VAL A 4 0.64 5.22 13.75
CA VAL A 4 0.73 4.93 12.32
C VAL A 4 2.18 4.70 11.90
N ARG A 5 2.36 4.05 10.75
CA ARG A 5 3.69 3.77 10.23
C ARG A 5 3.65 3.58 8.72
N ASP A 6 4.66 4.12 8.05
CA ASP A 6 4.75 4.01 6.59
C ASP A 6 5.19 2.60 6.18
N ALA A 7 4.27 1.85 5.59
CA ALA A 7 4.57 0.50 5.14
C ALA A 7 3.92 0.20 3.80
N TYR A 8 4.39 -0.85 3.13
CA TYR A 8 3.85 -1.24 1.83
C TYR A 8 2.47 -1.86 1.98
N ILE A 9 1.45 -1.10 1.61
CA ILE A 9 0.07 -1.57 1.69
C ILE A 9 -0.16 -2.77 0.77
N ALA A 10 -1.06 -3.65 1.17
CA ALA A 10 -1.37 -4.83 0.37
C ALA A 10 -2.85 -5.22 0.52
N GLN A 11 -3.47 -5.57 -0.59
CA GLN A 11 -4.88 -5.97 -0.59
C GLN A 11 -5.14 -7.02 0.47
N PRO A 12 -6.41 -7.14 0.89
CA PRO A 12 -6.83 -8.11 1.90
C PRO A 12 -6.76 -9.54 1.39
N HIS A 13 -6.56 -9.69 0.09
CA HIS A 13 -6.48 -11.01 -0.54
C HIS A 13 -5.04 -11.47 -0.65
N ASN A 14 -4.22 -11.08 0.33
CA ASN A 14 -2.81 -11.46 0.33
C ASN A 14 -2.16 -11.16 -1.01
N CYS A 15 -1.90 -9.89 -1.27
CA CYS A 15 -1.28 -9.46 -2.52
C CYS A 15 -0.96 -7.97 -2.50
N VAL A 16 -0.12 -7.54 -3.44
CA VAL A 16 0.27 -6.14 -3.51
C VAL A 16 -0.72 -5.34 -4.35
N TYR A 17 -1.19 -4.22 -3.81
CA TYR A 17 -2.15 -3.38 -4.51
C TYR A 17 -1.60 -2.94 -5.87
N HIS A 18 -2.19 -3.47 -6.93
CA HIS A 18 -1.77 -3.13 -8.28
C HIS A 18 -2.30 -1.76 -8.70
N CYS A 19 -1.42 -0.78 -8.73
CA CYS A 19 -1.79 0.58 -9.12
C CYS A 19 -1.28 0.91 -10.51
N PHE A 20 -2.11 1.58 -11.30
CA PHE A 20 -1.74 1.97 -12.66
C PHE A 20 -0.66 3.05 -12.65
N ARG A 21 -0.82 4.03 -11.75
CA ARG A 21 0.13 5.12 -11.64
C ARG A 21 0.13 5.69 -10.22
N ASP A 22 1.09 6.57 -9.95
CA ASP A 22 1.20 7.20 -8.63
C ASP A 22 -0.10 7.88 -8.25
N SER A 23 -0.77 8.47 -9.24
CA SER A 23 -2.03 9.17 -9.01
C SER A 23 -3.07 8.23 -8.40
N TYR A 24 -2.98 6.95 -8.76
CA TYR A 24 -3.91 5.94 -8.25
C TYR A 24 -3.66 5.66 -6.78
N CYS A 25 -2.43 5.22 -6.46
CA CYS A 25 -2.07 4.91 -5.10
C CYS A 25 -2.18 6.15 -4.21
N ASN A 26 -1.88 7.30 -4.78
CA ASN A 26 -1.95 8.57 -4.05
C ASN A 26 -3.31 8.75 -3.41
N ASP A 27 -4.36 8.67 -4.23
CA ASP A 27 -5.72 8.84 -3.74
C ASP A 27 -6.20 7.56 -3.04
N LEU A 28 -5.85 6.41 -3.60
CA LEU A 28 -6.25 5.13 -3.03
C LEU A 28 -5.87 5.06 -1.55
N CYS A 29 -4.75 5.67 -1.20
CA CYS A 29 -4.29 5.68 0.19
C CYS A 29 -5.17 6.58 1.05
N ILE A 30 -5.64 7.68 0.46
CA ILE A 30 -6.49 8.62 1.18
C ILE A 30 -7.73 7.92 1.74
N LYS A 31 -8.46 7.25 0.87
CA LYS A 31 -9.67 6.53 1.28
C LYS A 31 -9.38 5.62 2.47
N HIS A 32 -8.25 4.91 2.42
CA HIS A 32 -7.86 4.01 3.49
C HIS A 32 -7.61 4.77 4.79
N GLY A 33 -7.18 6.03 4.65
CA GLY A 33 -6.90 6.83 5.82
C GLY A 33 -5.45 7.22 5.95
N ALA A 34 -4.78 7.37 4.81
CA ALA A 34 -3.37 7.73 4.78
C ALA A 34 -3.17 9.15 4.25
N GLU A 35 -2.01 9.73 4.54
CA GLU A 35 -1.70 11.08 4.09
C GLU A 35 -1.62 11.15 2.57
N SER A 36 -0.87 10.20 1.98
CA SER A 36 -0.70 10.15 0.53
C SER A 36 -0.25 8.76 0.10
N GLY A 37 0.08 8.63 -1.19
CA GLY A 37 0.52 7.36 -1.72
C GLY A 37 1.29 7.50 -3.02
N GLU A 38 2.24 6.60 -3.24
CA GLU A 38 3.04 6.63 -4.45
C GLU A 38 3.47 5.22 -4.86
N CYS A 39 3.68 5.03 -6.16
CA CYS A 39 4.08 3.73 -6.68
C CYS A 39 5.60 3.59 -6.69
N LYS A 40 6.08 2.42 -6.27
CA LYS A 40 7.52 2.16 -6.24
C LYS A 40 7.86 0.86 -6.94
N TRP A 41 8.69 0.95 -7.98
CA TRP A 41 9.09 -0.23 -8.74
C TRP A 41 10.21 -0.97 -8.04
N PHE A 42 9.85 -1.90 -7.17
CA PHE A 42 10.83 -2.69 -6.42
C PHE A 42 11.43 -3.77 -7.31
N THR A 43 10.61 -4.34 -8.19
CA THR A 43 11.07 -5.39 -9.09
C THR A 43 10.16 -5.49 -10.31
N SER A 44 10.46 -6.46 -11.18
CA SER A 44 9.67 -6.66 -12.39
C SER A 44 8.49 -7.59 -12.13
N SER A 45 7.98 -7.55 -10.90
CA SER A 45 6.86 -8.39 -10.52
C SER A 45 5.58 -7.58 -10.39
N GLY A 46 5.60 -6.36 -10.93
CA GLY A 46 4.44 -5.49 -10.87
C GLY A 46 4.62 -4.35 -9.90
N ASN A 47 4.16 -3.17 -10.28
CA ASN A 47 4.28 -1.98 -9.44
C ASN A 47 3.39 -2.11 -8.21
N ALA A 48 3.93 -1.71 -7.06
CA ALA A 48 3.19 -1.77 -5.80
C ALA A 48 2.79 -0.39 -5.32
N CYS A 49 1.84 -0.33 -4.41
CA CYS A 49 1.37 0.94 -3.87
C CYS A 49 1.95 1.19 -2.48
N TRP A 50 2.64 2.32 -2.33
CA TRP A 50 3.26 2.68 -1.06
C TRP A 50 2.44 3.76 -0.35
N CYS A 51 1.99 3.46 0.86
CA CYS A 51 1.21 4.41 1.65
C CYS A 51 2.05 5.02 2.76
N VAL A 52 1.72 6.25 3.13
CA VAL A 52 2.44 6.95 4.19
C VAL A 52 1.64 6.96 5.48
N LYS A 53 2.35 6.87 6.61
CA LYS A 53 1.71 6.87 7.92
C LYS A 53 0.42 6.06 7.89
N LEU A 54 0.46 4.91 7.23
CA LEU A 54 -0.70 4.04 7.13
C LEU A 54 -1.07 3.47 8.48
N PRO A 55 -2.36 3.53 8.83
CA PRO A 55 -2.88 3.03 10.10
C PRO A 55 -2.84 1.50 10.18
N LYS A 56 -2.56 0.98 11.36
CA LYS A 56 -2.49 -0.47 11.57
C LYS A 56 -3.78 -1.13 11.13
N SER A 57 -4.89 -0.42 11.28
CA SER A 57 -6.20 -0.94 10.91
C SER A 57 -6.19 -1.47 9.48
N GLU A 58 -5.43 -0.81 8.60
CA GLU A 58 -5.33 -1.21 7.20
C GLU A 58 -4.37 -2.38 7.05
N PRO A 59 -4.57 -3.17 5.99
CA PRO A 59 -3.73 -4.34 5.69
C PRO A 59 -2.32 -3.94 5.26
N ILE A 60 -1.40 -4.90 5.34
CA ILE A 60 -0.01 -4.65 4.95
C ILE A 60 0.64 -5.91 4.42
N LYS A 61 1.60 -5.74 3.50
CA LYS A 61 2.30 -6.87 2.91
C LYS A 61 2.87 -7.78 4.00
N VAL A 62 2.56 -9.07 3.90
CA VAL A 62 3.04 -10.04 4.87
C VAL A 62 3.83 -11.16 4.19
N PRO A 63 4.72 -11.81 4.95
CA PRO A 63 5.56 -12.90 4.45
C PRO A 63 4.74 -14.15 4.13
N GLY A 64 4.79 -14.58 2.87
CA GLY A 64 4.07 -15.76 2.46
C GLY A 64 4.13 -15.99 0.97
N LYS A 65 2.99 -15.85 0.29
CA LYS A 65 2.91 -16.04 -1.15
C LYS A 65 1.73 -15.29 -1.74
N CYS A 66 1.98 -14.55 -2.82
CA CYS A 66 0.93 -13.79 -3.48
C CYS A 66 0.22 -14.63 -4.53
N HIS A 67 -1.11 -14.59 -4.50
CA HIS A 67 -1.92 -15.35 -5.44
C HIS A 67 -2.50 -14.45 -6.52
N GLY A 1 -4.75 4.85 21.64
CA GLY A 1 -3.60 5.67 21.30
C GLY A 1 -3.31 5.64 19.81
N GLU A 2 -3.36 6.81 19.18
CA GLU A 2 -3.09 6.91 17.76
C GLU A 2 -1.65 6.51 17.43
N GLU A 3 -1.47 5.85 16.29
CA GLU A 3 -0.15 5.40 15.88
C GLU A 3 -0.16 4.94 14.43
N VAL A 4 0.79 5.43 13.64
CA VAL A 4 0.88 5.06 12.23
C VAL A 4 2.33 4.81 11.83
N ARG A 5 2.52 4.29 10.62
CA ARG A 5 3.85 4.00 10.12
C ARG A 5 3.84 3.86 8.59
N ASP A 6 5.01 4.00 7.98
CA ASP A 6 5.13 3.90 6.53
C ASP A 6 5.46 2.46 6.12
N ALA A 7 4.49 1.79 5.52
CA ALA A 7 4.68 0.41 5.07
C ALA A 7 3.94 0.15 3.76
N TYR A 8 4.35 -0.89 3.06
CA TYR A 8 3.73 -1.25 1.79
C TYR A 8 2.33 -1.83 2.01
N ILE A 9 1.32 -1.09 1.57
CA ILE A 9 -0.07 -1.53 1.71
C ILE A 9 -0.36 -2.73 0.81
N ALA A 10 -1.26 -3.59 1.27
CA ALA A 10 -1.64 -4.78 0.50
C ALA A 10 -3.08 -5.19 0.80
N GLN A 11 -3.84 -5.46 -0.26
CA GLN A 11 -5.23 -5.87 -0.12
C GLN A 11 -5.37 -6.98 0.92
N PRO A 12 -6.58 -7.13 1.45
CA PRO A 12 -6.88 -8.15 2.46
C PRO A 12 -6.85 -9.57 1.88
N HIS A 13 -6.73 -9.66 0.56
CA HIS A 13 -6.70 -10.95 -0.12
C HIS A 13 -5.26 -11.40 -0.34
N ASN A 14 -4.37 -11.01 0.58
CA ASN A 14 -2.96 -11.38 0.48
C ASN A 14 -2.41 -11.07 -0.90
N CYS A 15 -2.20 -9.78 -1.18
CA CYS A 15 -1.67 -9.35 -2.47
C CYS A 15 -1.27 -7.88 -2.43
N VAL A 16 -0.36 -7.51 -3.32
CA VAL A 16 0.12 -6.13 -3.39
C VAL A 16 -0.84 -5.26 -4.19
N TYR A 17 -1.09 -4.05 -3.70
CA TYR A 17 -1.99 -3.12 -4.36
C TYR A 17 -1.42 -2.68 -5.71
N HIS A 18 -1.88 -3.32 -6.77
CA HIS A 18 -1.43 -3.01 -8.12
C HIS A 18 -2.02 -1.69 -8.60
N CYS A 19 -1.19 -0.66 -8.69
CA CYS A 19 -1.63 0.65 -9.13
C CYS A 19 -1.14 0.96 -10.54
N PHE A 20 -1.98 1.60 -11.34
CA PHE A 20 -1.63 1.94 -12.71
C PHE A 20 -0.64 3.09 -12.75
N ARG A 21 -0.83 4.05 -11.84
CA ARG A 21 0.05 5.21 -11.77
C ARG A 21 0.07 5.79 -10.35
N ASP A 22 1.05 6.65 -10.09
CA ASP A 22 1.18 7.27 -8.78
C ASP A 22 -0.13 7.91 -8.34
N SER A 23 -0.86 8.47 -9.29
CA SER A 23 -2.14 9.12 -9.00
C SER A 23 -3.12 8.12 -8.39
N TYR A 24 -3.06 6.88 -8.86
CA TYR A 24 -3.95 5.84 -8.37
C TYR A 24 -3.67 5.54 -6.90
N CYS A 25 -2.45 5.16 -6.60
CA CYS A 25 -2.04 4.84 -5.23
C CYS A 25 -2.18 6.06 -4.33
N ASN A 26 -1.90 7.23 -4.90
CA ASN A 26 -1.98 8.48 -4.15
C ASN A 26 -3.37 8.66 -3.53
N ASP A 27 -4.39 8.65 -4.38
CA ASP A 27 -5.76 8.81 -3.92
C ASP A 27 -6.24 7.54 -3.21
N LEU A 28 -5.81 6.39 -3.71
CA LEU A 28 -6.20 5.11 -3.13
C LEU A 28 -5.83 5.05 -1.65
N CYS A 29 -4.71 5.67 -1.30
CA CYS A 29 -4.24 5.69 0.08
C CYS A 29 -5.12 6.59 0.94
N ILE A 30 -5.58 7.69 0.36
CA ILE A 30 -6.43 8.63 1.07
C ILE A 30 -7.71 7.96 1.56
N LYS A 31 -8.27 7.09 0.72
CA LYS A 31 -9.49 6.37 1.06
C LYS A 31 -9.27 5.48 2.28
N HIS A 32 -8.08 4.90 2.39
CA HIS A 32 -7.75 4.03 3.51
C HIS A 32 -7.52 4.84 4.78
N GLY A 33 -7.05 6.08 4.61
CA GLY A 33 -6.79 6.93 5.75
C GLY A 33 -5.33 7.33 5.85
N ALA A 34 -4.67 7.47 4.71
CA ALA A 34 -3.26 7.84 4.67
C ALA A 34 -3.09 9.25 4.10
N GLU A 35 -1.94 9.85 4.37
CA GLU A 35 -1.66 11.20 3.88
C GLU A 35 -1.58 11.22 2.36
N SER A 36 -0.80 10.31 1.80
CA SER A 36 -0.64 10.22 0.35
C SER A 36 -0.18 8.83 -0.06
N GLY A 37 0.13 8.67 -1.35
CA GLY A 37 0.57 7.37 -1.85
C GLY A 37 1.35 7.50 -3.15
N GLU A 38 2.35 6.65 -3.32
CA GLU A 38 3.18 6.66 -4.52
C GLU A 38 3.59 5.25 -4.92
N CYS A 39 3.78 5.04 -6.22
CA CYS A 39 4.18 3.74 -6.73
C CYS A 39 5.70 3.57 -6.68
N LYS A 40 6.15 2.42 -6.20
CA LYS A 40 7.57 2.13 -6.10
C LYS A 40 7.93 0.84 -6.83
N TRP A 41 8.80 0.94 -7.83
CA TRP A 41 9.22 -0.22 -8.60
C TRP A 41 10.30 -1.01 -7.86
N PHE A 42 9.90 -2.08 -7.20
CA PHE A 42 10.84 -2.91 -6.46
C PHE A 42 11.43 -4.00 -7.35
N THR A 43 10.62 -4.52 -8.27
CA THR A 43 11.06 -5.56 -9.18
C THR A 43 10.16 -5.63 -10.41
N SER A 44 10.42 -6.60 -11.27
CA SER A 44 9.64 -6.77 -12.49
C SER A 44 8.42 -7.66 -12.24
N SER A 45 7.90 -7.59 -11.02
CA SER A 45 6.74 -8.39 -10.64
C SER A 45 5.49 -7.51 -10.53
N GLY A 46 5.58 -6.30 -11.06
CA GLY A 46 4.46 -5.39 -11.01
C GLY A 46 4.65 -4.27 -10.00
N ASN A 47 4.24 -3.06 -10.36
CA ASN A 47 4.37 -1.91 -9.47
C ASN A 47 3.47 -2.05 -8.26
N ALA A 48 3.98 -1.66 -7.09
CA ALA A 48 3.22 -1.74 -5.85
C ALA A 48 2.80 -0.35 -5.38
N CYS A 49 1.83 -0.30 -4.47
CA CYS A 49 1.34 0.96 -3.94
C CYS A 49 1.89 1.20 -2.54
N TRP A 50 2.60 2.31 -2.38
CA TRP A 50 3.18 2.67 -1.09
C TRP A 50 2.38 3.76 -0.41
N CYS A 51 2.01 3.52 0.84
CA CYS A 51 1.24 4.49 1.62
C CYS A 51 2.09 5.15 2.70
N VAL A 52 1.75 6.38 3.05
CA VAL A 52 2.49 7.11 4.07
C VAL A 52 1.71 7.15 5.38
N LYS A 53 2.44 7.10 6.49
CA LYS A 53 1.83 7.13 7.82
C LYS A 53 0.53 6.31 7.83
N LEU A 54 0.57 5.14 7.20
CA LEU A 54 -0.59 4.26 7.14
C LEU A 54 -0.93 3.72 8.54
N PRO A 55 -2.22 3.79 8.89
CA PRO A 55 -2.71 3.31 10.19
C PRO A 55 -2.65 1.80 10.30
N LYS A 56 -2.36 1.31 11.50
CA LYS A 56 -2.29 -0.13 11.75
C LYS A 56 -3.59 -0.82 11.36
N SER A 57 -4.70 -0.10 11.52
CA SER A 57 -6.01 -0.64 11.20
C SER A 57 -6.04 -1.21 9.78
N GLU A 58 -5.30 -0.56 8.88
CA GLU A 58 -5.24 -1.00 7.50
C GLU A 58 -4.28 -2.18 7.35
N PRO A 59 -4.50 -2.99 6.30
CA PRO A 59 -3.67 -4.16 6.02
C PRO A 59 -2.28 -3.78 5.54
N ILE A 60 -1.36 -4.75 5.58
CA ILE A 60 0.02 -4.50 5.14
C ILE A 60 0.64 -5.77 4.57
N LYS A 61 1.50 -5.60 3.58
CA LYS A 61 2.18 -6.72 2.94
C LYS A 61 2.83 -7.63 3.98
N VAL A 62 2.70 -8.94 3.78
CA VAL A 62 3.28 -9.91 4.70
C VAL A 62 4.11 -10.95 3.96
N PRO A 63 5.07 -11.57 4.67
CA PRO A 63 5.94 -12.59 4.09
C PRO A 63 5.19 -13.89 3.78
N GLY A 64 5.19 -14.28 2.51
CA GLY A 64 4.51 -15.50 2.11
C GLY A 64 4.43 -15.65 0.60
N LYS A 65 3.24 -15.45 0.06
CA LYS A 65 3.03 -15.56 -1.38
C LYS A 65 1.59 -15.18 -1.76
N CYS A 66 1.46 -14.33 -2.77
CA CYS A 66 0.15 -13.88 -3.22
C CYS A 66 -0.47 -14.89 -4.18
N HIS A 67 -1.77 -15.12 -4.05
CA HIS A 67 -2.47 -16.06 -4.91
C HIS A 67 -2.31 -15.68 -6.38
N GLY A 1 -4.71 9.03 21.06
CA GLY A 1 -3.47 8.27 20.99
C GLY A 1 -3.27 7.62 19.64
N GLU A 2 -3.42 8.41 18.58
CA GLU A 2 -3.24 7.91 17.22
C GLU A 2 -1.85 7.31 17.04
N GLU A 3 -1.75 6.30 16.19
CA GLU A 3 -0.48 5.63 15.92
C GLU A 3 -0.44 5.06 14.51
N VAL A 4 0.51 5.53 13.71
CA VAL A 4 0.65 5.06 12.34
C VAL A 4 2.12 4.86 11.97
N ARG A 5 2.37 4.02 10.99
CA ARG A 5 3.73 3.74 10.54
C ARG A 5 3.79 3.61 9.02
N ASP A 6 4.95 3.90 8.45
CA ASP A 6 5.14 3.81 7.01
C ASP A 6 5.49 2.39 6.59
N ALA A 7 4.65 1.81 5.74
CA ALA A 7 4.86 0.46 5.26
C ALA A 7 4.18 0.24 3.91
N TYR A 8 4.61 -0.81 3.19
CA TYR A 8 4.04 -1.12 1.89
C TYR A 8 2.66 -1.76 2.03
N ILE A 9 1.64 -1.01 1.65
CA ILE A 9 0.27 -1.50 1.74
C ILE A 9 0.05 -2.69 0.81
N ALA A 10 -0.85 -3.58 1.20
CA ALA A 10 -1.15 -4.76 0.41
C ALA A 10 -2.61 -5.18 0.58
N GLN A 11 -3.25 -5.55 -0.54
CA GLN A 11 -4.64 -5.97 -0.51
C GLN A 11 -4.87 -7.04 0.55
N PRO A 12 -6.13 -7.18 0.99
CA PRO A 12 -6.50 -8.17 2.01
C PRO A 12 -6.42 -9.60 1.48
N HIS A 13 -6.23 -9.74 0.17
CA HIS A 13 -6.14 -11.05 -0.45
C HIS A 13 -4.68 -11.48 -0.59
N ASN A 14 -3.85 -11.08 0.37
CA ASN A 14 -2.44 -11.42 0.36
C ASN A 14 -1.81 -11.10 -1.00
N CYS A 15 -1.60 -9.81 -1.26
CA CYS A 15 -1.01 -9.37 -2.51
C CYS A 15 -0.75 -7.86 -2.48
N VAL A 16 0.05 -7.40 -3.44
CA VAL A 16 0.39 -5.98 -3.53
C VAL A 16 -0.61 -5.24 -4.41
N TYR A 17 -1.11 -4.11 -3.90
CA TYR A 17 -2.07 -3.30 -4.64
C TYR A 17 -1.50 -2.85 -5.98
N HIS A 18 -1.92 -3.50 -7.05
CA HIS A 18 -1.45 -3.17 -8.39
C HIS A 18 -2.03 -1.85 -8.86
N CYS A 19 -1.20 -0.81 -8.86
CA CYS A 19 -1.62 0.52 -9.28
C CYS A 19 -1.05 0.87 -10.65
N PHE A 20 -1.86 1.52 -11.48
CA PHE A 20 -1.44 1.92 -12.82
C PHE A 20 -0.44 3.06 -12.76
N ARG A 21 -0.69 4.02 -11.87
CA ARG A 21 0.19 5.16 -11.71
C ARG A 21 0.11 5.72 -10.29
N ASP A 22 1.10 6.53 -9.91
CA ASP A 22 1.13 7.13 -8.58
C ASP A 22 -0.19 7.84 -8.27
N SER A 23 -0.77 8.46 -9.30
CA SER A 23 -2.03 9.18 -9.13
C SER A 23 -3.09 8.28 -8.51
N TYR A 24 -3.01 6.99 -8.81
CA TYR A 24 -3.97 6.02 -8.29
C TYR A 24 -3.68 5.70 -6.83
N CYS A 25 -2.47 5.22 -6.56
CA CYS A 25 -2.06 4.87 -5.21
C CYS A 25 -2.22 6.06 -4.27
N ASN A 26 -1.97 7.27 -4.79
CA ASN A 26 -2.09 8.48 -4.01
C ASN A 26 -3.48 8.60 -3.38
N ASP A 27 -4.51 8.56 -4.22
CA ASP A 27 -5.88 8.66 -3.74
C ASP A 27 -6.31 7.36 -3.06
N LEU A 28 -5.84 6.23 -3.57
CA LEU A 28 -6.17 4.93 -3.00
C LEU A 28 -5.77 4.86 -1.54
N CYS A 29 -4.66 5.52 -1.21
CA CYS A 29 -4.17 5.53 0.17
C CYS A 29 -5.07 6.36 1.07
N ILE A 30 -5.62 7.45 0.51
CA ILE A 30 -6.49 8.33 1.26
C ILE A 30 -7.73 7.59 1.76
N LYS A 31 -8.33 6.79 0.88
CA LYS A 31 -9.52 6.03 1.22
C LYS A 31 -9.26 5.14 2.44
N HIS A 32 -8.04 4.61 2.53
CA HIS A 32 -7.66 3.75 3.64
C HIS A 32 -7.44 4.57 4.91
N GLY A 33 -7.02 5.81 4.74
CA GLY A 33 -6.78 6.68 5.89
C GLY A 33 -5.34 7.14 5.98
N ALA A 34 -4.71 7.31 4.83
CA ALA A 34 -3.31 7.75 4.78
C ALA A 34 -3.20 9.17 4.25
N GLU A 35 -2.05 9.80 4.48
CA GLU A 35 -1.82 11.16 4.03
C GLU A 35 -1.69 11.22 2.51
N SER A 36 -0.95 10.26 1.95
CA SER A 36 -0.74 10.20 0.51
C SER A 36 -0.24 8.82 0.10
N GLY A 37 0.02 8.67 -1.20
CA GLY A 37 0.50 7.39 -1.71
C GLY A 37 1.22 7.54 -3.04
N GLU A 38 2.25 6.72 -3.25
CA GLU A 38 3.01 6.76 -4.49
C GLU A 38 3.39 5.35 -4.94
N CYS A 39 3.58 5.18 -6.25
CA CYS A 39 3.95 3.89 -6.81
C CYS A 39 5.45 3.66 -6.72
N LYS A 40 5.84 2.41 -6.51
CA LYS A 40 7.25 2.05 -6.39
C LYS A 40 7.50 0.63 -6.92
N TRP A 41 8.39 0.52 -7.89
CA TRP A 41 8.72 -0.78 -8.48
C TRP A 41 9.72 -1.54 -7.61
N PHE A 42 9.20 -2.39 -6.74
CA PHE A 42 10.04 -3.18 -5.84
C PHE A 42 10.47 -4.48 -6.51
N THR A 43 9.58 -5.06 -7.32
CA THR A 43 9.87 -6.30 -8.01
C THR A 43 9.36 -6.26 -9.45
N SER A 44 9.57 -7.35 -10.18
CA SER A 44 9.14 -7.44 -11.57
C SER A 44 7.70 -7.94 -11.65
N SER A 45 6.93 -7.73 -10.59
CA SER A 45 5.54 -8.16 -10.54
C SER A 45 4.59 -6.98 -10.68
N GLY A 46 5.14 -5.84 -11.11
CA GLY A 46 4.33 -4.65 -11.28
C GLY A 46 4.61 -3.60 -10.22
N ASN A 47 4.28 -2.35 -10.52
CA ASN A 47 4.50 -1.26 -9.58
C ASN A 47 3.59 -1.39 -8.36
N ALA A 48 4.19 -1.43 -7.18
CA ALA A 48 3.43 -1.55 -5.95
C ALA A 48 2.97 -0.18 -5.45
N CYS A 49 1.99 -0.18 -4.55
CA CYS A 49 1.45 1.05 -4.00
C CYS A 49 2.01 1.31 -2.60
N TRP A 50 2.67 2.45 -2.42
CA TRP A 50 3.25 2.81 -1.14
C TRP A 50 2.33 3.76 -0.38
N CYS A 51 2.24 3.57 0.93
CA CYS A 51 1.40 4.42 1.77
C CYS A 51 2.20 5.02 2.91
N VAL A 52 1.98 6.31 3.17
CA VAL A 52 2.70 7.01 4.23
C VAL A 52 1.85 7.06 5.51
N LYS A 53 2.53 7.01 6.65
CA LYS A 53 1.84 7.06 7.94
C LYS A 53 0.56 6.23 7.90
N LEU A 54 0.63 5.05 7.32
CA LEU A 54 -0.52 4.16 7.22
C LEU A 54 -0.86 3.55 8.58
N PRO A 55 -2.16 3.57 8.92
CA PRO A 55 -2.65 3.02 10.20
C PRO A 55 -2.55 1.50 10.25
N LYS A 56 -2.28 0.97 11.43
CA LYS A 56 -2.17 -0.48 11.62
C LYS A 56 -3.46 -1.19 11.20
N SER A 57 -4.58 -0.50 11.38
CA SER A 57 -5.88 -1.06 11.02
C SER A 57 -5.88 -1.58 9.59
N GLU A 58 -5.16 -0.89 8.71
CA GLU A 58 -5.07 -1.28 7.32
C GLU A 58 -4.09 -2.45 7.14
N PRO A 59 -4.30 -3.23 6.07
CA PRO A 59 -3.45 -4.39 5.76
C PRO A 59 -2.06 -3.98 5.31
N ILE A 60 -1.13 -4.93 5.36
CA ILE A 60 0.25 -4.67 4.94
C ILE A 60 0.90 -5.90 4.36
N LYS A 61 1.84 -5.70 3.46
CA LYS A 61 2.55 -6.82 2.82
C LYS A 61 3.11 -7.77 3.86
N VAL A 62 2.84 -9.07 3.67
CA VAL A 62 3.31 -10.08 4.60
C VAL A 62 3.96 -11.25 3.85
N PRO A 63 4.84 -11.99 4.54
CA PRO A 63 5.54 -13.14 3.96
C PRO A 63 4.60 -14.32 3.71
N GLY A 64 4.52 -14.75 2.46
CA GLY A 64 3.66 -15.87 2.13
C GLY A 64 3.75 -16.25 0.66
N LYS A 65 2.82 -15.77 -0.14
CA LYS A 65 2.79 -16.06 -1.56
C LYS A 65 1.70 -15.25 -2.27
N CYS A 66 2.11 -14.35 -3.14
CA CYS A 66 1.16 -13.51 -3.88
C CYS A 66 0.54 -14.30 -5.04
N HIS A 67 -0.78 -14.37 -5.04
CA HIS A 67 -1.50 -15.09 -6.10
C HIS A 67 -2.75 -14.32 -6.51
N GLY A 1 -2.98 7.94 21.70
CA GLY A 1 -4.02 7.02 21.27
C GLY A 1 -3.83 6.56 19.83
N GLU A 2 -3.50 7.51 18.95
CA GLU A 2 -3.31 7.19 17.54
C GLU A 2 -1.87 6.73 17.28
N GLU A 3 -1.69 5.95 16.22
CA GLU A 3 -0.37 5.43 15.87
C GLU A 3 -0.36 4.91 14.44
N VAL A 4 0.60 5.39 13.65
CA VAL A 4 0.73 4.97 12.26
C VAL A 4 2.18 4.74 11.88
N ARG A 5 2.40 3.94 10.85
CA ARG A 5 3.75 3.64 10.39
C ARG A 5 3.80 3.54 8.87
N ASP A 6 4.96 3.83 8.29
CA ASP A 6 5.14 3.78 6.84
C ASP A 6 5.50 2.37 6.40
N ALA A 7 4.58 1.73 5.67
CA ALA A 7 4.79 0.37 5.18
C ALA A 7 4.12 0.16 3.83
N TYR A 8 4.52 -0.89 3.13
CA TYR A 8 3.95 -1.21 1.83
C TYR A 8 2.56 -1.82 1.97
N ILE A 9 1.54 -1.04 1.60
CA ILE A 9 0.16 -1.51 1.69
C ILE A 9 -0.08 -2.68 0.75
N ALA A 10 -0.99 -3.57 1.13
CA ALA A 10 -1.33 -4.73 0.32
C ALA A 10 -2.81 -5.09 0.45
N GLN A 11 -3.44 -5.41 -0.68
CA GLN A 11 -4.84 -5.76 -0.70
C GLN A 11 -5.14 -6.84 0.35
N PRO A 12 -6.42 -6.92 0.76
CA PRO A 12 -6.86 -7.91 1.75
C PRO A 12 -6.84 -9.33 1.21
N HIS A 13 -6.61 -9.46 -0.09
CA HIS A 13 -6.56 -10.77 -0.74
C HIS A 13 -5.13 -11.28 -0.84
N ASN A 14 -4.31 -10.91 0.15
CA ASN A 14 -2.90 -11.33 0.17
C ASN A 14 -2.23 -11.02 -1.17
N CYS A 15 -1.97 -9.74 -1.40
CA CYS A 15 -1.32 -9.31 -2.63
C CYS A 15 -0.98 -7.82 -2.58
N VAL A 16 -0.12 -7.39 -3.49
CA VAL A 16 0.29 -5.99 -3.56
C VAL A 16 -0.67 -5.17 -4.41
N TYR A 17 -1.16 -4.07 -3.85
CA TYR A 17 -2.08 -3.20 -4.57
C TYR A 17 -1.51 -2.76 -5.91
N HIS A 18 -2.11 -3.26 -7.00
CA HIS A 18 -1.67 -2.92 -8.34
C HIS A 18 -2.18 -1.55 -8.76
N CYS A 19 -1.27 -0.58 -8.82
CA CYS A 19 -1.63 0.78 -9.21
C CYS A 19 -1.14 1.09 -10.62
N PHE A 20 -2.00 1.73 -11.41
CA PHE A 20 -1.65 2.10 -12.78
C PHE A 20 -0.66 3.26 -12.80
N ARG A 21 -0.84 4.20 -11.88
CA ARG A 21 0.02 5.37 -11.81
C ARG A 21 0.05 5.91 -10.38
N ASP A 22 1.03 6.78 -10.11
CA ASP A 22 1.17 7.38 -8.79
C ASP A 22 -0.14 8.01 -8.33
N SER A 23 -0.78 8.76 -9.23
CA SER A 23 -2.03 9.42 -8.92
C SER A 23 -3.04 8.43 -8.33
N TYR A 24 -2.97 7.19 -8.81
CA TYR A 24 -3.88 6.15 -8.34
C TYR A 24 -3.59 5.79 -6.87
N CYS A 25 -2.36 5.37 -6.61
CA CYS A 25 -1.95 4.99 -5.26
C CYS A 25 -2.12 6.17 -4.30
N ASN A 26 -1.84 7.37 -4.80
CA ASN A 26 -1.96 8.58 -4.00
C ASN A 26 -3.34 8.71 -3.38
N ASP A 27 -4.36 8.73 -4.23
CA ASP A 27 -5.74 8.83 -3.77
C ASP A 27 -6.19 7.54 -3.11
N LEU A 28 -5.73 6.41 -3.63
CA LEU A 28 -6.09 5.10 -3.09
C LEU A 28 -5.75 5.02 -1.61
N CYS A 29 -4.64 5.65 -1.22
CA CYS A 29 -4.20 5.64 0.17
C CYS A 29 -5.11 6.52 1.03
N ILE A 30 -5.59 7.62 0.44
CA ILE A 30 -6.47 8.53 1.16
C ILE A 30 -7.67 7.80 1.74
N LYS A 31 -8.39 7.08 0.89
CA LYS A 31 -9.56 6.31 1.32
C LYS A 31 -9.23 5.43 2.52
N HIS A 32 -8.08 4.77 2.46
CA HIS A 32 -7.65 3.89 3.54
C HIS A 32 -7.42 4.69 4.82
N GLY A 33 -7.03 5.95 4.67
CA GLY A 33 -6.77 6.80 5.82
C GLY A 33 -5.33 7.23 5.91
N ALA A 34 -4.68 7.40 4.77
CA ALA A 34 -3.28 7.80 4.73
C ALA A 34 -3.14 9.24 4.23
N GLU A 35 -1.97 9.82 4.43
CA GLU A 35 -1.71 11.19 4.00
C GLU A 35 -1.54 11.26 2.48
N SER A 36 -0.80 10.30 1.93
CA SER A 36 -0.55 10.25 0.50
C SER A 36 -0.11 8.86 0.08
N GLY A 37 0.18 8.71 -1.22
CA GLY A 37 0.61 7.42 -1.73
C GLY A 37 1.33 7.54 -3.07
N GLU A 38 2.35 6.72 -3.26
CA GLU A 38 3.12 6.74 -4.50
C GLU A 38 3.49 5.33 -4.94
N CYS A 39 3.74 5.16 -6.23
CA CYS A 39 4.10 3.85 -6.78
C CYS A 39 5.60 3.62 -6.66
N LYS A 40 5.98 2.35 -6.49
CA LYS A 40 7.39 1.99 -6.37
C LYS A 40 7.65 0.60 -6.95
N TRP A 41 8.52 0.53 -7.95
CA TRP A 41 8.85 -0.74 -8.58
C TRP A 41 9.88 -1.51 -7.77
N PHE A 42 9.41 -2.30 -6.82
CA PHE A 42 10.30 -3.09 -5.96
C PHE A 42 10.61 -4.45 -6.60
N THR A 43 9.62 -5.01 -7.29
CA THR A 43 9.78 -6.30 -7.94
C THR A 43 9.31 -6.24 -9.39
N SER A 44 9.55 -7.33 -10.12
CA SER A 44 9.16 -7.40 -11.53
C SER A 44 7.73 -7.92 -11.66
N SER A 45 6.94 -7.74 -10.61
CA SER A 45 5.55 -8.19 -10.61
C SER A 45 4.59 -7.01 -10.75
N GLY A 46 5.13 -5.87 -11.16
CA GLY A 46 4.31 -4.68 -11.32
C GLY A 46 4.58 -3.64 -10.26
N ASN A 47 4.27 -2.38 -10.57
CA ASN A 47 4.47 -1.29 -9.63
C ASN A 47 3.53 -1.40 -8.45
N ALA A 48 4.11 -1.46 -7.25
CA ALA A 48 3.31 -1.56 -6.02
C ALA A 48 2.89 -0.19 -5.52
N CYS A 49 1.89 -0.16 -4.64
CA CYS A 49 1.40 1.09 -4.08
C CYS A 49 1.94 1.30 -2.67
N TRP A 50 2.65 2.41 -2.48
CA TRP A 50 3.22 2.74 -1.18
C TRP A 50 2.34 3.73 -0.42
N CYS A 51 2.17 3.50 0.87
CA CYS A 51 1.36 4.38 1.70
C CYS A 51 2.17 4.96 2.85
N VAL A 52 2.01 6.25 3.10
CA VAL A 52 2.72 6.93 4.18
C VAL A 52 1.89 7.00 5.44
N LYS A 53 2.55 6.94 6.59
CA LYS A 53 1.87 7.00 7.88
C LYS A 53 0.57 6.21 7.84
N LEU A 54 0.62 5.03 7.23
CA LEU A 54 -0.56 4.17 7.12
C LEU A 54 -0.90 3.55 8.47
N PRO A 55 -2.19 3.59 8.83
CA PRO A 55 -2.68 3.04 10.10
C PRO A 55 -2.62 1.51 10.13
N LYS A 56 -2.35 0.95 11.30
CA LYS A 56 -2.27 -0.49 11.46
C LYS A 56 -3.58 -1.16 11.06
N SER A 57 -4.69 -0.45 11.25
CA SER A 57 -6.00 -0.98 10.91
C SER A 57 -6.03 -1.50 9.47
N GLU A 58 -5.30 -0.82 8.60
CA GLU A 58 -5.23 -1.21 7.19
C GLU A 58 -4.29 -2.39 7.00
N PRO A 59 -4.52 -3.16 5.93
CA PRO A 59 -3.70 -4.34 5.60
C PRO A 59 -2.30 -3.95 5.15
N ILE A 60 -1.39 -4.93 5.19
CA ILE A 60 -0.01 -4.69 4.77
C ILE A 60 0.61 -5.96 4.18
N LYS A 61 1.70 -5.79 3.46
CA LYS A 61 2.40 -6.91 2.84
C LYS A 61 3.03 -7.81 3.90
N VAL A 62 2.80 -9.11 3.78
CA VAL A 62 3.35 -10.08 4.73
C VAL A 62 4.30 -11.03 4.04
N PRO A 63 5.22 -11.63 4.82
CA PRO A 63 6.22 -12.57 4.30
C PRO A 63 5.58 -13.90 3.89
N GLY A 64 5.82 -14.30 2.65
CA GLY A 64 5.26 -15.55 2.16
C GLY A 64 5.15 -15.57 0.64
N LYS A 65 3.92 -15.66 0.15
CA LYS A 65 3.66 -15.69 -1.29
C LYS A 65 2.22 -15.31 -1.60
N CYS A 66 2.03 -14.61 -2.71
CA CYS A 66 0.69 -14.19 -3.12
C CYS A 66 -0.10 -15.36 -3.71
N HIS A 67 -1.38 -15.41 -3.37
CA HIS A 67 -2.25 -16.49 -3.86
C HIS A 67 -2.41 -16.40 -5.38
N GLY A 1 -2.76 8.57 21.50
CA GLY A 1 -3.78 7.62 21.13
C GLY A 1 -3.54 7.03 19.74
N GLU A 2 -3.66 7.85 18.72
CA GLU A 2 -3.45 7.41 17.34
C GLU A 2 -2.05 6.85 17.16
N GLU A 3 -1.91 5.92 16.21
CA GLU A 3 -0.61 5.31 15.94
C GLU A 3 -0.56 4.79 14.51
N VAL A 4 0.45 5.24 13.76
CA VAL A 4 0.61 4.82 12.38
C VAL A 4 2.08 4.60 12.04
N ARG A 5 2.34 3.96 10.91
CA ARG A 5 3.71 3.69 10.48
C ARG A 5 3.79 3.60 8.95
N ASP A 6 5.00 3.75 8.42
CA ASP A 6 5.22 3.69 6.98
C ASP A 6 5.53 2.26 6.53
N ALA A 7 4.66 1.71 5.70
CA ALA A 7 4.85 0.35 5.19
C ALA A 7 4.17 0.17 3.83
N TYR A 8 4.49 -0.94 3.17
CA TYR A 8 3.92 -1.23 1.86
C TYR A 8 2.52 -1.83 1.99
N ILE A 9 1.52 -1.06 1.57
CA ILE A 9 0.13 -1.51 1.63
C ILE A 9 -0.11 -2.70 0.71
N ALA A 10 -1.03 -3.57 1.09
CA ALA A 10 -1.37 -4.74 0.30
C ALA A 10 -2.83 -5.10 0.43
N GLN A 11 -3.47 -5.42 -0.69
CA GLN A 11 -4.89 -5.79 -0.69
C GLN A 11 -5.17 -6.87 0.35
N PRO A 12 -6.43 -6.96 0.77
CA PRO A 12 -6.87 -7.95 1.77
C PRO A 12 -6.84 -9.37 1.23
N HIS A 13 -6.62 -9.50 -0.08
CA HIS A 13 -6.58 -10.81 -0.72
C HIS A 13 -5.14 -11.30 -0.84
N ASN A 14 -4.32 -10.95 0.14
CA ASN A 14 -2.91 -11.35 0.15
C ASN A 14 -2.26 -11.03 -1.18
N CYS A 15 -1.99 -9.76 -1.41
CA CYS A 15 -1.35 -9.32 -2.65
C CYS A 15 -1.00 -7.84 -2.60
N VAL A 16 -0.15 -7.40 -3.52
CA VAL A 16 0.26 -6.00 -3.57
C VAL A 16 -0.68 -5.18 -4.45
N TYR A 17 -1.17 -4.08 -3.90
CA TYR A 17 -2.10 -3.21 -4.63
C TYR A 17 -1.48 -2.77 -5.96
N HIS A 18 -1.99 -3.33 -7.05
CA HIS A 18 -1.50 -3.00 -8.38
C HIS A 18 -2.03 -1.65 -8.83
N CYS A 19 -1.16 -0.64 -8.84
CA CYS A 19 -1.55 0.70 -9.26
C CYS A 19 -0.98 1.03 -10.64
N PHE A 20 -1.80 1.66 -11.47
CA PHE A 20 -1.38 2.04 -12.82
C PHE A 20 -0.40 3.21 -12.77
N ARG A 21 -0.66 4.15 -11.88
CA ARG A 21 0.19 5.33 -11.74
C ARG A 21 0.12 5.88 -10.32
N ASP A 22 1.12 6.68 -9.96
CA ASP A 22 1.18 7.28 -8.63
C ASP A 22 -0.14 7.98 -8.29
N SER A 23 -0.74 8.61 -9.30
CA SER A 23 -2.00 9.33 -9.10
C SER A 23 -3.05 8.42 -8.49
N TYR A 24 -2.97 7.13 -8.81
CA TYR A 24 -3.92 6.15 -8.30
C TYR A 24 -3.62 5.82 -6.84
N CYS A 25 -2.40 5.35 -6.58
CA CYS A 25 -1.99 5.00 -5.23
C CYS A 25 -2.14 6.19 -4.28
N ASN A 26 -1.89 7.38 -4.80
CA ASN A 26 -2.00 8.59 -4.00
C ASN A 26 -3.38 8.71 -3.37
N ASP A 27 -4.42 8.69 -4.21
CA ASP A 27 -5.79 8.79 -3.72
C ASP A 27 -6.22 7.49 -3.05
N LEU A 28 -5.75 6.37 -3.57
CA LEU A 28 -6.09 5.06 -3.02
C LEU A 28 -5.70 4.97 -1.55
N CYS A 29 -4.59 5.64 -1.20
CA CYS A 29 -4.11 5.63 0.17
C CYS A 29 -5.00 6.49 1.07
N ILE A 30 -5.51 7.58 0.50
CA ILE A 30 -6.38 8.48 1.25
C ILE A 30 -7.62 7.76 1.75
N LYS A 31 -8.28 7.04 0.85
CA LYS A 31 -9.49 6.30 1.20
C LYS A 31 -9.24 5.40 2.40
N HIS A 32 -8.04 4.84 2.49
CA HIS A 32 -7.68 3.96 3.60
C HIS A 32 -7.43 4.77 4.87
N GLY A 33 -6.97 6.00 4.70
CA GLY A 33 -6.71 6.85 5.85
C GLY A 33 -5.25 7.25 5.95
N ALA A 34 -4.59 7.39 4.80
CA ALA A 34 -3.19 7.77 4.76
C ALA A 34 -3.01 9.18 4.21
N GLU A 35 -1.87 9.79 4.51
CA GLU A 35 -1.59 11.15 4.05
C GLU A 35 -1.50 11.19 2.53
N SER A 36 -0.78 10.22 1.95
CA SER A 36 -0.62 10.16 0.51
C SER A 36 -0.13 8.77 0.08
N GLY A 37 0.14 8.61 -1.21
CA GLY A 37 0.61 7.34 -1.73
C GLY A 37 1.32 7.48 -3.05
N GLU A 38 2.38 6.70 -3.25
CA GLU A 38 3.15 6.75 -4.49
C GLU A 38 3.49 5.34 -4.96
N CYS A 39 3.71 5.18 -6.26
CA CYS A 39 4.05 3.89 -6.83
C CYS A 39 5.55 3.62 -6.71
N LYS A 40 5.91 2.36 -6.54
CA LYS A 40 7.31 1.96 -6.40
C LYS A 40 7.53 0.56 -6.97
N TRP A 41 8.41 0.46 -7.95
CA TRP A 41 8.72 -0.82 -8.58
C TRP A 41 9.72 -1.60 -7.74
N PHE A 42 9.22 -2.46 -6.86
CA PHE A 42 10.07 -3.26 -5.99
C PHE A 42 10.44 -4.58 -6.67
N THR A 43 9.51 -5.13 -7.44
CA THR A 43 9.75 -6.38 -8.15
C THR A 43 9.22 -6.31 -9.58
N SER A 44 9.40 -7.39 -10.32
CA SER A 44 8.95 -7.46 -11.71
C SER A 44 7.52 -7.94 -11.79
N SER A 45 6.76 -7.74 -10.72
CA SER A 45 5.37 -8.16 -10.66
C SER A 45 4.43 -6.97 -10.79
N GLY A 46 4.99 -5.83 -11.21
CA GLY A 46 4.18 -4.63 -11.36
C GLY A 46 4.48 -3.60 -10.28
N ASN A 47 4.19 -2.34 -10.57
CA ASN A 47 4.43 -1.25 -9.63
C ASN A 47 3.50 -1.36 -8.43
N ALA A 48 4.09 -1.44 -7.24
CA ALA A 48 3.31 -1.54 -6.01
C ALA A 48 2.90 -0.17 -5.51
N CYS A 49 1.91 -0.14 -4.62
CA CYS A 49 1.41 1.11 -4.05
C CYS A 49 1.97 1.33 -2.65
N TRP A 50 2.69 2.43 -2.46
CA TRP A 50 3.27 2.76 -1.16
C TRP A 50 2.37 3.72 -0.39
N CYS A 51 2.27 3.51 0.92
CA CYS A 51 1.45 4.35 1.77
C CYS A 51 2.26 4.93 2.93
N VAL A 52 2.04 6.20 3.23
CA VAL A 52 2.75 6.86 4.32
C VAL A 52 1.91 6.91 5.58
N LYS A 53 2.57 6.83 6.73
CA LYS A 53 1.88 6.86 8.02
C LYS A 53 0.58 6.08 7.95
N LEU A 54 0.63 4.90 7.34
CA LEU A 54 -0.55 4.06 7.21
C LEU A 54 -0.94 3.45 8.56
N PRO A 55 -2.23 3.51 8.89
CA PRO A 55 -2.76 2.98 10.15
C PRO A 55 -2.72 1.45 10.19
N LYS A 56 -2.48 0.89 11.37
CA LYS A 56 -2.42 -0.55 11.55
C LYS A 56 -3.73 -1.20 11.11
N SER A 57 -4.83 -0.49 11.27
CA SER A 57 -6.15 -1.00 10.90
C SER A 57 -6.13 -1.50 9.46
N GLU A 58 -5.38 -0.82 8.60
CA GLU A 58 -5.29 -1.20 7.20
C GLU A 58 -4.34 -2.38 7.02
N PRO A 59 -4.55 -3.14 5.94
CA PRO A 59 -3.72 -4.32 5.62
C PRO A 59 -2.31 -3.93 5.19
N ILE A 60 -1.40 -4.88 5.26
CA ILE A 60 -0.01 -4.65 4.87
C ILE A 60 0.63 -5.91 4.32
N LYS A 61 1.56 -5.73 3.38
CA LYS A 61 2.26 -6.86 2.78
C LYS A 61 2.92 -7.74 3.84
N VAL A 62 2.71 -9.04 3.73
CA VAL A 62 3.28 -9.99 4.68
C VAL A 62 4.28 -10.93 4.00
N PRO A 63 5.21 -11.48 4.80
CA PRO A 63 6.24 -12.39 4.30
C PRO A 63 5.66 -13.74 3.88
N GLY A 64 5.93 -14.12 2.64
CA GLY A 64 5.43 -15.39 2.12
C GLY A 64 5.32 -15.40 0.62
N LYS A 65 4.10 -15.54 0.11
CA LYS A 65 3.86 -15.58 -1.32
C LYS A 65 2.41 -15.22 -1.64
N CYS A 66 2.20 -14.58 -2.79
CA CYS A 66 0.87 -14.19 -3.21
C CYS A 66 0.13 -15.35 -3.87
N HIS A 67 -1.16 -15.46 -3.61
CA HIS A 67 -1.97 -16.53 -4.18
C HIS A 67 -2.40 -16.19 -5.59
N GLY A 1 -5.20 7.66 21.25
CA GLY A 1 -4.04 6.81 21.11
C GLY A 1 -3.71 6.47 19.68
N GLU A 2 -3.81 7.47 18.81
CA GLU A 2 -3.53 7.28 17.38
C GLU A 2 -2.08 6.86 17.17
N GLU A 3 -1.85 6.02 16.17
CA GLU A 3 -0.51 5.54 15.87
C GLU A 3 -0.44 4.99 14.44
N VAL A 4 0.52 5.49 13.67
CA VAL A 4 0.70 5.05 12.29
C VAL A 4 2.16 4.85 11.95
N ARG A 5 2.43 4.19 10.84
CA ARG A 5 3.80 3.94 10.41
C ARG A 5 3.88 3.83 8.88
N ASP A 6 5.09 3.99 8.34
CA ASP A 6 5.30 3.91 6.91
C ASP A 6 5.62 2.48 6.48
N ALA A 7 4.75 1.90 5.66
CA ALA A 7 4.95 0.54 5.18
C ALA A 7 4.26 0.32 3.84
N TYR A 8 4.62 -0.76 3.16
CA TYR A 8 4.06 -1.08 1.86
C TYR A 8 2.67 -1.71 2.01
N ILE A 9 1.64 -0.97 1.60
CA ILE A 9 0.28 -1.46 1.68
C ILE A 9 0.05 -2.65 0.76
N ALA A 10 -0.85 -3.54 1.15
CA ALA A 10 -1.16 -4.72 0.35
C ALA A 10 -2.61 -5.14 0.54
N GLN A 11 -3.28 -5.46 -0.57
CA GLN A 11 -4.67 -5.88 -0.54
C GLN A 11 -4.88 -6.98 0.50
N PRO A 12 -6.13 -7.12 0.96
CA PRO A 12 -6.51 -8.13 1.96
C PRO A 12 -6.44 -9.55 1.40
N HIS A 13 -6.23 -9.66 0.09
CA HIS A 13 -6.15 -10.96 -0.57
C HIS A 13 -4.70 -11.41 -0.69
N ASN A 14 -3.88 -11.03 0.28
CA ASN A 14 -2.46 -11.40 0.26
C ASN A 14 -1.84 -11.07 -1.08
N CYS A 15 -1.60 -9.78 -1.33
CA CYS A 15 -0.99 -9.34 -2.58
C CYS A 15 -0.66 -7.85 -2.52
N VAL A 16 0.23 -7.41 -3.40
CA VAL A 16 0.63 -6.01 -3.46
C VAL A 16 -0.36 -5.19 -4.29
N TYR A 17 -0.80 -4.07 -3.74
CA TYR A 17 -1.74 -3.19 -4.44
C TYR A 17 -1.15 -2.71 -5.76
N HIS A 18 -1.66 -3.26 -6.86
CA HIS A 18 -1.19 -2.88 -8.19
C HIS A 18 -1.85 -1.58 -8.64
N CYS A 19 -1.04 -0.52 -8.72
CA CYS A 19 -1.54 0.79 -9.15
C CYS A 19 -1.07 1.12 -10.56
N PHE A 20 -1.99 1.64 -11.36
CA PHE A 20 -1.67 2.00 -12.74
C PHE A 20 -0.72 3.21 -12.79
N ARG A 21 -0.92 4.14 -11.88
CA ARG A 21 -0.08 5.33 -11.82
C ARG A 21 -0.05 5.91 -10.40
N ASP A 22 0.90 6.80 -10.15
CA ASP A 22 1.04 7.42 -8.84
C ASP A 22 -0.28 8.02 -8.37
N SER A 23 -0.95 8.75 -9.27
CA SER A 23 -2.22 9.38 -8.94
C SER A 23 -3.19 8.36 -8.34
N TYR A 24 -3.10 7.12 -8.80
CA TYR A 24 -3.97 6.05 -8.32
C TYR A 24 -3.66 5.72 -6.87
N CYS A 25 -2.42 5.33 -6.61
CA CYS A 25 -2.00 4.99 -5.25
C CYS A 25 -2.17 6.17 -4.30
N ASN A 26 -1.94 7.37 -4.82
CA ASN A 26 -2.07 8.59 -4.03
C ASN A 26 -3.45 8.67 -3.39
N ASP A 27 -4.48 8.65 -4.23
CA ASP A 27 -5.86 8.74 -3.75
C ASP A 27 -6.28 7.43 -3.08
N LEU A 28 -5.78 6.32 -3.61
CA LEU A 28 -6.10 5.00 -3.05
C LEU A 28 -5.71 4.92 -1.59
N CYS A 29 -4.61 5.59 -1.24
CA CYS A 29 -4.13 5.59 0.14
C CYS A 29 -5.03 6.44 1.03
N ILE A 30 -5.55 7.53 0.49
CA ILE A 30 -6.43 8.42 1.23
C ILE A 30 -7.67 7.68 1.74
N LYS A 31 -8.29 6.91 0.84
CA LYS A 31 -9.48 6.15 1.20
C LYS A 31 -9.22 5.25 2.41
N HIS A 32 -8.00 4.73 2.48
CA HIS A 32 -7.62 3.85 3.59
C HIS A 32 -7.38 4.65 4.87
N GLY A 33 -6.96 5.91 4.70
CA GLY A 33 -6.71 6.76 5.85
C GLY A 33 -5.26 7.20 5.94
N ALA A 34 -4.62 7.37 4.78
CA ALA A 34 -3.22 7.79 4.74
C ALA A 34 -3.09 9.22 4.21
N GLU A 35 -1.93 9.83 4.44
CA GLU A 35 -1.68 11.19 3.99
C GLU A 35 -1.56 11.24 2.47
N SER A 36 -0.84 10.28 1.90
CA SER A 36 -0.65 10.23 0.45
C SER A 36 -0.17 8.85 0.03
N GLY A 37 0.10 8.69 -1.26
CA GLY A 37 0.57 7.41 -1.79
C GLY A 37 1.25 7.55 -3.13
N GLU A 38 2.29 6.75 -3.35
CA GLU A 38 3.03 6.78 -4.60
C GLU A 38 3.41 5.38 -5.05
N CYS A 39 3.59 5.20 -6.36
CA CYS A 39 3.95 3.91 -6.92
C CYS A 39 5.45 3.68 -6.82
N LYS A 40 5.84 2.43 -6.61
CA LYS A 40 7.25 2.07 -6.49
C LYS A 40 7.50 0.66 -7.03
N TRP A 41 8.35 0.56 -8.05
CA TRP A 41 8.67 -0.73 -8.64
C TRP A 41 9.73 -1.46 -7.82
N PHE A 42 9.27 -2.31 -6.90
CA PHE A 42 10.17 -3.07 -6.04
C PHE A 42 10.56 -4.39 -6.69
N THR A 43 9.61 -4.99 -7.42
CA THR A 43 9.86 -6.25 -8.09
C THR A 43 9.32 -6.22 -9.52
N SER A 44 9.52 -7.32 -10.24
CA SER A 44 9.06 -7.42 -11.63
C SER A 44 7.63 -7.94 -11.68
N SER A 45 6.89 -7.73 -10.61
CA SER A 45 5.50 -8.19 -10.54
C SER A 45 4.53 -7.01 -10.66
N GLY A 46 5.05 -5.88 -11.11
CA GLY A 46 4.22 -4.69 -11.27
C GLY A 46 4.51 -3.64 -10.24
N ASN A 47 4.19 -2.39 -10.56
CA ASN A 47 4.42 -1.28 -9.63
C ASN A 47 3.50 -1.38 -8.42
N ALA A 48 4.10 -1.42 -7.24
CA ALA A 48 3.33 -1.51 -5.99
C ALA A 48 2.91 -0.13 -5.50
N CYS A 49 1.93 -0.10 -4.60
CA CYS A 49 1.43 1.16 -4.06
C CYS A 49 1.99 1.40 -2.67
N TRP A 50 2.70 2.51 -2.50
CA TRP A 50 3.29 2.87 -1.21
C TRP A 50 2.39 3.82 -0.44
N CYS A 51 2.27 3.59 0.86
CA CYS A 51 1.43 4.44 1.72
C CYS A 51 2.24 5.02 2.85
N VAL A 52 2.04 6.31 3.12
CA VAL A 52 2.76 7.00 4.19
C VAL A 52 1.92 7.06 5.47
N LYS A 53 2.59 7.00 6.61
CA LYS A 53 1.90 7.05 7.90
C LYS A 53 0.61 6.24 7.85
N LEU A 54 0.68 5.04 7.29
CA LEU A 54 -0.50 4.18 7.18
C LEU A 54 -0.84 3.58 8.55
N PRO A 55 -2.14 3.62 8.89
CA PRO A 55 -2.65 3.08 10.15
C PRO A 55 -2.58 1.56 10.21
N LYS A 56 -2.32 1.03 11.40
CA LYS A 56 -2.23 -0.42 11.59
C LYS A 56 -3.52 -1.11 11.16
N SER A 57 -4.64 -0.41 11.32
CA SER A 57 -5.94 -0.95 10.96
C SER A 57 -5.92 -1.48 9.53
N GLU A 58 -5.18 -0.79 8.66
CA GLU A 58 -5.08 -1.19 7.26
C GLU A 58 -4.11 -2.35 7.09
N PRO A 59 -4.31 -3.14 6.02
CA PRO A 59 -3.46 -4.30 5.73
C PRO A 59 -2.06 -3.89 5.29
N ILE A 60 -1.13 -4.83 5.35
CA ILE A 60 0.25 -4.57 4.95
C ILE A 60 0.92 -5.82 4.40
N LYS A 61 1.84 -5.64 3.47
CA LYS A 61 2.55 -6.76 2.86
C LYS A 61 3.16 -7.66 3.93
N VAL A 62 2.89 -8.96 3.81
CA VAL A 62 3.41 -9.92 4.77
C VAL A 62 4.07 -11.10 4.06
N PRO A 63 5.00 -11.78 4.76
CA PRO A 63 5.72 -12.94 4.22
C PRO A 63 4.82 -14.15 4.04
N GLY A 64 4.71 -14.62 2.80
CA GLY A 64 3.88 -15.77 2.51
C GLY A 64 3.94 -16.18 1.05
N LYS A 65 2.81 -16.08 0.36
CA LYS A 65 2.73 -16.45 -1.05
C LYS A 65 1.50 -15.83 -1.71
N CYS A 66 1.73 -14.90 -2.63
CA CYS A 66 0.64 -14.24 -3.33
C CYS A 66 -0.04 -15.18 -4.31
N HIS A 67 -1.37 -15.12 -4.38
CA HIS A 67 -2.12 -15.97 -5.28
C HIS A 67 -2.90 -15.14 -6.29
N GLY A 1 -3.68 4.47 21.66
CA GLY A 1 -4.23 5.63 20.98
C GLY A 1 -3.79 5.71 19.53
N GLU A 2 -3.84 6.90 18.96
CA GLU A 2 -3.44 7.11 17.58
C GLU A 2 -2.00 6.65 17.34
N GLU A 3 -1.79 5.95 16.24
CA GLU A 3 -0.46 5.45 15.91
C GLU A 3 -0.42 4.94 14.46
N VAL A 4 0.59 5.39 13.72
CA VAL A 4 0.74 4.99 12.33
C VAL A 4 2.21 4.77 11.99
N ARG A 5 2.46 4.11 10.86
CA ARG A 5 3.82 3.84 10.41
C ARG A 5 3.88 3.73 8.89
N ASP A 6 5.09 3.89 8.35
CA ASP A 6 5.29 3.83 6.90
C ASP A 6 5.59 2.40 6.46
N ALA A 7 4.71 1.84 5.64
CA ALA A 7 4.89 0.48 5.15
C ALA A 7 4.20 0.28 3.79
N TYR A 8 4.54 -0.81 3.12
CA TYR A 8 3.95 -1.10 1.82
C TYR A 8 2.56 -1.71 1.97
N ILE A 9 1.55 -0.96 1.54
CA ILE A 9 0.17 -1.42 1.62
C ILE A 9 -0.07 -2.61 0.69
N ALA A 10 -0.98 -3.49 1.09
CA ALA A 10 -1.32 -4.67 0.30
C ALA A 10 -2.78 -5.04 0.45
N GLN A 11 -3.42 -5.39 -0.66
CA GLN A 11 -4.83 -5.78 -0.65
C GLN A 11 -5.09 -6.84 0.42
N PRO A 12 -6.36 -6.95 0.85
CA PRO A 12 -6.77 -7.92 1.88
C PRO A 12 -6.72 -9.35 1.35
N HIS A 13 -6.51 -9.49 0.05
CA HIS A 13 -6.45 -10.82 -0.57
C HIS A 13 -5.00 -11.30 -0.68
N ASN A 14 -4.18 -10.91 0.29
CA ASN A 14 -2.77 -11.30 0.29
C ASN A 14 -2.11 -11.00 -1.06
N CYS A 15 -1.87 -9.72 -1.31
CA CYS A 15 -1.24 -9.31 -2.57
C CYS A 15 -0.92 -7.81 -2.55
N VAL A 16 -0.07 -7.39 -3.46
CA VAL A 16 0.33 -5.98 -3.55
C VAL A 16 -0.64 -5.20 -4.44
N TYR A 17 -1.17 -4.11 -3.91
CA TYR A 17 -2.11 -3.28 -4.66
C TYR A 17 -1.52 -2.88 -6.00
N HIS A 18 -2.16 -3.32 -7.09
CA HIS A 18 -1.70 -3.01 -8.43
C HIS A 18 -2.17 -1.62 -8.86
N CYS A 19 -1.24 -0.67 -8.90
CA CYS A 19 -1.56 0.69 -9.29
C CYS A 19 -1.02 1.00 -10.68
N PHE A 20 -1.80 1.77 -11.46
CA PHE A 20 -1.40 2.14 -12.80
C PHE A 20 -0.41 3.30 -12.79
N ARG A 21 -0.63 4.24 -11.88
CA ARG A 21 0.24 5.41 -11.74
C ARG A 21 0.22 5.95 -10.32
N ASP A 22 1.22 6.74 -9.98
CA ASP A 22 1.32 7.33 -8.65
C ASP A 22 0.03 8.04 -8.28
N SER A 23 -0.60 8.67 -9.27
CA SER A 23 -1.85 9.40 -9.03
C SER A 23 -2.91 8.48 -8.43
N TYR A 24 -2.91 7.23 -8.87
CA TYR A 24 -3.87 6.24 -8.38
C TYR A 24 -3.60 5.89 -6.92
N CYS A 25 -2.37 5.47 -6.64
CA CYS A 25 -1.98 5.10 -5.29
C CYS A 25 -2.13 6.28 -4.34
N ASN A 26 -1.84 7.48 -4.84
CA ASN A 26 -1.95 8.70 -4.04
C ASN A 26 -3.35 8.82 -3.42
N ASP A 27 -4.36 8.84 -4.28
CA ASP A 27 -5.74 8.95 -3.82
C ASP A 27 -6.20 7.67 -3.16
N LEU A 28 -5.74 6.53 -3.69
CA LEU A 28 -6.11 5.23 -3.15
C LEU A 28 -5.71 5.11 -1.69
N CYS A 29 -4.59 5.73 -1.34
CA CYS A 29 -4.10 5.70 0.04
C CYS A 29 -4.98 6.53 0.95
N ILE A 30 -5.50 7.63 0.43
CA ILE A 30 -6.38 8.52 1.20
C ILE A 30 -7.62 7.79 1.68
N LYS A 31 -8.26 7.06 0.76
CA LYS A 31 -9.47 6.31 1.08
C LYS A 31 -9.23 5.38 2.27
N HIS A 32 -8.02 4.84 2.36
CA HIS A 32 -7.67 3.94 3.45
C HIS A 32 -7.43 4.72 4.75
N GLY A 33 -6.98 5.96 4.60
CA GLY A 33 -6.72 6.79 5.76
C GLY A 33 -5.27 7.21 5.88
N ALA A 34 -4.62 7.40 4.72
CA ALA A 34 -3.22 7.79 4.69
C ALA A 34 -3.07 9.23 4.18
N GLU A 35 -1.93 9.84 4.48
CA GLU A 35 -1.67 11.20 4.05
C GLU A 35 -1.53 11.28 2.53
N SER A 36 -0.79 10.33 1.96
CA SER A 36 -0.56 10.30 0.52
C SER A 36 -0.06 8.92 0.09
N GLY A 37 0.14 8.75 -1.22
CA GLY A 37 0.61 7.49 -1.73
C GLY A 37 1.33 7.64 -3.06
N GLU A 38 2.35 6.81 -3.27
CA GLU A 38 3.13 6.86 -4.51
C GLU A 38 3.47 5.45 -4.99
N CYS A 39 3.70 5.32 -6.29
CA CYS A 39 4.03 4.03 -6.89
C CYS A 39 5.53 3.77 -6.80
N LYS A 40 5.88 2.49 -6.65
CA LYS A 40 7.29 2.10 -6.55
C LYS A 40 7.50 0.69 -7.08
N TRP A 41 8.37 0.55 -8.07
CA TRP A 41 8.67 -0.74 -8.67
C TRP A 41 9.66 -1.52 -7.82
N PHE A 42 9.14 -2.39 -6.94
CA PHE A 42 9.98 -3.20 -6.07
C PHE A 42 10.38 -4.50 -6.76
N THR A 43 9.46 -5.05 -7.55
CA THR A 43 9.72 -6.30 -8.25
C THR A 43 9.17 -6.25 -9.68
N SER A 44 9.36 -7.33 -10.42
CA SER A 44 8.88 -7.41 -11.79
C SER A 44 7.45 -7.92 -11.85
N SER A 45 6.71 -7.71 -10.76
CA SER A 45 5.32 -8.15 -10.68
C SER A 45 4.37 -6.96 -10.79
N GLY A 46 4.90 -5.83 -11.24
CA GLY A 46 4.09 -4.64 -11.39
C GLY A 46 4.39 -3.59 -10.33
N ASN A 47 4.09 -2.33 -10.64
CA ASN A 47 4.34 -1.24 -9.70
C ASN A 47 3.42 -1.34 -8.49
N ALA A 48 4.02 -1.39 -7.31
CA ALA A 48 3.25 -1.49 -6.07
C ALA A 48 2.85 -0.11 -5.56
N CYS A 49 1.88 -0.08 -4.67
CA CYS A 49 1.40 1.18 -4.11
C CYS A 49 1.96 1.40 -2.70
N TRP A 50 2.68 2.50 -2.53
CA TRP A 50 3.26 2.84 -1.24
C TRP A 50 2.38 3.80 -0.46
N CYS A 51 2.27 3.59 0.85
CA CYS A 51 1.45 4.44 1.70
C CYS A 51 2.28 5.01 2.85
N VAL A 52 2.05 6.29 3.16
CA VAL A 52 2.76 6.95 4.23
C VAL A 52 1.93 7.01 5.51
N LYS A 53 2.59 6.94 6.65
CA LYS A 53 1.90 6.98 7.94
C LYS A 53 0.60 6.19 7.89
N LEU A 54 0.65 5.02 7.27
CA LEU A 54 -0.52 4.16 7.15
C LEU A 54 -0.89 3.56 8.51
N PRO A 55 -2.18 3.61 8.85
CA PRO A 55 -2.70 3.07 10.12
C PRO A 55 -2.64 1.55 10.16
N LYS A 56 -2.44 1.00 11.36
CA LYS A 56 -2.37 -0.44 11.53
C LYS A 56 -3.67 -1.10 11.10
N SER A 57 -4.78 -0.39 11.27
CA SER A 57 -6.09 -0.90 10.90
C SER A 57 -6.09 -1.42 9.47
N GLU A 58 -5.34 -0.74 8.60
CA GLU A 58 -5.26 -1.14 7.20
C GLU A 58 -4.29 -2.30 7.02
N PRO A 59 -4.50 -3.08 5.95
CA PRO A 59 -3.67 -4.25 5.63
C PRO A 59 -2.26 -3.84 5.20
N ILE A 60 -1.33 -4.79 5.28
CA ILE A 60 0.05 -4.53 4.89
C ILE A 60 0.71 -5.80 4.35
N LYS A 61 1.67 -5.62 3.45
CA LYS A 61 2.38 -6.74 2.86
C LYS A 61 2.98 -7.65 3.94
N VAL A 62 2.70 -8.94 3.84
CA VAL A 62 3.21 -9.91 4.81
C VAL A 62 4.13 -10.92 4.14
N PRO A 63 5.03 -11.52 4.94
CA PRO A 63 5.98 -12.52 4.45
C PRO A 63 5.31 -13.83 4.06
N GLY A 64 5.62 -14.31 2.86
CA GLY A 64 5.03 -15.56 2.40
C GLY A 64 4.97 -15.63 0.88
N LYS A 65 3.75 -15.57 0.34
CA LYS A 65 3.56 -15.63 -1.10
C LYS A 65 2.13 -15.25 -1.48
N CYS A 66 1.98 -14.62 -2.64
CA CYS A 66 0.67 -14.20 -3.12
C CYS A 66 -0.09 -15.37 -3.72
N HIS A 67 -1.40 -15.42 -3.45
CA HIS A 67 -2.25 -16.48 -3.97
C HIS A 67 -1.68 -17.85 -3.60
N GLY A 1 -4.65 8.95 21.44
CA GLY A 1 -3.30 8.82 20.92
C GLY A 1 -3.24 8.01 19.64
N GLU A 2 -3.05 8.71 18.52
CA GLU A 2 -2.98 8.06 17.22
C GLU A 2 -1.65 7.35 17.04
N GLU A 3 -1.65 6.30 16.21
CA GLU A 3 -0.45 5.53 15.96
C GLU A 3 -0.43 4.99 14.53
N VAL A 4 0.58 5.41 13.76
CA VAL A 4 0.71 4.97 12.37
C VAL A 4 2.17 4.77 12.00
N ARG A 5 2.40 3.90 11.02
CA ARG A 5 3.76 3.62 10.56
C ARG A 5 3.81 3.50 9.04
N ASP A 6 4.97 3.79 8.46
CA ASP A 6 5.15 3.72 7.02
C ASP A 6 5.48 2.29 6.58
N ALA A 7 4.66 1.73 5.71
CA ALA A 7 4.85 0.38 5.21
C ALA A 7 4.17 0.18 3.86
N TYR A 8 4.56 -0.88 3.16
CA TYR A 8 3.98 -1.18 1.86
C TYR A 8 2.60 -1.80 2.00
N ILE A 9 1.58 -1.06 1.58
CA ILE A 9 0.20 -1.54 1.66
C ILE A 9 -0.02 -2.72 0.72
N ALA A 10 -0.93 -3.61 1.12
CA ALA A 10 -1.24 -4.78 0.31
C ALA A 10 -2.71 -5.19 0.48
N GLN A 11 -3.37 -5.49 -0.64
CA GLN A 11 -4.76 -5.90 -0.60
C GLN A 11 -4.99 -7.00 0.42
N PRO A 12 -6.25 -7.13 0.88
CA PRO A 12 -6.63 -8.14 1.87
C PRO A 12 -6.58 -9.56 1.30
N HIS A 13 -6.38 -9.65 -0.01
CA HIS A 13 -6.31 -10.95 -0.67
C HIS A 13 -4.86 -11.42 -0.82
N ASN A 14 -4.03 -11.06 0.16
CA ASN A 14 -2.63 -11.43 0.14
C ASN A 14 -1.99 -11.10 -1.21
N CYS A 15 -1.74 -9.81 -1.44
CA CYS A 15 -1.13 -9.37 -2.68
C CYS A 15 -0.78 -7.88 -2.61
N VAL A 16 0.12 -7.45 -3.49
CA VAL A 16 0.54 -6.05 -3.54
C VAL A 16 -0.42 -5.21 -4.37
N TYR A 17 -0.84 -4.08 -3.82
CA TYR A 17 -1.76 -3.18 -4.51
C TYR A 17 -1.16 -2.73 -5.85
N HIS A 18 -1.76 -3.19 -6.94
CA HIS A 18 -1.29 -2.84 -8.27
C HIS A 18 -1.92 -1.51 -8.73
N CYS A 19 -1.10 -0.46 -8.76
CA CYS A 19 -1.59 0.85 -9.17
C CYS A 19 -1.06 1.21 -10.57
N PHE A 20 -1.94 1.75 -11.40
CA PHE A 20 -1.57 2.14 -12.75
C PHE A 20 -0.57 3.29 -12.74
N ARG A 21 -0.77 4.22 -11.81
CA ARG A 21 0.11 5.38 -11.69
C ARG A 21 0.12 5.91 -10.26
N ASP A 22 1.08 6.78 -9.96
CA ASP A 22 1.19 7.37 -8.64
C ASP A 22 -0.13 8.01 -8.21
N SER A 23 -0.82 8.62 -9.16
CA SER A 23 -2.10 9.27 -8.89
C SER A 23 -3.10 8.29 -8.30
N TYR A 24 -3.07 7.05 -8.79
CA TYR A 24 -3.96 6.02 -8.31
C TYR A 24 -3.68 5.68 -6.84
N CYS A 25 -2.45 5.27 -6.56
CA CYS A 25 -2.05 4.92 -5.21
C CYS A 25 -2.21 6.11 -4.27
N ASN A 26 -1.94 7.31 -4.79
CA ASN A 26 -2.05 8.53 -3.99
C ASN A 26 -3.44 8.66 -3.38
N ASP A 27 -4.46 8.66 -4.24
CA ASP A 27 -5.85 8.78 -3.78
C ASP A 27 -6.30 7.49 -3.11
N LEU A 28 -5.82 6.36 -3.61
CA LEU A 28 -6.18 5.06 -3.06
C LEU A 28 -5.78 4.96 -1.59
N CYS A 29 -4.66 5.59 -1.25
CA CYS A 29 -4.18 5.57 0.13
C CYS A 29 -5.08 6.41 1.03
N ILE A 30 -5.60 7.50 0.49
CA ILE A 30 -6.48 8.38 1.25
C ILE A 30 -7.72 7.65 1.73
N LYS A 31 -8.32 6.86 0.83
CA LYS A 31 -9.52 6.10 1.16
C LYS A 31 -9.26 5.19 2.36
N HIS A 32 -8.06 4.65 2.45
CA HIS A 32 -7.69 3.77 3.55
C HIS A 32 -7.48 4.56 4.83
N GLY A 33 -7.04 5.81 4.69
CA GLY A 33 -6.80 6.65 5.85
C GLY A 33 -5.35 7.09 5.95
N ALA A 34 -4.70 7.27 4.81
CA ALA A 34 -3.31 7.69 4.78
C ALA A 34 -3.18 9.12 4.27
N GLU A 35 -2.03 9.74 4.52
CA GLU A 35 -1.78 11.11 4.08
C GLU A 35 -1.64 11.18 2.56
N SER A 36 -0.91 10.22 2.00
CA SER A 36 -0.70 10.18 0.56
C SER A 36 -0.19 8.81 0.13
N GLY A 37 0.05 8.65 -1.17
CA GLY A 37 0.53 7.38 -1.69
C GLY A 37 1.25 7.53 -3.02
N GLU A 38 2.28 6.72 -3.22
CA GLU A 38 3.05 6.78 -4.46
C GLU A 38 3.43 5.37 -4.93
N CYS A 39 3.68 5.22 -6.23
CA CYS A 39 4.05 3.94 -6.79
C CYS A 39 5.55 3.69 -6.65
N LYS A 40 5.92 2.42 -6.54
CA LYS A 40 7.32 2.05 -6.40
C LYS A 40 7.58 0.65 -6.96
N TRP A 41 8.46 0.57 -7.94
CA TRP A 41 8.80 -0.70 -8.57
C TRP A 41 9.80 -1.49 -7.72
N PHE A 42 9.28 -2.34 -6.85
CA PHE A 42 10.13 -3.15 -5.98
C PHE A 42 10.52 -4.46 -6.65
N THR A 43 9.59 -5.01 -7.43
CA THR A 43 9.83 -6.27 -8.13
C THR A 43 9.33 -6.20 -9.57
N SER A 44 9.53 -7.28 -10.31
CA SER A 44 9.10 -7.34 -11.70
C SER A 44 7.66 -7.83 -11.81
N SER A 45 6.90 -7.63 -10.74
CA SER A 45 5.49 -8.06 -10.71
C SER A 45 4.56 -6.87 -10.82
N GLY A 46 5.11 -5.72 -11.23
CA GLY A 46 4.31 -4.52 -11.39
C GLY A 46 4.60 -3.50 -10.31
N ASN A 47 4.27 -2.24 -10.58
CA ASN A 47 4.50 -1.16 -9.63
C ASN A 47 3.58 -1.30 -8.42
N ALA A 48 4.17 -1.38 -7.23
CA ALA A 48 3.40 -1.51 -6.01
C ALA A 48 2.95 -0.15 -5.49
N CYS A 49 1.96 -0.15 -4.60
CA CYS A 49 1.44 1.08 -4.03
C CYS A 49 1.99 1.32 -2.63
N TRP A 50 2.66 2.44 -2.44
CA TRP A 50 3.24 2.78 -1.14
C TRP A 50 2.33 3.73 -0.38
N CYS A 51 2.22 3.52 0.92
CA CYS A 51 1.38 4.36 1.77
C CYS A 51 2.19 4.95 2.93
N VAL A 52 1.98 6.24 3.19
CA VAL A 52 2.69 6.92 4.28
C VAL A 52 1.84 6.96 5.54
N LYS A 53 2.50 6.90 6.69
CA LYS A 53 1.81 6.94 7.98
C LYS A 53 0.52 6.13 7.92
N LEU A 54 0.60 4.94 7.33
CA LEU A 54 -0.57 4.07 7.22
C LEU A 54 -0.92 3.46 8.58
N PRO A 55 -2.22 3.48 8.92
CA PRO A 55 -2.72 2.93 10.17
C PRO A 55 -2.65 1.41 10.21
N LYS A 56 -2.41 0.86 11.40
CA LYS A 56 -2.31 -0.58 11.57
C LYS A 56 -3.60 -1.27 11.15
N SER A 57 -4.73 -0.57 11.31
CA SER A 57 -6.02 -1.11 10.94
C SER A 57 -6.01 -1.63 9.50
N GLU A 58 -5.28 -0.93 8.64
CA GLU A 58 -5.19 -1.32 7.24
C GLU A 58 -4.22 -2.49 7.05
N PRO A 59 -4.42 -3.26 5.99
CA PRO A 59 -3.57 -4.42 5.67
C PRO A 59 -2.17 -4.01 5.24
N ILE A 60 -1.24 -4.95 5.29
CA ILE A 60 0.14 -4.70 4.90
C ILE A 60 0.80 -5.95 4.33
N LYS A 61 1.71 -5.76 3.38
CA LYS A 61 2.41 -6.87 2.76
C LYS A 61 3.03 -7.78 3.81
N VAL A 62 2.70 -9.06 3.76
CA VAL A 62 3.22 -10.03 4.71
C VAL A 62 4.04 -11.11 4.00
N PRO A 63 4.96 -11.74 4.75
CA PRO A 63 5.83 -12.80 4.21
C PRO A 63 5.05 -14.07 3.91
N GLY A 64 5.19 -14.57 2.68
CA GLY A 64 4.50 -15.79 2.28
C GLY A 64 4.51 -15.99 0.78
N LYS A 65 3.34 -15.83 0.16
CA LYS A 65 3.22 -16.01 -1.28
C LYS A 65 1.87 -15.49 -1.78
N CYS A 66 1.89 -14.83 -2.93
CA CYS A 66 0.67 -14.28 -3.52
C CYS A 66 -0.04 -15.32 -4.37
N HIS A 67 -1.37 -15.33 -4.29
CA HIS A 67 -2.17 -16.28 -5.07
C HIS A 67 -3.24 -15.55 -5.88
N GLY A 1 -4.56 6.55 21.98
CA GLY A 1 -4.01 7.57 21.12
C GLY A 1 -3.80 7.10 19.69
N GLU A 2 -3.50 8.03 18.80
CA GLU A 2 -3.28 7.70 17.39
C GLU A 2 -1.93 7.00 17.21
N GLU A 3 -1.82 6.21 16.14
CA GLU A 3 -0.60 5.50 15.85
C GLU A 3 -0.56 5.05 14.40
N VAL A 4 0.50 5.43 13.69
CA VAL A 4 0.66 5.07 12.29
C VAL A 4 2.12 4.82 11.94
N ARG A 5 2.35 3.98 10.94
CA ARG A 5 3.71 3.65 10.51
C ARG A 5 3.78 3.53 8.99
N ASP A 6 4.95 3.82 8.43
CA ASP A 6 5.16 3.74 7.00
C ASP A 6 5.49 2.32 6.57
N ALA A 7 4.65 1.76 5.69
CA ALA A 7 4.86 0.41 5.20
C ALA A 7 4.17 0.20 3.85
N TYR A 8 4.58 -0.84 3.14
CA TYR A 8 4.00 -1.15 1.84
C TYR A 8 2.62 -1.76 1.98
N ILE A 9 1.60 -1.02 1.56
CA ILE A 9 0.22 -1.49 1.64
C ILE A 9 -0.01 -2.67 0.71
N ALA A 10 -0.92 -3.55 1.10
CA ALA A 10 -1.24 -4.73 0.29
C ALA A 10 -2.70 -5.13 0.46
N GLN A 11 -3.36 -5.45 -0.65
CA GLN A 11 -4.76 -5.86 -0.61
C GLN A 11 -4.99 -6.96 0.42
N PRO A 12 -6.24 -7.09 0.87
CA PRO A 12 -6.62 -8.09 1.87
C PRO A 12 -6.56 -9.51 1.32
N HIS A 13 -6.36 -9.62 0.00
CA HIS A 13 -6.29 -10.92 -0.66
C HIS A 13 -4.84 -11.38 -0.79
N ASN A 14 -4.01 -11.01 0.19
CA ASN A 14 -2.60 -11.38 0.18
C ASN A 14 -1.96 -11.04 -1.16
N CYS A 15 -1.72 -9.76 -1.38
CA CYS A 15 -1.11 -9.30 -2.62
C CYS A 15 -0.83 -7.79 -2.57
N VAL A 16 0.04 -7.33 -3.46
CA VAL A 16 0.39 -5.92 -3.52
C VAL A 16 -0.61 -5.14 -4.37
N TYR A 17 -1.15 -4.06 -3.82
CA TYR A 17 -2.12 -3.24 -4.54
C TYR A 17 -1.56 -2.79 -5.88
N HIS A 18 -2.16 -3.30 -6.96
CA HIS A 18 -1.73 -2.95 -8.31
C HIS A 18 -2.21 -1.56 -8.69
N CYS A 19 -1.27 -0.62 -8.78
CA CYS A 19 -1.60 0.76 -9.13
C CYS A 19 -1.14 1.07 -10.56
N PHE A 20 -2.00 1.75 -11.31
CA PHE A 20 -1.69 2.11 -12.69
C PHE A 20 -0.70 3.28 -12.73
N ARG A 21 -0.88 4.23 -11.82
CA ARG A 21 -0.01 5.40 -11.77
C ARG A 21 0.04 5.96 -10.35
N ASP A 22 1.01 6.83 -10.10
CA ASP A 22 1.16 7.45 -8.78
C ASP A 22 -0.15 8.07 -8.32
N SER A 23 -0.78 8.83 -9.21
CA SER A 23 -2.05 9.49 -8.88
C SER A 23 -3.04 8.49 -8.31
N TYR A 24 -2.99 7.26 -8.79
CA TYR A 24 -3.89 6.21 -8.31
C TYR A 24 -3.60 5.85 -6.86
N CYS A 25 -2.36 5.42 -6.60
CA CYS A 25 -1.96 5.04 -5.25
C CYS A 25 -2.11 6.21 -4.30
N ASN A 26 -1.85 7.42 -4.79
CA ASN A 26 -1.95 8.63 -3.97
C ASN A 26 -3.34 8.74 -3.35
N ASP A 27 -4.36 8.76 -4.19
CA ASP A 27 -5.74 8.87 -3.73
C ASP A 27 -6.19 7.57 -3.07
N LEU A 28 -5.72 6.45 -3.60
CA LEU A 28 -6.07 5.14 -3.07
C LEU A 28 -5.72 5.05 -1.58
N CYS A 29 -4.61 5.67 -1.20
CA CYS A 29 -4.16 5.67 0.18
C CYS A 29 -5.07 6.53 1.06
N ILE A 30 -5.55 7.63 0.48
CA ILE A 30 -6.44 8.53 1.21
C ILE A 30 -7.63 7.79 1.79
N LYS A 31 -8.34 7.07 0.94
CA LYS A 31 -9.52 6.31 1.37
C LYS A 31 -9.17 5.43 2.57
N HIS A 32 -8.02 4.76 2.50
CA HIS A 32 -7.58 3.89 3.59
C HIS A 32 -7.35 4.69 4.87
N GLY A 33 -6.96 5.95 4.71
CA GLY A 33 -6.70 6.79 5.86
C GLY A 33 -5.26 7.23 5.95
N ALA A 34 -4.62 7.39 4.80
CA ALA A 34 -3.22 7.81 4.75
C ALA A 34 -3.08 9.23 4.24
N GLU A 35 -1.91 9.84 4.46
CA GLU A 35 -1.67 11.20 4.03
C GLU A 35 -1.51 11.27 2.50
N SER A 36 -0.77 10.33 1.95
CA SER A 36 -0.54 10.28 0.51
C SER A 36 -0.09 8.89 0.07
N GLY A 37 0.19 8.73 -1.21
CA GLY A 37 0.63 7.46 -1.73
C GLY A 37 1.33 7.58 -3.08
N GLU A 38 2.36 6.76 -3.29
CA GLU A 38 3.11 6.78 -4.53
C GLU A 38 3.47 5.37 -4.98
N CYS A 39 3.68 5.20 -6.28
CA CYS A 39 4.03 3.90 -6.84
C CYS A 39 5.54 3.65 -6.73
N LYS A 40 5.91 2.39 -6.55
CA LYS A 40 7.31 2.01 -6.43
C LYS A 40 7.55 0.61 -7.00
N TRP A 41 8.42 0.53 -8.00
CA TRP A 41 8.74 -0.75 -8.63
C TRP A 41 9.76 -1.52 -7.81
N PHE A 42 9.27 -2.39 -6.92
CA PHE A 42 10.13 -3.19 -6.07
C PHE A 42 10.51 -4.50 -6.76
N THR A 43 9.57 -5.05 -7.51
CA THR A 43 9.81 -6.31 -8.22
C THR A 43 9.26 -6.24 -9.65
N SER A 44 9.46 -7.31 -10.40
CA SER A 44 9.00 -7.38 -11.78
C SER A 44 7.56 -7.90 -11.86
N SER A 45 6.82 -7.70 -10.77
CA SER A 45 5.43 -8.15 -10.71
C SER A 45 4.47 -6.97 -10.81
N GLY A 46 5.00 -5.82 -11.25
CA GLY A 46 4.17 -4.64 -11.39
C GLY A 46 4.48 -3.60 -10.32
N ASN A 47 4.17 -2.34 -10.63
CA ASN A 47 4.41 -1.25 -9.68
C ASN A 47 3.47 -1.36 -8.48
N ALA A 48 4.06 -1.42 -7.29
CA ALA A 48 3.28 -1.53 -6.06
C ALA A 48 2.87 -0.15 -5.55
N CYS A 49 1.89 -0.12 -4.66
CA CYS A 49 1.40 1.14 -4.09
C CYS A 49 1.96 1.35 -2.69
N TRP A 50 2.66 2.46 -2.50
CA TRP A 50 3.24 2.79 -1.21
C TRP A 50 2.37 3.77 -0.45
N CYS A 51 2.21 3.54 0.86
CA CYS A 51 1.39 4.40 1.70
C CYS A 51 2.21 4.97 2.86
N VAL A 52 2.04 6.27 3.12
CA VAL A 52 2.77 6.92 4.20
C VAL A 52 1.92 6.99 5.47
N LYS A 53 2.59 6.91 6.62
CA LYS A 53 1.90 6.97 7.90
C LYS A 53 0.59 6.17 7.86
N LEU A 54 0.65 4.98 7.27
CA LEU A 54 -0.53 4.13 7.16
C LEU A 54 -0.90 3.52 8.51
N PRO A 55 -2.20 3.58 8.85
CA PRO A 55 -2.70 3.05 10.12
C PRO A 55 -2.65 1.52 10.16
N LYS A 56 -2.37 0.98 11.35
CA LYS A 56 -2.28 -0.46 11.53
C LYS A 56 -3.58 -1.14 11.11
N SER A 57 -4.69 -0.44 11.28
CA SER A 57 -6.00 -0.97 10.91
C SER A 57 -5.99 -1.49 9.47
N GLU A 58 -5.25 -0.81 8.61
CA GLU A 58 -5.16 -1.20 7.20
C GLU A 58 -4.20 -2.38 7.03
N PRO A 59 -4.40 -3.16 5.96
CA PRO A 59 -3.56 -4.32 5.66
C PRO A 59 -2.16 -3.93 5.22
N ILE A 60 -1.24 -4.89 5.29
CA ILE A 60 0.15 -4.64 4.89
C ILE A 60 0.79 -5.90 4.33
N LYS A 61 1.74 -5.72 3.41
CA LYS A 61 2.44 -6.83 2.80
C LYS A 61 3.05 -7.75 3.86
N VAL A 62 2.69 -9.02 3.82
CA VAL A 62 3.20 -10.00 4.78
C VAL A 62 4.02 -11.08 4.08
N PRO A 63 4.93 -11.71 4.84
CA PRO A 63 5.79 -12.77 4.31
C PRO A 63 5.02 -14.05 3.99
N GLY A 64 5.15 -14.52 2.76
CA GLY A 64 4.46 -15.73 2.35
C GLY A 64 4.50 -15.94 0.85
N LYS A 65 3.36 -15.77 0.20
CA LYS A 65 3.27 -15.94 -1.25
C LYS A 65 1.92 -15.45 -1.77
N CYS A 66 1.97 -14.69 -2.86
CA CYS A 66 0.76 -14.14 -3.47
C CYS A 66 0.04 -15.20 -4.30
N HIS A 67 -1.28 -15.21 -4.22
CA HIS A 67 -2.08 -16.18 -4.98
C HIS A 67 -1.61 -17.60 -4.71
N GLY A 1 -2.87 7.08 21.83
CA GLY A 1 -3.65 6.13 21.06
C GLY A 1 -3.31 6.15 19.59
N GLU A 2 -3.31 7.33 19.00
CA GLU A 2 -2.99 7.48 17.58
C GLU A 2 -1.57 7.00 17.29
N GLU A 3 -1.43 6.11 16.32
CA GLU A 3 -0.13 5.57 15.94
C GLU A 3 -0.15 5.03 14.51
N VAL A 4 0.76 5.52 13.69
CA VAL A 4 0.84 5.08 12.30
C VAL A 4 2.30 4.88 11.88
N ARG A 5 2.51 4.01 10.89
CA ARG A 5 3.85 3.73 10.40
C ARG A 5 3.84 3.59 8.87
N ASP A 6 5.00 3.84 8.27
CA ASP A 6 5.13 3.75 6.81
C ASP A 6 5.47 2.33 6.39
N ALA A 7 4.67 1.78 5.48
CA ALA A 7 4.89 0.42 5.00
C ALA A 7 4.16 0.19 3.67
N TYR A 8 4.54 -0.87 2.97
CA TYR A 8 3.92 -1.21 1.69
C TYR A 8 2.52 -1.79 1.89
N ILE A 9 1.52 -1.04 1.49
CA ILE A 9 0.13 -1.48 1.62
C ILE A 9 -0.15 -2.68 0.72
N ALA A 10 -1.06 -3.54 1.16
CA ALA A 10 -1.44 -4.71 0.39
C ALA A 10 -2.90 -5.09 0.60
N GLN A 11 -3.58 -5.41 -0.48
CA GLN A 11 -5.00 -5.78 -0.40
C GLN A 11 -5.22 -6.86 0.66
N PRO A 12 -6.46 -6.97 1.15
CA PRO A 12 -6.83 -7.95 2.16
C PRO A 12 -6.83 -9.37 1.62
N HIS A 13 -6.68 -9.50 0.31
CA HIS A 13 -6.65 -10.81 -0.34
C HIS A 13 -5.21 -11.30 -0.52
N ASN A 14 -4.35 -10.94 0.42
CA ASN A 14 -2.95 -11.34 0.37
C ASN A 14 -2.35 -11.05 -1.00
N CYS A 15 -2.09 -9.77 -1.27
CA CYS A 15 -1.52 -9.36 -2.54
C CYS A 15 -1.16 -7.87 -2.52
N VAL A 16 -0.29 -7.47 -3.44
CA VAL A 16 0.14 -6.07 -3.53
C VAL A 16 -0.82 -5.26 -4.39
N TYR A 17 -1.32 -4.16 -3.82
CA TYR A 17 -2.25 -3.29 -4.53
C TYR A 17 -1.68 -2.88 -5.89
N HIS A 18 -2.20 -3.48 -6.95
CA HIS A 18 -1.74 -3.17 -8.31
C HIS A 18 -2.23 -1.80 -8.75
N CYS A 19 -1.33 -0.83 -8.82
CA CYS A 19 -1.67 0.52 -9.22
C CYS A 19 -1.17 0.81 -10.63
N PHE A 20 -1.98 1.49 -11.43
CA PHE A 20 -1.61 1.84 -12.79
C PHE A 20 -0.67 3.04 -12.82
N ARG A 21 -0.92 3.99 -11.93
CA ARG A 21 -0.10 5.19 -11.84
C ARG A 21 -0.11 5.77 -10.42
N ASP A 22 0.86 6.61 -10.13
CA ASP A 22 0.95 7.23 -8.81
C ASP A 22 -0.37 7.88 -8.41
N SER A 23 -0.99 8.57 -9.37
CA SER A 23 -2.26 9.24 -9.11
C SER A 23 -3.27 8.29 -8.49
N TYR A 24 -3.15 7.00 -8.84
CA TYR A 24 -4.05 5.99 -8.32
C TYR A 24 -3.74 5.67 -6.87
N CYS A 25 -2.49 5.28 -6.60
CA CYS A 25 -2.06 4.95 -5.25
C CYS A 25 -2.24 6.14 -4.32
N ASN A 26 -2.02 7.34 -4.85
CA ASN A 26 -2.17 8.56 -4.06
C ASN A 26 -3.55 8.64 -3.42
N ASP A 27 -4.58 8.61 -4.26
CA ASP A 27 -5.95 8.68 -3.78
C ASP A 27 -6.36 7.38 -3.09
N LEU A 28 -5.86 6.26 -3.60
CA LEU A 28 -6.16 4.96 -3.04
C LEU A 28 -5.76 4.89 -1.57
N CYS A 29 -4.68 5.57 -1.23
CA CYS A 29 -4.19 5.60 0.15
C CYS A 29 -5.10 6.44 1.04
N ILE A 30 -5.62 7.52 0.47
CA ILE A 30 -6.51 8.41 1.22
C ILE A 30 -7.72 7.66 1.73
N LYS A 31 -8.37 6.91 0.86
CA LYS A 31 -9.56 6.14 1.22
C LYS A 31 -9.28 5.26 2.44
N HIS A 32 -8.06 4.74 2.52
CA HIS A 32 -7.67 3.89 3.64
C HIS A 32 -7.43 4.72 4.90
N GLY A 33 -7.01 5.96 4.71
CA GLY A 33 -6.76 6.83 5.83
C GLY A 33 -5.30 7.27 5.91
N ALA A 34 -4.66 7.40 4.76
CA ALA A 34 -3.26 7.82 4.70
C ALA A 34 -3.13 9.23 4.13
N GLU A 35 -2.00 9.87 4.43
CA GLU A 35 -1.76 11.22 3.93
C GLU A 35 -1.68 11.25 2.41
N SER A 36 -0.93 10.30 1.84
CA SER A 36 -0.77 10.22 0.40
C SER A 36 -0.27 8.83 -0.01
N GLY A 37 0.01 8.68 -1.30
CA GLY A 37 0.49 7.40 -1.80
C GLY A 37 1.17 7.52 -3.15
N GLU A 38 2.22 6.74 -3.35
CA GLU A 38 2.97 6.77 -4.61
C GLU A 38 3.39 5.36 -5.02
N CYS A 39 3.64 5.19 -6.31
CA CYS A 39 4.05 3.89 -6.84
C CYS A 39 5.57 3.75 -6.82
N LYS A 40 6.06 2.70 -6.18
CA LYS A 40 7.49 2.45 -6.09
C LYS A 40 7.85 1.11 -6.73
N TRP A 41 8.70 1.16 -7.75
CA TRP A 41 9.13 -0.04 -8.45
C TRP A 41 10.25 -0.75 -7.69
N PHE A 42 9.88 -1.77 -6.92
CA PHE A 42 10.85 -2.54 -6.14
C PHE A 42 11.56 -3.57 -7.02
N THR A 43 10.82 -4.15 -7.95
CA THR A 43 11.37 -5.16 -8.84
C THR A 43 10.52 -5.30 -10.11
N SER A 44 10.87 -6.26 -10.95
CA SER A 44 10.16 -6.49 -12.20
C SER A 44 8.99 -7.45 -11.97
N SER A 45 8.41 -7.41 -10.77
CA SER A 45 7.29 -8.28 -10.43
C SER A 45 6.00 -7.48 -10.37
N GLY A 46 6.02 -6.27 -10.91
CA GLY A 46 4.84 -5.42 -10.91
C GLY A 46 4.95 -4.27 -9.94
N ASN A 47 4.46 -3.11 -10.34
CA ASN A 47 4.51 -1.92 -9.50
C ASN A 47 3.60 -2.07 -8.27
N ALA A 48 4.02 -1.50 -7.15
CA ALA A 48 3.24 -1.57 -5.93
C ALA A 48 2.83 -0.17 -5.45
N CYS A 49 1.86 -0.13 -4.56
CA CYS A 49 1.37 1.14 -4.03
C CYS A 49 1.92 1.39 -2.63
N TRP A 50 2.64 2.49 -2.48
CA TRP A 50 3.23 2.85 -1.18
C TRP A 50 2.33 3.82 -0.43
N CYS A 51 2.22 3.61 0.88
CA CYS A 51 1.39 4.46 1.72
C CYS A 51 2.22 5.07 2.86
N VAL A 52 1.99 6.35 3.13
CA VAL A 52 2.71 7.05 4.20
C VAL A 52 1.88 7.09 5.47
N LYS A 53 2.55 7.05 6.62
CA LYS A 53 1.88 7.09 7.91
C LYS A 53 0.59 6.28 7.88
N LEU A 54 0.66 5.10 7.27
CA LEU A 54 -0.50 4.22 7.17
C LEU A 54 -0.84 3.63 8.55
N PRO A 55 -2.14 3.67 8.89
CA PRO A 55 -2.63 3.14 10.16
C PRO A 55 -2.56 1.62 10.23
N LYS A 56 -2.24 1.09 11.40
CA LYS A 56 -2.15 -0.35 11.60
C LYS A 56 -3.46 -1.03 11.21
N SER A 57 -4.57 -0.33 11.41
CA SER A 57 -5.88 -0.87 11.09
C SER A 57 -5.92 -1.41 9.66
N GLU A 58 -5.20 -0.73 8.76
CA GLU A 58 -5.16 -1.14 7.37
C GLU A 58 -4.20 -2.32 7.18
N PRO A 59 -4.44 -3.10 6.12
CA PRO A 59 -3.61 -4.28 5.80
C PRO A 59 -2.22 -3.88 5.31
N ILE A 60 -1.29 -4.83 5.36
CA ILE A 60 0.08 -4.59 4.91
C ILE A 60 0.71 -5.85 4.35
N LYS A 61 1.57 -5.68 3.36
CA LYS A 61 2.24 -6.80 2.72
C LYS A 61 2.92 -7.69 3.78
N VAL A 62 2.65 -8.99 3.69
CA VAL A 62 3.23 -9.95 4.62
C VAL A 62 3.91 -11.10 3.89
N PRO A 63 4.87 -11.75 4.57
CA PRO A 63 5.62 -12.88 4.00
C PRO A 63 4.74 -14.12 3.84
N GLY A 64 4.63 -14.61 2.62
CA GLY A 64 3.83 -15.79 2.35
C GLY A 64 3.80 -16.17 0.89
N LYS A 65 2.63 -16.07 0.28
CA LYS A 65 2.48 -16.40 -1.14
C LYS A 65 1.17 -15.84 -1.69
N CYS A 66 1.28 -14.91 -2.62
CA CYS A 66 0.10 -14.29 -3.23
C CYS A 66 -0.66 -15.29 -4.07
N HIS A 67 -1.99 -15.28 -3.95
CA HIS A 67 -2.84 -16.20 -4.69
C HIS A 67 -2.91 -15.79 -6.17
N GLY A 1 -3.17 6.63 22.00
CA GLY A 1 -4.15 7.16 21.07
C GLY A 1 -3.86 6.80 19.62
N GLU A 2 -3.58 7.81 18.81
CA GLU A 2 -3.27 7.59 17.40
C GLU A 2 -1.90 6.96 17.23
N GLU A 3 -1.73 6.17 16.17
CA GLU A 3 -0.46 5.51 15.90
C GLU A 3 -0.42 4.99 14.46
N VAL A 4 0.60 5.42 13.72
CA VAL A 4 0.76 4.99 12.34
C VAL A 4 2.23 4.79 12.00
N ARG A 5 2.48 4.12 10.87
CA ARG A 5 3.84 3.86 10.42
C ARG A 5 3.91 3.75 8.91
N ASP A 6 5.10 3.94 8.35
CA ASP A 6 5.30 3.87 6.92
C ASP A 6 5.62 2.44 6.48
N ALA A 7 4.72 1.86 5.69
CA ALA A 7 4.90 0.50 5.21
C ALA A 7 4.22 0.31 3.85
N TYR A 8 4.60 -0.76 3.16
CA TYR A 8 4.02 -1.06 1.85
C TYR A 8 2.64 -1.70 1.99
N ILE A 9 1.62 -0.98 1.57
CA ILE A 9 0.25 -1.48 1.64
C ILE A 9 0.04 -2.67 0.72
N ALA A 10 -0.85 -3.57 1.11
CA ALA A 10 -1.14 -4.76 0.32
C ALA A 10 -2.59 -5.21 0.50
N GLN A 11 -3.24 -5.55 -0.61
CA GLN A 11 -4.63 -5.99 -0.57
C GLN A 11 -4.83 -7.08 0.48
N PRO A 12 -6.08 -7.24 0.93
CA PRO A 12 -6.44 -8.24 1.94
C PRO A 12 -6.35 -9.67 1.40
N HIS A 13 -6.13 -9.79 0.09
CA HIS A 13 -6.02 -11.09 -0.55
C HIS A 13 -4.55 -11.52 -0.66
N ASN A 14 -3.74 -11.12 0.33
CA ASN A 14 -2.33 -11.45 0.34
C ASN A 14 -1.68 -11.13 -1.00
N CYS A 15 -1.47 -9.83 -1.24
CA CYS A 15 -0.85 -9.38 -2.48
C CYS A 15 -0.62 -7.87 -2.45
N VAL A 16 0.29 -7.40 -3.30
CA VAL A 16 0.62 -5.98 -3.36
C VAL A 16 -0.36 -5.25 -4.28
N TYR A 17 -0.97 -4.20 -3.75
CA TYR A 17 -1.93 -3.40 -4.53
C TYR A 17 -1.34 -2.98 -5.87
N HIS A 18 -2.05 -3.27 -6.94
CA HIS A 18 -1.60 -2.92 -8.28
C HIS A 18 -2.15 -1.56 -8.70
N CYS A 19 -1.28 -0.56 -8.75
CA CYS A 19 -1.68 0.78 -9.14
C CYS A 19 -1.19 1.12 -10.55
N PHE A 20 -2.03 1.80 -11.32
CA PHE A 20 -1.67 2.18 -12.69
C PHE A 20 -0.62 3.30 -12.68
N ARG A 21 -0.78 4.25 -11.78
CA ARG A 21 0.14 5.37 -11.67
C ARG A 21 0.17 5.92 -10.25
N ASP A 22 1.07 6.86 -10.01
CA ASP A 22 1.20 7.48 -8.69
C ASP A 22 -0.12 8.11 -8.25
N SER A 23 -0.82 8.71 -9.21
CA SER A 23 -2.09 9.37 -8.93
C SER A 23 -3.10 8.37 -8.33
N TYR A 24 -3.06 7.14 -8.83
CA TYR A 24 -3.96 6.10 -8.35
C TYR A 24 -3.68 5.77 -6.89
N CYS A 25 -2.44 5.36 -6.62
CA CYS A 25 -2.03 5.01 -5.26
C CYS A 25 -2.19 6.20 -4.32
N ASN A 26 -1.94 7.40 -4.84
CA ASN A 26 -2.06 8.61 -4.04
C ASN A 26 -3.44 8.73 -3.42
N ASP A 27 -4.46 8.73 -4.28
CA ASP A 27 -5.85 8.84 -3.81
C ASP A 27 -6.30 7.54 -3.15
N LEU A 28 -5.81 6.42 -3.65
CA LEU A 28 -6.16 5.11 -3.11
C LEU A 28 -5.76 5.01 -1.64
N CYS A 29 -4.65 5.64 -1.29
CA CYS A 29 -4.15 5.63 0.08
C CYS A 29 -5.05 6.47 0.99
N ILE A 30 -5.58 7.56 0.45
CA ILE A 30 -6.46 8.44 1.21
C ILE A 30 -7.70 7.70 1.69
N LYS A 31 -8.32 6.94 0.79
CA LYS A 31 -9.51 6.18 1.12
C LYS A 31 -9.26 5.26 2.32
N HIS A 32 -8.05 4.73 2.41
CA HIS A 32 -7.67 3.85 3.50
C HIS A 32 -7.45 4.64 4.79
N GLY A 33 -7.01 5.89 4.64
CA GLY A 33 -6.76 6.72 5.80
C GLY A 33 -5.32 7.16 5.89
N ALA A 34 -4.67 7.33 4.75
CA ALA A 34 -3.27 7.74 4.71
C ALA A 34 -3.13 9.18 4.18
N GLU A 35 -1.99 9.79 4.44
CA GLU A 35 -1.74 11.16 4.00
C GLU A 35 -1.61 11.22 2.48
N SER A 36 -0.86 10.27 1.91
CA SER A 36 -0.67 10.23 0.47
C SER A 36 -0.19 8.84 0.04
N GLY A 37 0.09 8.69 -1.26
CA GLY A 37 0.55 7.42 -1.77
C GLY A 37 1.25 7.56 -3.11
N GLU A 38 2.29 6.77 -3.32
CA GLU A 38 3.05 6.81 -4.56
C GLU A 38 3.43 5.40 -5.02
N CYS A 39 3.66 5.25 -6.32
CA CYS A 39 4.04 3.96 -6.89
C CYS A 39 5.53 3.72 -6.76
N LYS A 40 5.91 2.44 -6.63
CA LYS A 40 7.32 2.08 -6.50
C LYS A 40 7.57 0.68 -7.06
N TRP A 41 8.44 0.59 -8.06
CA TRP A 41 8.76 -0.69 -8.68
C TRP A 41 9.80 -1.44 -7.85
N PHE A 42 9.32 -2.28 -6.93
CA PHE A 42 10.20 -3.06 -6.07
C PHE A 42 10.55 -4.38 -6.73
N THR A 43 9.59 -4.96 -7.44
CA THR A 43 9.80 -6.24 -8.11
C THR A 43 9.31 -6.19 -9.56
N SER A 44 9.52 -7.28 -10.29
CA SER A 44 9.10 -7.35 -11.68
C SER A 44 7.66 -7.86 -11.79
N SER A 45 6.89 -7.67 -10.73
CA SER A 45 5.50 -8.12 -10.70
C SER A 45 4.56 -6.93 -10.83
N GLY A 46 5.09 -5.79 -11.25
CA GLY A 46 4.28 -4.61 -11.41
C GLY A 46 4.55 -3.57 -10.34
N ASN A 47 4.23 -2.31 -10.63
CA ASN A 47 4.44 -1.22 -9.68
C ASN A 47 3.53 -1.35 -8.48
N ALA A 48 4.11 -1.36 -7.30
CA ALA A 48 3.34 -1.48 -6.05
C ALA A 48 2.91 -0.11 -5.55
N CYS A 49 1.93 -0.10 -4.65
CA CYS A 49 1.42 1.14 -4.09
C CYS A 49 1.98 1.38 -2.68
N TRP A 50 2.67 2.49 -2.51
CA TRP A 50 3.26 2.84 -1.23
C TRP A 50 2.35 3.79 -0.45
N CYS A 51 2.24 3.57 0.85
CA CYS A 51 1.41 4.42 1.71
C CYS A 51 2.23 5.00 2.86
N VAL A 52 2.00 6.27 3.16
CA VAL A 52 2.71 6.95 4.23
C VAL A 52 1.85 7.01 5.50
N LYS A 53 2.52 6.94 6.65
CA LYS A 53 1.83 6.99 7.93
C LYS A 53 0.54 6.17 7.88
N LEU A 54 0.60 5.01 7.27
CA LEU A 54 -0.56 4.13 7.16
C LEU A 54 -0.93 3.54 8.51
N PRO A 55 -2.24 3.59 8.84
CA PRO A 55 -2.75 3.05 10.10
C PRO A 55 -2.68 1.53 10.16
N LYS A 56 -2.47 0.99 11.37
CA LYS A 56 -2.39 -0.44 11.55
C LYS A 56 -3.68 -1.12 11.10
N SER A 57 -4.79 -0.42 11.24
CA SER A 57 -6.09 -0.96 10.85
C SER A 57 -6.06 -1.49 9.42
N GLU A 58 -5.28 -0.83 8.56
CA GLU A 58 -5.16 -1.23 7.18
C GLU A 58 -4.17 -2.38 7.03
N PRO A 59 -4.34 -3.18 5.96
CA PRO A 59 -3.47 -4.33 5.69
C PRO A 59 -2.08 -3.90 5.26
N ILE A 60 -1.14 -4.85 5.33
CA ILE A 60 0.24 -4.57 4.95
C ILE A 60 0.92 -5.82 4.39
N LYS A 61 1.82 -5.62 3.44
CA LYS A 61 2.55 -6.73 2.82
C LYS A 61 3.19 -7.62 3.88
N VAL A 62 2.82 -8.89 3.88
CA VAL A 62 3.36 -9.84 4.84
C VAL A 62 4.01 -11.04 4.13
N PRO A 63 4.94 -11.70 4.83
CA PRO A 63 5.66 -12.86 4.28
C PRO A 63 4.75 -14.08 4.14
N GLY A 64 4.63 -14.57 2.92
CA GLY A 64 3.79 -15.73 2.66
C GLY A 64 3.87 -16.20 1.23
N LYS A 65 2.83 -15.89 0.45
CA LYS A 65 2.78 -16.29 -0.95
C LYS A 65 1.55 -15.72 -1.63
N CYS A 66 1.76 -14.82 -2.59
CA CYS A 66 0.67 -14.20 -3.32
C CYS A 66 -0.04 -15.21 -4.20
N HIS A 67 -1.37 -15.12 -4.25
CA HIS A 67 -2.17 -16.04 -5.06
C HIS A 67 -3.11 -15.27 -5.99
N GLY A 1 -2.52 8.20 21.80
CA GLY A 1 -3.53 7.23 21.41
C GLY A 1 -3.28 6.69 20.01
N GLU A 2 -3.56 7.52 18.99
CA GLU A 2 -3.38 7.11 17.61
C GLU A 2 -1.94 6.67 17.37
N GLU A 3 -1.74 5.90 16.30
CA GLU A 3 -0.41 5.41 15.95
C GLU A 3 -0.38 4.88 14.52
N VAL A 4 0.58 5.39 13.74
CA VAL A 4 0.72 4.97 12.34
C VAL A 4 2.18 4.78 11.98
N ARG A 5 2.43 3.97 10.94
CA ARG A 5 3.78 3.70 10.49
C ARG A 5 3.84 3.60 8.96
N ASP A 6 5.01 3.87 8.41
CA ASP A 6 5.19 3.81 6.96
C ASP A 6 5.53 2.40 6.51
N ALA A 7 4.63 1.79 5.73
CA ALA A 7 4.83 0.44 5.23
C ALA A 7 4.15 0.24 3.89
N TYR A 8 4.51 -0.82 3.19
CA TYR A 8 3.94 -1.12 1.89
C TYR A 8 2.55 -1.74 2.04
N ILE A 9 1.52 -1.00 1.61
CA ILE A 9 0.16 -1.48 1.69
C ILE A 9 -0.08 -2.68 0.79
N ALA A 10 -0.98 -3.56 1.19
CA ALA A 10 -1.30 -4.75 0.41
C ALA A 10 -2.77 -5.12 0.55
N GLN A 11 -3.39 -5.48 -0.58
CA GLN A 11 -4.80 -5.86 -0.59
C GLN A 11 -5.08 -6.91 0.47
N PRO A 12 -6.36 -7.01 0.88
CA PRO A 12 -6.79 -7.98 1.89
C PRO A 12 -6.75 -9.41 1.37
N HIS A 13 -6.52 -9.56 0.07
CA HIS A 13 -6.46 -10.88 -0.55
C HIS A 13 -5.02 -11.36 -0.65
N ASN A 14 -4.20 -10.99 0.33
CA ASN A 14 -2.80 -11.37 0.36
C ASN A 14 -2.13 -11.08 -0.99
N CYS A 15 -1.87 -9.81 -1.24
CA CYS A 15 -1.22 -9.38 -2.48
C CYS A 15 -0.90 -7.89 -2.44
N VAL A 16 -0.08 -7.45 -3.40
CA VAL A 16 0.31 -6.05 -3.48
C VAL A 16 -0.68 -5.25 -4.33
N TYR A 17 -1.09 -4.10 -3.82
CA TYR A 17 -2.03 -3.24 -4.53
C TYR A 17 -1.47 -2.80 -5.88
N HIS A 18 -1.95 -3.43 -6.94
CA HIS A 18 -1.50 -3.10 -8.29
C HIS A 18 -1.96 -1.71 -8.70
N CYS A 19 -1.01 -0.77 -8.77
CA CYS A 19 -1.33 0.60 -9.15
C CYS A 19 -0.84 0.89 -10.57
N PHE A 20 -1.67 1.58 -11.34
CA PHE A 20 -1.33 1.92 -12.72
C PHE A 20 -0.44 3.17 -12.76
N ARG A 21 -0.70 4.11 -11.85
CA ARG A 21 0.08 5.33 -11.78
C ARG A 21 0.08 5.90 -10.36
N ASP A 22 1.01 6.82 -10.10
CA ASP A 22 1.11 7.44 -8.79
C ASP A 22 -0.21 8.05 -8.37
N SER A 23 -0.85 8.77 -9.30
CA SER A 23 -2.13 9.42 -9.02
C SER A 23 -3.13 8.42 -8.42
N TYR A 24 -3.03 7.17 -8.86
CA TYR A 24 -3.92 6.12 -8.37
C TYR A 24 -3.63 5.79 -6.91
N CYS A 25 -2.40 5.38 -6.63
CA CYS A 25 -1.99 5.03 -5.29
C CYS A 25 -2.18 6.21 -4.33
N ASN A 26 -1.95 7.42 -4.86
CA ASN A 26 -2.09 8.63 -4.05
C ASN A 26 -3.49 8.72 -3.44
N ASP A 27 -4.51 8.69 -4.29
CA ASP A 27 -5.89 8.76 -3.83
C ASP A 27 -6.30 7.46 -3.16
N LEU A 28 -5.80 6.34 -3.68
CA LEU A 28 -6.12 5.03 -3.13
C LEU A 28 -5.75 4.95 -1.65
N CYS A 29 -4.66 5.63 -1.29
CA CYS A 29 -4.19 5.63 0.09
C CYS A 29 -5.10 6.48 0.97
N ILE A 30 -5.60 7.58 0.42
CA ILE A 30 -6.49 8.47 1.16
C ILE A 30 -7.73 7.73 1.65
N LYS A 31 -8.32 6.94 0.76
CA LYS A 31 -9.52 6.17 1.11
C LYS A 31 -9.26 5.28 2.32
N HIS A 32 -8.06 4.74 2.41
CA HIS A 32 -7.69 3.87 3.53
C HIS A 32 -7.46 4.69 4.80
N GLY A 33 -7.03 5.94 4.63
CA GLY A 33 -6.78 6.81 5.77
C GLY A 33 -5.33 7.23 5.86
N ALA A 34 -4.68 7.36 4.71
CA ALA A 34 -3.27 7.77 4.67
C ALA A 34 -3.12 9.17 4.10
N GLU A 35 -2.02 9.82 4.44
CA GLU A 35 -1.76 11.18 3.95
C GLU A 35 -1.67 11.20 2.43
N SER A 36 -0.88 10.29 1.87
CA SER A 36 -0.71 10.21 0.42
C SER A 36 -0.24 8.82 0.01
N GLY A 37 0.06 8.66 -1.27
CA GLY A 37 0.53 7.38 -1.78
C GLY A 37 1.23 7.50 -3.12
N GLU A 38 2.32 6.77 -3.28
CA GLU A 38 3.08 6.79 -4.52
C GLU A 38 3.44 5.39 -4.99
N CYS A 39 3.68 5.24 -6.28
CA CYS A 39 4.03 3.94 -6.84
C CYS A 39 5.53 3.67 -6.72
N LYS A 40 5.89 2.41 -6.57
CA LYS A 40 7.29 2.02 -6.45
C LYS A 40 7.52 0.60 -6.98
N TRP A 41 8.38 0.48 -7.98
CA TRP A 41 8.68 -0.81 -8.57
C TRP A 41 9.71 -1.56 -7.75
N PHE A 42 9.25 -2.50 -6.92
CA PHE A 42 10.13 -3.28 -6.07
C PHE A 42 10.62 -4.53 -6.80
N THR A 43 9.69 -5.22 -7.46
CA THR A 43 10.02 -6.43 -8.21
C THR A 43 9.43 -6.39 -9.61
N SER A 44 9.67 -7.46 -10.37
CA SER A 44 9.16 -7.54 -11.74
C SER A 44 7.76 -8.16 -11.76
N SER A 45 7.04 -8.01 -10.65
CA SER A 45 5.69 -8.55 -10.54
C SER A 45 4.65 -7.43 -10.62
N GLY A 46 5.09 -6.25 -11.07
CA GLY A 46 4.19 -5.12 -11.17
C GLY A 46 4.47 -4.06 -10.12
N ASN A 47 4.15 -2.81 -10.45
CA ASN A 47 4.36 -1.70 -9.53
C ASN A 47 3.43 -1.80 -8.33
N ALA A 48 3.97 -1.53 -7.15
CA ALA A 48 3.18 -1.59 -5.92
C ALA A 48 2.79 -0.20 -5.44
N CYS A 49 1.81 -0.12 -4.56
CA CYS A 49 1.34 1.16 -4.04
C CYS A 49 1.90 1.39 -2.63
N TRP A 50 2.63 2.48 -2.46
CA TRP A 50 3.22 2.83 -1.18
C TRP A 50 2.33 3.79 -0.41
N CYS A 51 2.21 3.58 0.90
CA CYS A 51 1.38 4.44 1.74
C CYS A 51 2.19 5.01 2.89
N VAL A 52 1.97 6.29 3.19
CA VAL A 52 2.68 6.96 4.27
C VAL A 52 1.84 7.01 5.53
N LYS A 53 2.51 6.95 6.68
CA LYS A 53 1.83 6.98 7.97
C LYS A 53 0.53 6.17 7.92
N LEU A 54 0.60 5.01 7.29
CA LEU A 54 -0.57 4.13 7.18
C LEU A 54 -0.94 3.54 8.54
N PRO A 55 -2.24 3.58 8.87
CA PRO A 55 -2.76 3.06 10.14
C PRO A 55 -2.69 1.53 10.19
N LYS A 56 -2.40 1.00 11.37
CA LYS A 56 -2.31 -0.45 11.55
C LYS A 56 -3.62 -1.12 11.14
N SER A 57 -4.73 -0.42 11.32
CA SER A 57 -6.04 -0.95 10.97
C SER A 57 -6.05 -1.48 9.54
N GLU A 58 -5.31 -0.80 8.66
CA GLU A 58 -5.23 -1.19 7.26
C GLU A 58 -4.28 -2.37 7.08
N PRO A 59 -4.50 -3.16 6.01
CA PRO A 59 -3.66 -4.32 5.71
C PRO A 59 -2.25 -3.93 5.25
N ILE A 60 -1.33 -4.88 5.30
CA ILE A 60 0.04 -4.63 4.90
C ILE A 60 0.68 -5.90 4.32
N LYS A 61 1.67 -5.71 3.46
CA LYS A 61 2.37 -6.84 2.85
C LYS A 61 2.98 -7.74 3.91
N VAL A 62 2.69 -9.03 3.82
CA VAL A 62 3.21 -10.01 4.77
C VAL A 62 4.07 -11.06 4.07
N PRO A 63 4.97 -11.68 4.83
CA PRO A 63 5.87 -12.72 4.31
C PRO A 63 5.13 -14.01 3.96
N GLY A 64 5.21 -14.42 2.70
CA GLY A 64 4.55 -15.62 2.27
C GLY A 64 4.60 -15.81 0.76
N LYS A 65 3.49 -15.48 0.09
CA LYS A 65 3.42 -15.61 -1.36
C LYS A 65 2.17 -14.91 -1.90
N CYS A 66 2.33 -14.18 -2.99
CA CYS A 66 1.22 -13.47 -3.61
C CYS A 66 0.49 -14.37 -4.60
N HIS A 67 -0.78 -14.66 -4.32
CA HIS A 67 -1.59 -15.51 -5.18
C HIS A 67 -2.05 -14.73 -6.41
N GLY A 1 -4.72 6.88 21.70
CA GLY A 1 -3.37 6.40 21.45
C GLY A 1 -3.13 6.09 19.98
N GLU A 2 -3.37 7.08 19.13
CA GLU A 2 -3.16 6.91 17.70
C GLU A 2 -1.75 6.43 17.39
N GLU A 3 -1.59 5.74 16.27
CA GLU A 3 -0.29 5.23 15.87
C GLU A 3 -0.29 4.84 14.39
N VAL A 4 0.69 5.35 13.65
CA VAL A 4 0.80 5.07 12.23
C VAL A 4 2.25 4.83 11.83
N ARG A 5 2.45 4.19 10.68
CA ARG A 5 3.80 3.90 10.19
C ARG A 5 3.78 3.69 8.67
N ASP A 6 4.77 4.25 7.99
CA ASP A 6 4.88 4.12 6.54
C ASP A 6 5.25 2.69 6.15
N ALA A 7 4.31 1.97 5.56
CA ALA A 7 4.55 0.60 5.13
C ALA A 7 3.88 0.32 3.80
N TYR A 8 4.40 -0.67 3.09
CA TYR A 8 3.84 -1.04 1.78
C TYR A 8 2.48 -1.70 1.92
N ILE A 9 1.44 -0.97 1.58
CA ILE A 9 0.08 -1.48 1.67
C ILE A 9 -0.13 -2.66 0.73
N ALA A 10 -0.88 -3.65 1.19
CA ALA A 10 -1.16 -4.84 0.39
C ALA A 10 -2.60 -5.31 0.58
N GLN A 11 -3.24 -5.69 -0.52
CA GLN A 11 -4.63 -6.15 -0.48
C GLN A 11 -4.81 -7.23 0.58
N PRO A 12 -6.05 -7.42 1.04
CA PRO A 12 -6.38 -8.42 2.05
C PRO A 12 -6.26 -9.85 1.52
N HIS A 13 -6.06 -9.97 0.21
CA HIS A 13 -5.93 -11.27 -0.43
C HIS A 13 -4.46 -11.66 -0.56
N ASN A 14 -3.64 -11.24 0.39
CA ASN A 14 -2.21 -11.53 0.38
C ASN A 14 -1.60 -11.19 -0.99
N CYS A 15 -1.44 -9.90 -1.25
CA CYS A 15 -0.87 -9.44 -2.51
C CYS A 15 -0.61 -7.94 -2.48
N VAL A 16 0.24 -7.47 -3.38
CA VAL A 16 0.58 -6.06 -3.45
C VAL A 16 -0.46 -5.30 -4.27
N TYR A 17 -1.01 -4.24 -3.67
CA TYR A 17 -2.01 -3.42 -4.34
C TYR A 17 -1.51 -2.94 -5.70
N HIS A 18 -2.00 -3.60 -6.76
CA HIS A 18 -1.60 -3.24 -8.12
C HIS A 18 -2.21 -1.91 -8.54
N CYS A 19 -1.37 -0.88 -8.63
CA CYS A 19 -1.84 0.45 -9.02
C CYS A 19 -1.42 0.78 -10.46
N PHE A 20 -2.33 1.38 -11.21
CA PHE A 20 -2.05 1.74 -12.60
C PHE A 20 -0.97 2.81 -12.67
N ARG A 21 -1.09 3.82 -11.80
CA ARG A 21 -0.12 4.91 -11.77
C ARG A 21 -0.05 5.54 -10.38
N ASP A 22 0.92 6.42 -10.17
CA ASP A 22 1.09 7.08 -8.89
C ASP A 22 -0.22 7.73 -8.44
N SER A 23 -0.85 8.46 -9.35
CA SER A 23 -2.10 9.13 -9.05
C SER A 23 -3.11 8.17 -8.42
N TYR A 24 -3.02 6.90 -8.82
CA TYR A 24 -3.92 5.88 -8.30
C TYR A 24 -3.66 5.63 -6.81
N CYS A 25 -2.43 5.24 -6.50
CA CYS A 25 -2.05 4.96 -5.12
C CYS A 25 -2.17 6.21 -4.25
N ASN A 26 -1.88 7.36 -4.86
CA ASN A 26 -1.95 8.64 -4.15
C ASN A 26 -3.33 8.84 -3.54
N ASP A 27 -4.36 8.80 -4.37
CA ASP A 27 -5.74 8.97 -3.91
C ASP A 27 -6.23 7.72 -3.18
N LEU A 28 -5.82 6.56 -3.68
CA LEU A 28 -6.22 5.29 -3.08
C LEU A 28 -5.83 5.24 -1.61
N CYS A 29 -4.71 5.87 -1.28
CA CYS A 29 -4.22 5.89 0.10
C CYS A 29 -5.09 6.79 0.98
N ILE A 30 -5.55 7.90 0.40
CA ILE A 30 -6.39 8.84 1.12
C ILE A 30 -7.67 8.17 1.61
N LYS A 31 -8.22 7.29 0.78
CA LYS A 31 -9.44 6.56 1.13
C LYS A 31 -9.22 5.67 2.34
N HIS A 32 -8.07 5.00 2.38
CA HIS A 32 -7.73 4.11 3.49
C HIS A 32 -7.49 4.91 4.77
N GLY A 33 -7.01 6.14 4.61
CA GLY A 33 -6.74 6.98 5.76
C GLY A 33 -5.28 7.37 5.87
N ALA A 34 -4.63 7.51 4.72
CA ALA A 34 -3.21 7.88 4.69
C ALA A 34 -3.03 9.29 4.13
N GLU A 35 -1.90 9.90 4.44
CA GLU A 35 -1.59 11.24 3.98
C GLU A 35 -1.54 11.29 2.45
N SER A 36 -0.81 10.35 1.86
CA SER A 36 -0.67 10.29 0.41
C SER A 36 -0.21 8.90 -0.03
N GLY A 37 0.11 8.77 -1.31
CA GLY A 37 0.57 7.50 -1.85
C GLY A 37 1.34 7.65 -3.14
N GLU A 38 2.30 6.76 -3.36
CA GLU A 38 3.11 6.80 -4.58
C GLU A 38 3.54 5.40 -4.99
N CYS A 39 3.49 5.13 -6.29
CA CYS A 39 3.88 3.82 -6.81
C CYS A 39 5.38 3.65 -6.79
N LYS A 40 5.83 2.41 -6.58
CA LYS A 40 7.26 2.12 -6.54
C LYS A 40 7.54 0.71 -7.04
N TRP A 41 8.35 0.59 -8.08
CA TRP A 41 8.68 -0.71 -8.65
C TRP A 41 9.80 -1.38 -7.86
N PHE A 42 9.42 -2.15 -6.84
CA PHE A 42 10.39 -2.85 -6.01
C PHE A 42 10.73 -4.21 -6.60
N THR A 43 9.74 -4.86 -7.19
CA THR A 43 9.93 -6.17 -7.78
C THR A 43 9.37 -6.22 -9.20
N SER A 44 9.59 -7.34 -9.88
CA SER A 44 9.10 -7.51 -11.24
C SER A 44 7.69 -8.09 -11.24
N SER A 45 6.97 -7.87 -10.15
CA SER A 45 5.61 -8.37 -10.03
C SER A 45 4.59 -7.25 -10.18
N GLY A 46 5.06 -6.10 -10.68
CA GLY A 46 4.18 -4.96 -10.87
C GLY A 46 4.46 -3.85 -9.88
N ASN A 47 4.09 -2.62 -10.24
CA ASN A 47 4.31 -1.47 -9.37
C ASN A 47 3.43 -1.56 -8.13
N ALA A 48 4.05 -1.52 -6.96
CA ALA A 48 3.33 -1.59 -5.70
C ALA A 48 2.90 -0.20 -5.24
N CYS A 49 1.96 -0.16 -4.31
CA CYS A 49 1.46 1.10 -3.77
C CYS A 49 2.07 1.39 -2.40
N TRP A 50 2.76 2.53 -2.30
CA TRP A 50 3.39 2.91 -1.04
C TRP A 50 2.58 4.00 -0.34
N CYS A 51 2.06 3.69 0.84
CA CYS A 51 1.27 4.64 1.61
C CYS A 51 2.10 5.26 2.73
N VAL A 52 1.82 6.51 3.04
CA VAL A 52 2.54 7.22 4.11
C VAL A 52 1.74 7.22 5.41
N LYS A 53 2.44 7.15 6.53
CA LYS A 53 1.80 7.14 7.84
C LYS A 53 0.53 6.30 7.82
N LEU A 54 0.59 5.14 7.15
CA LEU A 54 -0.55 4.25 7.05
C LEU A 54 -0.92 3.68 8.43
N PRO A 55 -2.22 3.74 8.76
CA PRO A 55 -2.73 3.23 10.04
C PRO A 55 -2.67 1.71 10.12
N LYS A 56 -2.37 1.21 11.31
CA LYS A 56 -2.28 -0.23 11.53
C LYS A 56 -3.57 -0.93 11.10
N SER A 57 -4.69 -0.22 11.22
CA SER A 57 -5.98 -0.76 10.84
C SER A 57 -5.95 -1.33 9.43
N GLU A 58 -5.20 -0.67 8.55
CA GLU A 58 -5.07 -1.10 7.17
C GLU A 58 -4.10 -2.28 7.04
N PRO A 59 -4.29 -3.10 6.01
CA PRO A 59 -3.44 -4.26 5.76
C PRO A 59 -2.04 -3.87 5.31
N ILE A 60 -1.12 -4.83 5.36
CA ILE A 60 0.26 -4.59 4.96
C ILE A 60 0.90 -5.84 4.38
N LYS A 61 1.92 -5.66 3.55
CA LYS A 61 2.62 -6.78 2.92
C LYS A 61 3.06 -7.79 3.97
N VAL A 62 2.62 -9.03 3.80
CA VAL A 62 2.98 -10.10 4.73
C VAL A 62 3.69 -11.25 4.02
N PRO A 63 4.47 -12.02 4.78
CA PRO A 63 5.22 -13.16 4.24
C PRO A 63 4.30 -14.32 3.83
N GLY A 64 4.60 -14.92 2.68
CA GLY A 64 3.80 -16.02 2.19
C GLY A 64 3.97 -16.26 0.70
N LYS A 65 2.90 -16.07 -0.05
CA LYS A 65 2.94 -16.27 -1.49
C LYS A 65 1.85 -15.46 -2.19
N CYS A 66 2.26 -14.51 -3.01
CA CYS A 66 1.31 -13.67 -3.74
C CYS A 66 0.69 -14.42 -4.92
N HIS A 67 -0.63 -14.55 -4.90
CA HIS A 67 -1.35 -15.26 -5.97
C HIS A 67 -2.41 -14.35 -6.58
#